data_6XN4
#
_entry.id   6XN4
#
_cell.length_a   1.00
_cell.length_b   1.00
_cell.length_c   1.00
_cell.angle_alpha   90.00
_cell.angle_beta   90.00
_cell.angle_gamma   90.00
#
_symmetry.space_group_name_H-M   'P 1'
#
loop_
_entity.id
_entity.type
_entity.pdbx_description
1 polymer 'CRISPR-associated protein Csm4'
2 polymer 'CRISPR-associated protein Csm3'
3 polymer 'Crispr RNA'
4 polymer 'CRISPR-associated protein Csm2'
5 polymer 'target RNA'
6 polymer 'CRISPR-associated protein Cas10'
7 polymer 'CRISPR-associated protein Csm5'
#
loop_
_entity_poly.entity_id
_entity_poly.type
_entity_poly.pdbx_seq_one_letter_code
_entity_poly.pdbx_strand_id
1 'polypeptide(L)'
;MKIIKLYFESPVHFGEKRLSESKITFSADTLFSALMIEAVGLGKEDEFYQLASNNLVKFSDAFPFIDQYYYIPKPMFNLK
LEKEDENPSKAFKKLLYVPIDSLEDYLSGGLDAYFERESFNLGKLALSEKVQQHDFKDSEPYNVGTFTFKENTGLYVLIE
QTHPLLEELLENLQYSGIGGKRNSGYGKFKFEILEDSDIEDLFSAKGNRKILLSGALPKDAELEQALKNASYLLERRGGF
VQSDTYATNLVKKQDLYVFKSGSTFENSFDGDIYQVGKKGNHPVYKYAKSFFLEVS
;
B
2 'polypeptide(L)'
;MKLVIEGTIVLKTGMHIGGSSDFSAIGAVASPVVRDTLTRLPLIPGSSLKGKMRYLLAKELNNGILLNEPNNDQDEILRL
FGSSEKDKIRRARLKFNDIKLSNLAELETFNVSSTEVKFENTINRKTAVANPRQIERVIAGSKFDFEIFYNLDDIKEVEK
DFENIKQGFDLLEFDYLGGHGTRGSGRIAFENLSVITAVGNFEKINTLNEILGA
;
F,H,G
3 'polyribonucleotide' ACGAGAACAUACGUUCUUUGAACCAAGCUUCAACU R
4 'polypeptide(L)'
;TELKIGNEKVNSTNFGDFAEKAIRGINHKPFVNSKGGEQKITTSKIRGILELVNKVYNRVINTNDVELSENILADIAYIK
VKIAYESGREPVVKDFIQRTAFTAAITDVMNQRTRESFLLFARYVESLIAYFKFYGGKD
;
C,D
5 'polyribonucleotide' GUUGAAGCUUGGUUCAAAGAACGUAUCAAG T
6 'polypeptide(L)'
;MDKINLVCGSLLHNIGKIIYRGTSERAKHSKLGGDFIKSFEQFRNTELTDCIRYHHAQEITSVKSNKEKNSLFYITYIAD
NISSGMDRRKDLEEGAEGFNWDKKVALGSVFNVLNEKEKGRQNYSYPFVARTRIKEEPLNFPTATQNQYTTSYYDGLITD
MKTILQRLKPDKEHINSLLQMMESLWSYVPSSTDKNQLVDISLYDHSRTTAAIASAIYDYFQAENITDYQKELFDYNATE
FYDKNAFLMMNFDMSGVQNFIYNISGSKALKSLRARSFYLDMLLEYISDNLLEKLELSRANILYVGGGHAYLLLANTNKT
KAILSDFEHDLKTWFLDKFKIDLYVAMAYTEVSANDLMNHNGHYRDIYRRLSQKTSAKKANRYTAEEILNLNHQGTENAR
ECRECKRSDLLIEEDDICEICDSLQKVSRDLTRENIFVIANEGVLDMPFGKKMSALSYSQADKLKKSNAEVQIYAKNISE
IGQNLMTRIDMGDYTYRSDFHEMLEEVEVGINRLGVLRADVDNLGQAFINGIPDDYLSISRTATFSRAMSRFFKNYLNQL
LAEKSYKINVIYAGGDDLFMIGAWQDILDFSIVLKQKFADFTQNKLSISAGIGMFREKYPVARMASLTGDLEDAAKDYKP
DERAVQATKNAVTLFDATNVFSWDTLENDIFVKLDAITKNFEKLDETGKAFIYRLIDLLRGVNENQQINIARLAYTLSRM
EEKIGKTFAQELYNWANADRKTLIMALEIYILKTRE
;
A
7 'polypeptide(L)'
;MKKTYRVTLTALGPIFIGGGEKLKKYEYIFDKQKKVAHMIDHTKFTKYLLEKNLLDDFTSRVNSHFDLYDYLVNKKGIVF
MPLVKYSVPVAQFRTEVKNRFGKPISSPPMNDLNTFVKDAFGRPYIPGSSLKGALRTAILNDLKEDTKENEVFAHLQVSD
SETIDLENLKVYQKVDYSKTAKPLPLYRECLKPNTEITFTVSFDDEYLTLKKIQNALHKTYQHYYIKWLKGGKVGETLIK
GVYDSHADELKKNTFALDQPSQNQGEIIYIGGGAGFVSKTLHYKSKNRDQARNDSFDILKQLFRTTYSKMRSVPDNVPVA
LKLAVETKTFNGRVTGKHYLEMGKARIKLEEL
;
J
#
# COMPACT_ATOMS: atom_id res chain seq x y z
N MET A 1 -30.18 37.80 -27.59
CA MET A 1 -29.22 37.81 -26.49
C MET A 1 -28.41 36.53 -26.68
N LYS A 2 -27.13 36.56 -26.29
CA LYS A 2 -26.17 35.57 -26.76
C LYS A 2 -25.54 34.82 -25.60
N ILE A 3 -25.00 33.64 -25.90
CA ILE A 3 -24.33 32.78 -24.93
C ILE A 3 -22.90 32.63 -25.38
N ILE A 4 -21.96 32.57 -24.44
CA ILE A 4 -20.58 32.21 -24.71
C ILE A 4 -20.23 31.06 -23.77
N LYS A 5 -20.38 29.83 -24.24
CA LYS A 5 -20.01 28.68 -23.44
C LYS A 5 -18.50 28.55 -23.39
N LEU A 6 -17.99 28.14 -22.23
CA LEU A 6 -16.56 28.02 -22.01
C LEU A 6 -16.24 26.63 -21.48
N TYR A 7 -15.72 25.78 -22.35
CA TYR A 7 -15.35 24.42 -22.00
C TYR A 7 -13.87 24.41 -21.64
N PHE A 8 -13.56 23.97 -20.43
CA PHE A 8 -12.21 24.08 -19.90
C PHE A 8 -11.46 22.76 -20.06
N GLU A 9 -10.23 22.84 -20.55
CA GLU A 9 -9.39 21.67 -20.66
C GLU A 9 -8.66 21.33 -19.37
N SER A 10 -8.74 22.18 -18.36
CA SER A 10 -7.79 22.09 -17.27
C SER A 10 -8.46 22.55 -15.98
N PRO A 11 -7.84 22.27 -14.83
CA PRO A 11 -8.31 22.89 -13.59
C PRO A 11 -8.14 24.39 -13.65
N VAL A 12 -9.04 25.09 -12.96
CA VAL A 12 -9.10 26.54 -12.98
C VAL A 12 -8.82 27.05 -11.58
N HIS A 13 -8.60 28.36 -11.47
CA HIS A 13 -8.40 28.98 -10.16
C HIS A 13 -9.01 30.37 -10.16
N PHE A 14 -10.16 30.50 -9.51
CA PHE A 14 -10.83 31.78 -9.28
C PHE A 14 -10.86 31.99 -7.78
N GLY A 15 -10.06 32.90 -7.28
CA GLY A 15 -10.04 33.15 -5.85
C GLY A 15 -10.99 34.26 -5.44
N GLU A 16 -11.42 34.20 -4.18
CA GLU A 16 -12.03 35.36 -3.53
C GLU A 16 -10.96 36.31 -3.03
N LYS A 17 -10.13 35.84 -2.15
CA LYS A 17 -9.19 36.66 -1.42
C LYS A 17 -7.77 36.14 -1.49
N ARG A 18 -7.58 34.82 -1.44
CA ARG A 18 -6.24 34.27 -1.37
C ARG A 18 -6.02 33.19 -2.42
N LEU A 19 -4.84 32.57 -2.40
CA LEU A 19 -4.47 31.59 -3.40
C LEU A 19 -4.98 30.18 -3.10
N SER A 20 -4.99 29.77 -1.85
CA SER A 20 -5.33 28.39 -1.53
C SER A 20 -6.80 28.05 -1.70
N GLU A 21 -7.65 29.04 -1.92
CA GLU A 21 -9.07 28.81 -2.16
C GLU A 21 -9.31 28.69 -3.65
N SER A 22 -10.55 28.35 -4.00
CA SER A 22 -11.05 28.58 -5.34
C SER A 22 -12.56 28.65 -5.28
N LYS A 23 -13.15 29.18 -6.34
CA LYS A 23 -14.59 29.05 -6.53
C LYS A 23 -14.83 28.51 -7.94
N ILE A 24 -16.10 28.40 -8.28
CA ILE A 24 -16.51 27.67 -9.47
C ILE A 24 -17.03 28.61 -10.56
N THR A 25 -16.83 29.91 -10.39
CA THR A 25 -17.26 30.89 -11.37
C THR A 25 -16.33 32.10 -11.28
N PHE A 26 -16.44 32.99 -12.24
CA PHE A 26 -15.69 34.23 -12.21
C PHE A 26 -16.62 35.37 -12.59
N SER A 27 -16.47 36.50 -11.94
CA SER A 27 -17.48 37.53 -12.09
C SER A 27 -17.26 38.33 -13.37
N ALA A 28 -18.17 39.27 -13.61
CA ALA A 28 -18.19 40.01 -14.86
C ALA A 28 -17.01 40.96 -14.97
N ASP A 29 -16.61 41.58 -13.85
CA ASP A 29 -15.49 42.50 -13.88
C ASP A 29 -14.19 41.76 -14.14
N THR A 30 -14.12 40.51 -13.71
CA THR A 30 -12.96 39.68 -14.03
C THR A 30 -12.87 39.45 -15.53
N LEU A 31 -14.00 39.15 -16.17
CA LEU A 31 -14.01 38.94 -17.61
C LEU A 31 -13.70 40.21 -18.37
N PHE A 32 -14.26 41.35 -17.94
CA PHE A 32 -14.00 42.61 -18.59
C PHE A 32 -12.56 43.04 -18.44
N SER A 33 -12.01 42.87 -17.24
CA SER A 33 -10.63 43.21 -16.98
C SER A 33 -9.71 42.37 -17.84
N ALA A 34 -10.01 41.07 -17.95
CA ALA A 34 -9.21 40.19 -18.78
C ALA A 34 -9.27 40.58 -20.25
N LEU A 35 -10.48 40.90 -20.74
CA LEU A 35 -10.63 41.23 -22.15
C LEU A 35 -9.95 42.54 -22.51
N MET A 36 -9.98 43.52 -21.61
CA MET A 36 -9.31 44.73 -22.05
C MET A 36 -7.82 44.71 -21.72
N ILE A 37 -7.36 43.80 -20.86
CA ILE A 37 -5.93 43.48 -20.86
C ILE A 37 -5.51 42.88 -22.19
N GLU A 38 -6.37 42.07 -22.79
CA GLU A 38 -6.05 41.58 -24.13
C GLU A 38 -6.12 42.69 -25.18
N ALA A 39 -6.99 43.67 -24.98
CA ALA A 39 -7.05 44.80 -25.91
C ALA A 39 -5.83 45.71 -25.76
N VAL A 40 -5.28 45.80 -24.55
CA VAL A 40 -3.94 46.32 -24.36
C VAL A 40 -2.97 45.52 -25.20
N GLY A 41 -3.16 44.20 -25.20
CA GLY A 41 -2.30 43.33 -25.99
C GLY A 41 -2.35 43.62 -27.48
N LEU A 42 -3.49 44.07 -27.99
CA LEU A 42 -3.57 44.39 -29.40
C LEU A 42 -3.97 45.84 -29.71
N GLY A 43 -3.88 46.74 -28.74
CA GLY A 43 -3.95 48.16 -29.05
C GLY A 43 -5.31 48.72 -29.38
N LYS A 44 -6.37 48.13 -28.85
CA LYS A 44 -7.74 48.59 -29.07
C LYS A 44 -8.40 48.81 -27.72
N GLU A 45 -7.68 49.49 -26.82
CA GLU A 45 -8.12 49.68 -25.45
C GLU A 45 -9.29 50.62 -25.37
N ASP A 46 -9.06 51.86 -25.81
CA ASP A 46 -10.02 52.95 -25.62
C ASP A 46 -11.30 52.69 -26.38
N GLU A 47 -11.20 52.06 -27.54
CA GLU A 47 -12.39 51.75 -28.32
C GLU A 47 -13.21 50.70 -27.60
N PHE A 48 -12.54 49.74 -26.96
CA PHE A 48 -13.23 48.73 -26.18
C PHE A 48 -13.89 49.33 -24.95
N TYR A 49 -13.19 50.24 -24.27
CA TYR A 49 -13.76 50.85 -23.07
C TYR A 49 -14.91 51.77 -23.41
N GLN A 50 -14.86 52.39 -24.58
CA GLN A 50 -15.99 53.20 -25.02
C GLN A 50 -17.14 52.32 -25.46
N LEU A 51 -16.83 51.15 -26.02
CA LEU A 51 -17.87 50.22 -26.42
C LEU A 51 -18.57 49.63 -25.21
N ALA A 52 -17.85 49.50 -24.09
CA ALA A 52 -18.49 49.07 -22.86
C ALA A 52 -19.05 50.26 -22.07
N SER A 53 -18.61 51.47 -22.40
CA SER A 53 -19.16 52.66 -21.78
C SER A 53 -20.51 52.99 -22.39
N ASN A 54 -20.66 52.76 -23.68
CA ASN A 54 -21.88 53.04 -24.40
C ASN A 54 -22.83 51.87 -24.42
N ASN A 55 -22.49 50.82 -23.66
CA ASN A 55 -23.40 49.73 -23.30
C ASN A 55 -23.79 48.90 -24.53
N LEU A 56 -22.81 48.65 -25.38
CA LEU A 56 -22.99 47.69 -26.46
C LEU A 56 -22.43 46.32 -26.13
N VAL A 57 -21.54 46.22 -25.15
CA VAL A 57 -21.02 44.94 -24.71
C VAL A 57 -21.26 44.77 -23.21
N LYS A 58 -22.41 45.22 -22.73
CA LYS A 58 -22.88 44.77 -21.42
C LYS A 58 -22.97 43.26 -21.37
N PHE A 59 -22.45 42.63 -20.31
CA PHE A 59 -22.55 41.19 -20.19
C PHE A 59 -22.73 40.74 -18.75
N SER A 60 -23.10 39.46 -18.63
CA SER A 60 -23.40 38.80 -17.37
C SER A 60 -22.12 38.44 -16.63
N ASP A 61 -22.24 37.68 -15.55
CA ASP A 61 -21.09 36.97 -15.04
C ASP A 61 -21.27 35.48 -15.28
N ALA A 62 -20.18 34.74 -15.12
CA ALA A 62 -20.17 33.35 -15.53
C ALA A 62 -20.96 32.50 -14.58
N PHE A 63 -21.66 31.52 -15.11
CA PHE A 63 -22.55 30.68 -14.33
C PHE A 63 -22.24 29.23 -14.62
N PRO A 64 -22.46 28.35 -13.64
CA PRO A 64 -22.32 26.91 -13.88
C PRO A 64 -23.33 26.39 -14.88
N PHE A 65 -22.90 25.40 -15.66
CA PHE A 65 -23.83 24.70 -16.53
C PHE A 65 -23.35 23.27 -16.69
N ILE A 66 -24.31 22.36 -16.67
CA ILE A 66 -24.12 20.94 -16.93
C ILE A 66 -24.78 20.70 -18.28
N ASP A 67 -24.74 19.46 -18.74
CA ASP A 67 -25.29 19.08 -20.04
C ASP A 67 -26.74 19.50 -20.29
N GLN A 68 -26.88 20.42 -21.25
CA GLN A 68 -28.06 21.16 -21.69
C GLN A 68 -28.91 21.78 -20.58
N TYR A 69 -28.33 22.01 -19.41
CA TYR A 69 -28.94 22.78 -18.33
C TYR A 69 -28.02 23.91 -17.94
N TYR A 70 -28.54 25.12 -17.87
CA TYR A 70 -27.75 26.29 -17.48
C TYR A 70 -28.30 26.76 -16.15
N TYR A 71 -27.42 27.05 -15.20
CA TYR A 71 -27.87 27.35 -13.86
C TYR A 71 -27.59 28.80 -13.50
N ILE A 72 -28.25 29.25 -12.44
CA ILE A 72 -27.97 30.52 -11.77
C ILE A 72 -27.96 30.27 -10.28
N PRO A 73 -27.32 31.15 -9.51
CA PRO A 73 -27.49 31.08 -8.06
C PRO A 73 -28.93 31.30 -7.66
N LYS A 74 -29.31 30.69 -6.54
CA LYS A 74 -30.67 30.76 -6.04
C LYS A 74 -31.02 32.21 -5.74
N PRO A 75 -32.08 32.74 -6.33
CA PRO A 75 -32.38 34.16 -6.16
C PRO A 75 -32.85 34.41 -4.74
N MET A 76 -32.26 35.40 -4.10
CA MET A 76 -32.59 35.72 -2.72
C MET A 76 -33.98 36.34 -2.70
N PHE A 77 -34.98 35.47 -2.67
CA PHE A 77 -36.36 35.91 -2.54
C PHE A 77 -36.68 36.14 -1.07
N ASN A 78 -37.28 37.31 -0.81
CA ASN A 78 -37.58 37.73 0.55
C ASN A 78 -38.99 37.34 0.99
N LEU A 79 -39.44 36.17 0.53
CA LEU A 79 -40.78 35.66 0.83
C LEU A 79 -40.84 35.09 2.24
N LYS A 80 -41.91 34.35 2.53
CA LYS A 80 -42.08 33.71 3.83
C LYS A 80 -41.01 32.64 4.06
N LEU A 81 -40.57 32.00 2.98
CA LEU A 81 -39.56 30.96 3.07
CA LEU A 81 -39.56 30.96 3.07
C LEU A 81 -38.17 31.53 2.79
N PHE A 92 -32.51 22.76 1.48
CA PHE A 92 -32.57 23.90 0.59
C PHE A 92 -31.51 24.94 0.96
N LYS A 93 -31.12 24.96 2.23
CA LYS A 93 -30.05 25.85 2.66
C LYS A 93 -28.68 25.37 2.18
N LYS A 94 -28.57 24.07 1.90
CA LYS A 94 -27.37 23.52 1.28
C LYS A 94 -27.41 23.58 -0.23
N LEU A 95 -28.50 24.07 -0.80
CA LEU A 95 -28.59 24.24 -2.24
C LEU A 95 -27.89 25.52 -2.66
N LEU A 96 -27.32 25.51 -3.87
CA LEU A 96 -26.69 26.72 -4.38
C LEU A 96 -27.34 27.20 -5.67
N TYR A 97 -27.53 26.31 -6.64
CA TYR A 97 -27.98 26.71 -7.97
C TYR A 97 -29.28 26.04 -8.37
N VAL A 98 -30.07 26.78 -9.15
CA VAL A 98 -31.30 26.28 -9.76
C VAL A 98 -31.29 26.66 -11.24
N PRO A 99 -31.92 25.83 -12.08
CA PRO A 99 -31.92 26.13 -13.51
C PRO A 99 -32.72 27.39 -13.84
N ILE A 100 -32.29 28.06 -14.90
CA ILE A 100 -32.84 29.35 -15.27
C ILE A 100 -34.23 29.23 -15.88
N ASP A 101 -34.58 28.03 -16.35
CA ASP A 101 -35.89 27.74 -16.88
C ASP A 101 -36.76 27.01 -15.87
N SER A 102 -36.32 26.96 -14.61
CA SER A 102 -37.00 26.19 -13.57
C SER A 102 -37.16 26.99 -12.30
N LEU A 103 -37.08 28.31 -12.36
CA LEU A 103 -37.07 29.09 -11.13
C LEU A 103 -38.47 29.27 -10.56
N GLU A 104 -39.46 29.44 -11.43
CA GLU A 104 -40.80 29.82 -10.98
C GLU A 104 -41.53 28.69 -10.27
N ASP A 105 -41.11 27.45 -10.48
CA ASP A 105 -41.68 26.34 -9.73
C ASP A 105 -41.18 26.34 -8.30
N TYR A 106 -40.00 26.91 -8.07
CA TYR A 106 -39.51 27.12 -6.72
C TYR A 106 -40.21 28.29 -6.04
N LEU A 107 -40.91 29.12 -6.80
CA LEU A 107 -41.84 30.08 -6.23
C LEU A 107 -43.15 29.39 -5.93
N SER A 119 -28.86 16.08 -8.18
CA SER A 119 -29.04 16.51 -9.56
C SER A 119 -28.25 17.78 -9.84
N PHE A 120 -27.10 17.90 -9.19
CA PHE A 120 -26.21 19.05 -9.39
C PHE A 120 -24.80 18.59 -9.06
N ASN A 121 -23.97 18.45 -10.09
CA ASN A 121 -22.58 18.06 -9.90
C ASN A 121 -21.77 18.73 -10.99
N LEU A 122 -20.99 19.74 -10.62
CA LEU A 122 -20.18 20.43 -11.59
C LEU A 122 -18.79 19.85 -11.65
N GLY A 123 -18.19 19.61 -10.48
CA GLY A 123 -16.89 18.99 -10.41
C GLY A 123 -16.38 18.88 -8.99
N LYS A 124 -15.07 18.87 -8.81
CA LYS A 124 -14.51 18.75 -7.47
C LYS A 124 -13.36 19.73 -7.33
N LEU A 125 -13.34 20.42 -6.20
CA LEU A 125 -12.25 21.31 -5.90
C LEU A 125 -11.03 20.50 -5.50
N ALA A 126 -9.86 21.12 -5.62
CA ALA A 126 -8.63 20.47 -5.24
C ALA A 126 -7.58 21.50 -4.83
N LEU A 127 -6.57 21.03 -4.13
CA LEU A 127 -5.39 21.80 -3.74
C LEU A 127 -4.17 21.13 -4.31
N SER A 128 -3.86 21.44 -5.56
CA SER A 128 -2.59 21.01 -6.13
C SER A 128 -1.50 21.81 -5.49
N GLU A 129 -0.49 21.14 -4.95
CA GLU A 129 0.40 21.75 -3.99
C GLU A 129 1.84 21.72 -4.50
N LYS A 130 2.50 22.87 -4.48
CA LYS A 130 3.65 23.16 -5.33
C LYS A 130 4.84 23.52 -4.46
N VAL A 131 5.99 23.81 -5.08
CA VAL A 131 7.13 24.33 -4.34
C VAL A 131 7.78 25.39 -5.22
N GLN A 132 8.61 26.25 -4.63
CA GLN A 132 9.64 26.99 -5.33
C GLN A 132 10.97 26.39 -4.98
N GLN A 133 11.73 25.97 -5.98
CA GLN A 133 13.04 25.43 -5.70
C GLN A 133 14.00 26.56 -5.39
N HIS A 134 14.97 26.28 -4.53
CA HIS A 134 16.11 27.17 -4.29
C HIS A 134 17.37 26.34 -4.44
N ASP A 135 18.46 26.99 -4.84
CA ASP A 135 19.70 26.26 -5.04
C ASP A 135 20.37 25.91 -3.71
N PHE A 136 20.65 26.91 -2.88
CA PHE A 136 21.32 26.72 -1.60
C PHE A 136 20.40 27.00 -0.43
N LYS A 137 19.44 27.89 -0.62
CA LYS A 137 18.39 28.10 0.36
C LYS A 137 17.44 26.90 0.35
N ASP A 138 16.58 26.86 1.35
CA ASP A 138 15.58 25.81 1.41
C ASP A 138 14.52 26.01 0.34
N SER A 139 13.89 24.90 -0.05
CA SER A 139 12.84 24.96 -1.05
C SER A 139 11.57 25.51 -0.44
N GLU A 140 10.86 26.33 -1.18
CA GLU A 140 9.75 27.10 -0.62
C GLU A 140 8.42 26.53 -1.07
N PRO A 141 7.67 25.86 -0.22
CA PRO A 141 6.42 25.22 -0.66
C PRO A 141 5.23 26.15 -0.59
N TYR A 142 4.31 25.96 -1.52
CA TYR A 142 3.10 26.76 -1.54
C TYR A 142 2.01 25.98 -2.25
N ASN A 143 0.77 26.18 -1.81
CA ASN A 143 -0.38 25.44 -2.30
C ASN A 143 -1.33 26.34 -3.07
N VAL A 144 -1.89 25.81 -4.15
CA VAL A 144 -2.78 26.56 -5.01
C VAL A 144 -4.12 25.85 -5.06
N GLY A 145 -5.16 26.53 -4.61
CA GLY A 145 -6.50 26.01 -4.70
C GLY A 145 -6.97 25.94 -6.13
N THR A 146 -7.74 24.92 -6.44
CA THR A 146 -8.27 24.83 -7.78
C THR A 146 -9.60 24.11 -7.79
N PHE A 147 -10.25 24.17 -8.94
CA PHE A 147 -11.49 23.46 -9.21
C PHE A 147 -11.40 22.84 -10.58
N THR A 148 -11.95 21.64 -10.73
CA THR A 148 -11.92 20.92 -12.00
C THR A 148 -13.36 20.73 -12.50
N PHE A 149 -13.64 21.19 -13.70
CA PHE A 149 -14.90 20.88 -14.35
C PHE A 149 -14.87 19.46 -14.90
N LYS A 150 -15.93 18.70 -14.67
CA LYS A 150 -15.98 17.36 -15.23
C LYS A 150 -16.43 17.46 -16.69
N GLU A 151 -16.69 16.31 -17.31
CA GLU A 151 -16.66 16.12 -18.76
C GLU A 151 -17.64 16.97 -19.57
N ASN A 152 -18.93 16.79 -19.37
CA ASN A 152 -19.91 17.55 -20.15
C ASN A 152 -20.41 18.74 -19.35
N THR A 153 -19.48 19.54 -18.86
CA THR A 153 -19.80 20.67 -17.99
C THR A 153 -18.98 21.88 -18.41
N GLY A 154 -18.94 22.88 -17.54
CA GLY A 154 -18.16 24.07 -17.79
C GLY A 154 -18.74 25.33 -17.19
N LEU A 155 -18.63 26.44 -17.92
CA LEU A 155 -19.24 27.70 -17.56
C LEU A 155 -19.77 28.36 -18.81
N TYR A 156 -20.57 29.39 -18.61
CA TYR A 156 -21.01 30.22 -19.72
C TYR A 156 -21.29 31.60 -19.20
N VAL A 157 -21.26 32.58 -20.09
CA VAL A 157 -21.68 33.93 -19.76
C VAL A 157 -22.80 34.29 -20.71
N LEU A 158 -23.37 35.49 -20.53
CA LEU A 158 -24.38 36.04 -21.41
C LEU A 158 -24.04 37.48 -21.74
N ILE A 159 -23.98 37.80 -23.03
CA ILE A 159 -23.72 39.17 -23.46
C ILE A 159 -24.99 39.72 -24.10
N GLU A 160 -24.92 40.97 -24.52
CA GLU A 160 -26.00 41.61 -25.24
C GLU A 160 -25.42 42.30 -26.47
N GLN A 161 -26.16 42.21 -27.60
CA GLN A 161 -25.84 42.80 -28.91
C GLN A 161 -24.39 42.58 -29.34
N THR A 162 -24.09 41.32 -29.69
CA THR A 162 -22.73 40.82 -29.93
C THR A 162 -21.93 41.67 -30.90
N HIS A 163 -20.63 41.71 -30.66
CA HIS A 163 -19.76 42.63 -31.35
C HIS A 163 -18.61 41.86 -31.99
N PRO A 164 -18.21 42.20 -33.21
CA PRO A 164 -17.05 41.54 -33.81
C PRO A 164 -15.75 41.78 -33.07
N LEU A 165 -15.58 42.94 -32.44
CA LEU A 165 -14.35 43.17 -31.69
C LEU A 165 -14.31 42.31 -30.43
N LEU A 166 -15.47 42.05 -29.84
CA LEU A 166 -15.51 41.14 -28.71
C LEU A 166 -15.13 39.73 -29.14
N GLU A 167 -15.56 39.32 -30.34
CA GLU A 167 -15.13 38.04 -30.91
C GLU A 167 -13.64 38.03 -31.19
N GLU A 168 -13.09 39.18 -31.57
CA GLU A 168 -11.66 39.26 -31.84
C GLU A 168 -10.84 39.21 -30.55
N LEU A 169 -11.39 39.75 -29.47
CA LEU A 169 -10.67 39.73 -28.20
C LEU A 169 -10.85 38.46 -27.42
N LEU A 170 -11.95 37.73 -27.63
CA LEU A 170 -12.15 36.51 -26.87
C LEU A 170 -11.20 35.42 -27.33
N GLU A 171 -10.90 35.38 -28.64
CA GLU A 171 -10.02 34.35 -29.13
C GLU A 171 -8.58 34.60 -28.71
N ASN A 172 -8.23 35.83 -28.33
CA ASN A 172 -6.92 36.09 -27.74
C ASN A 172 -6.88 35.77 -26.25
N LEU A 173 -8.03 35.51 -25.63
CA LEU A 173 -8.06 35.24 -24.21
C LEU A 173 -8.03 33.75 -23.94
N GLN A 174 -8.55 32.94 -24.86
CA GLN A 174 -8.50 31.49 -24.67
C GLN A 174 -7.08 30.96 -24.87
N TYR A 175 -6.21 31.75 -25.46
CA TYR A 175 -4.81 31.37 -25.55
C TYR A 175 -3.91 32.16 -24.61
N SER A 176 -4.46 32.88 -23.64
CA SER A 176 -3.63 33.48 -22.59
C SER A 176 -4.19 33.28 -21.19
N GLY A 177 -5.33 32.64 -21.05
CA GLY A 177 -5.70 32.18 -19.73
C GLY A 177 -6.56 33.11 -18.91
N ILE A 178 -7.84 32.78 -18.81
CA ILE A 178 -8.73 33.29 -17.79
C ILE A 178 -8.38 32.54 -16.52
N GLY A 179 -8.83 33.02 -15.38
CA GLY A 179 -8.47 32.33 -14.18
C GLY A 179 -7.55 33.20 -13.37
N GLY A 180 -7.08 32.65 -12.27
CA GLY A 180 -6.11 33.43 -11.54
C GLY A 180 -4.71 33.22 -12.03
N LYS A 181 -4.20 32.00 -11.88
CA LYS A 181 -2.76 31.80 -11.91
C LYS A 181 -2.30 31.54 -13.33
N ARG A 182 -1.62 32.51 -13.90
CA ARG A 182 -0.95 32.38 -15.17
C ARG A 182 0.54 32.64 -14.95
N ASN A 183 1.42 32.12 -15.82
CA ASN A 183 1.15 31.16 -16.88
C ASN A 183 1.46 29.73 -16.47
N SER A 184 0.97 29.31 -15.31
CA SER A 184 1.46 28.04 -14.77
C SER A 184 0.41 27.36 -13.93
N GLY A 185 -0.43 26.53 -14.53
CA GLY A 185 -0.65 26.46 -15.96
C GLY A 185 -2.13 26.25 -16.13
N TYR A 186 -2.90 26.78 -15.19
CA TYR A 186 -4.25 26.28 -14.91
C TYR A 186 -5.37 26.70 -15.85
N GLY A 187 -5.81 27.94 -15.78
CA GLY A 187 -7.05 28.30 -16.41
C GLY A 187 -6.94 28.40 -17.92
N LYS A 188 -7.64 27.53 -18.63
CA LYS A 188 -7.53 27.47 -20.08
C LYS A 188 -8.78 26.82 -20.63
N PHE A 189 -9.25 27.27 -21.79
CA PHE A 189 -10.54 26.86 -22.28
C PHE A 189 -10.60 27.03 -23.78
N LYS A 190 -11.73 26.63 -24.36
CA LYS A 190 -12.00 26.86 -25.78
C LYS A 190 -13.43 27.36 -25.86
N PHE A 191 -13.60 28.61 -26.26
CA PHE A 191 -14.94 29.18 -26.19
C PHE A 191 -15.71 28.85 -27.46
N GLU A 192 -17.03 28.99 -27.34
CA GLU A 192 -17.96 28.70 -28.41
C GLU A 192 -19.20 29.50 -28.12
N ILE A 193 -19.74 30.16 -29.14
CA ILE A 193 -20.93 30.97 -28.93
C ILE A 193 -22.12 30.06 -28.73
N LEU A 194 -22.50 29.33 -29.79
CA LEU A 194 -23.72 28.54 -29.85
C LEU A 194 -24.91 29.39 -29.38
N GLU A 195 -25.26 30.33 -30.25
CA GLU A 195 -26.21 31.40 -29.96
C GLU A 195 -27.54 30.86 -29.44
N ASP A 196 -28.17 31.65 -28.59
CA ASP A 196 -29.36 31.28 -27.85
C ASP A 196 -30.53 30.99 -28.78
N SER A 197 -31.40 30.14 -28.29
CA SER A 197 -32.67 29.83 -28.95
C SER A 197 -33.88 30.19 -28.11
N ASP A 198 -33.92 29.75 -26.85
CA ASP A 198 -35.15 29.75 -26.06
C ASP A 198 -34.88 30.17 -24.64
N ILE A 199 -33.87 31.02 -24.45
CA ILE A 199 -33.57 31.60 -23.14
C ILE A 199 -33.67 33.12 -23.15
N GLU A 200 -33.46 33.78 -24.30
CA GLU A 200 -33.65 35.22 -24.42
C GLU A 200 -35.11 35.63 -24.27
N ASP A 201 -36.05 34.69 -24.43
CA ASP A 201 -37.45 34.99 -24.17
C ASP A 201 -37.69 35.25 -22.70
N LEU A 202 -36.93 34.58 -21.81
CA LEU A 202 -36.98 34.89 -20.39
C LEU A 202 -36.50 36.30 -20.12
N PHE A 203 -35.48 36.73 -20.86
CA PHE A 203 -35.02 38.10 -20.75
C PHE A 203 -36.06 39.07 -21.25
N SER A 204 -36.72 38.73 -22.35
CA SER A 204 -37.80 39.55 -22.85
C SER A 204 -39.08 39.38 -22.06
N ALA A 205 -39.20 38.32 -21.28
CA ALA A 205 -40.34 38.18 -20.38
C ALA A 205 -40.24 39.21 -19.27
N LYS A 206 -41.04 40.25 -19.36
CA LYS A 206 -41.06 41.29 -18.35
C LYS A 206 -41.81 40.78 -17.13
N GLY A 207 -41.27 41.09 -15.96
CA GLY A 207 -41.85 40.56 -14.75
C GLY A 207 -41.93 41.64 -13.69
N ASN A 208 -42.52 41.26 -12.56
CA ASN A 208 -42.74 42.17 -11.45
C ASN A 208 -41.65 42.06 -10.40
N ARG A 209 -40.61 41.28 -10.67
CA ARG A 209 -39.62 41.05 -9.64
C ARG A 209 -38.30 40.77 -10.37
N LYS A 210 -37.32 41.62 -10.16
CA LYS A 210 -36.11 41.62 -10.97
C LYS A 210 -35.00 40.83 -10.28
N ILE A 211 -34.15 40.20 -11.09
CA ILE A 211 -33.02 39.43 -10.60
C ILE A 211 -31.77 39.94 -11.28
N LEU A 212 -30.82 40.44 -10.50
CA LEU A 212 -29.53 40.86 -11.04
C LEU A 212 -28.73 39.64 -11.45
N LEU A 213 -27.86 39.80 -12.45
CA LEU A 213 -27.00 38.71 -12.90
C LEU A 213 -25.60 39.22 -13.22
N SER A 214 -25.08 40.13 -12.40
CA SER A 214 -23.69 40.59 -12.46
C SER A 214 -23.38 41.32 -11.18
N GLY A 215 -22.09 41.51 -10.94
CA GLY A 215 -21.68 42.22 -9.75
C GLY A 215 -21.85 43.71 -9.96
N ALA A 216 -23.07 44.20 -9.85
CA ALA A 216 -23.36 45.57 -10.20
C ALA A 216 -23.16 46.49 -9.00
N LEU A 217 -22.86 47.76 -9.31
CA LEU A 217 -22.92 48.84 -8.34
C LEU A 217 -23.57 50.00 -9.05
N PRO A 218 -24.79 50.37 -8.66
CA PRO A 218 -25.44 51.53 -9.29
C PRO A 218 -24.73 52.81 -8.90
N LYS A 219 -24.93 53.83 -9.73
CA LYS A 219 -24.36 55.13 -9.41
C LYS A 219 -25.10 55.71 -8.21
N ASP A 220 -24.49 56.73 -7.61
CA ASP A 220 -25.00 57.32 -6.38
C ASP A 220 -26.33 58.01 -6.56
N ALA A 221 -26.69 58.37 -7.79
CA ALA A 221 -27.99 58.98 -8.06
C ALA A 221 -29.13 57.99 -7.85
N GLU A 222 -28.98 56.77 -8.35
CA GLU A 222 -30.07 55.80 -8.33
C GLU A 222 -29.90 54.76 -7.24
N LEU A 223 -28.96 54.95 -6.32
CA LEU A 223 -28.67 53.93 -5.34
C LEU A 223 -29.78 53.83 -4.30
N GLU A 224 -30.22 54.98 -3.77
CA GLU A 224 -31.17 54.98 -2.68
C GLU A 224 -32.59 54.64 -3.14
N GLN A 225 -32.89 54.81 -4.42
CA GLN A 225 -34.18 54.38 -4.93
C GLN A 225 -34.21 52.90 -5.25
N ALA A 226 -33.08 52.22 -5.14
CA ALA A 226 -32.92 50.84 -5.56
C ALA A 226 -33.06 49.87 -4.40
N LEU A 227 -33.70 50.29 -3.31
CA LEU A 227 -33.92 49.40 -2.17
C LEU A 227 -35.38 49.39 -1.72
N LYS A 228 -36.33 49.34 -2.65
CA LYS A 228 -37.72 49.26 -2.25
C LYS A 228 -38.08 47.91 -1.68
N ASN A 229 -37.50 46.84 -2.22
CA ASN A 229 -37.71 45.51 -1.65
C ASN A 229 -36.44 44.70 -1.72
N ALA A 230 -35.30 45.39 -1.84
CA ALA A 230 -34.07 44.76 -2.28
C ALA A 230 -33.55 43.76 -1.27
N SER A 231 -33.12 42.62 -1.77
CA SER A 231 -32.68 41.51 -0.96
C SER A 231 -31.26 41.14 -1.34
N TYR A 232 -30.41 42.15 -1.40
CA TYR A 232 -29.09 42.08 -2.00
C TYR A 232 -28.08 41.40 -1.10
N LEU A 233 -26.82 41.53 -1.51
CA LEU A 233 -25.67 41.08 -0.74
C LEU A 233 -24.44 41.82 -1.27
N LEU A 234 -23.85 42.69 -0.47
CA LEU A 234 -22.61 43.31 -0.90
C LEU A 234 -21.46 42.33 -0.89
N GLU A 235 -20.53 42.57 -1.80
CA GLU A 235 -19.42 41.65 -2.02
C GLU A 235 -18.23 42.49 -2.47
N ARG A 236 -17.18 42.50 -1.66
CA ARG A 236 -16.00 43.30 -1.93
C ARG A 236 -15.26 42.76 -3.15
N ARG A 237 -14.86 43.66 -4.04
CA ARG A 237 -14.07 43.30 -5.21
C ARG A 237 -12.90 44.26 -5.37
N GLY A 238 -11.74 43.71 -5.71
CA GLY A 238 -10.58 44.54 -5.97
C GLY A 238 -9.29 43.95 -5.44
N GLY A 239 -8.25 43.91 -6.26
CA GLY A 239 -7.01 43.32 -5.84
C GLY A 239 -5.76 44.10 -6.23
N PHE A 240 -4.73 43.40 -6.66
CA PHE A 240 -3.51 44.06 -7.09
C PHE A 240 -3.63 44.39 -8.56
N VAL A 241 -2.68 45.16 -9.06
CA VAL A 241 -2.77 45.71 -10.40
C VAL A 241 -1.53 45.30 -11.20
N GLN A 242 -1.73 44.59 -12.32
CA GLN A 242 -0.58 44.20 -13.12
C GLN A 242 -0.45 45.07 -14.36
N SER A 243 0.79 45.39 -14.71
CA SER A 243 1.17 45.92 -16.00
C SER A 243 2.67 45.80 -16.17
N ASP A 244 3.17 46.23 -17.32
CA ASP A 244 4.58 46.54 -17.44
C ASP A 244 4.85 47.99 -17.09
N THR A 245 3.81 48.81 -16.89
CA THR A 245 4.04 50.23 -16.71
C THR A 245 3.12 50.87 -15.67
N TYR A 246 2.51 50.07 -14.80
CA TYR A 246 1.72 50.64 -13.72
C TYR A 246 2.58 50.66 -12.46
N ALA A 247 2.95 51.87 -12.04
CA ALA A 247 3.40 52.24 -10.70
C ALA A 247 4.73 51.64 -10.25
N THR A 248 5.46 50.91 -11.12
CA THR A 248 6.85 50.46 -10.93
C THR A 248 6.99 49.39 -9.83
N ASN A 249 5.93 49.14 -9.05
CA ASN A 249 5.79 47.95 -8.24
C ASN A 249 4.30 47.65 -8.15
N LEU A 250 3.97 46.52 -7.55
CA LEU A 250 2.59 46.07 -7.48
C LEU A 250 1.82 46.84 -6.43
N VAL A 251 0.79 47.57 -6.85
CA VAL A 251 -0.04 48.29 -5.90
C VAL A 251 -1.43 47.65 -5.91
N LYS A 252 -2.16 47.88 -4.82
CA LYS A 252 -3.54 47.45 -4.77
C LYS A 252 -4.39 48.34 -5.66
N LYS A 253 -5.64 47.95 -5.86
CA LYS A 253 -6.61 48.86 -6.42
C LYS A 253 -7.61 49.23 -5.34
N GLN A 254 -8.31 50.35 -5.57
CA GLN A 254 -9.38 50.78 -4.70
C GLN A 254 -10.48 49.74 -4.67
N ASP A 255 -10.68 49.11 -3.51
CA ASP A 255 -11.70 48.09 -3.38
C ASP A 255 -13.09 48.68 -3.52
N LEU A 256 -13.89 48.11 -4.42
CA LEU A 256 -15.19 48.64 -4.74
C LEU A 256 -16.21 47.56 -4.46
N TYR A 257 -17.41 47.97 -4.06
CA TYR A 257 -18.24 47.13 -3.22
C TYR A 257 -19.56 46.88 -3.94
N VAL A 258 -19.64 45.78 -4.67
CA VAL A 258 -20.73 45.57 -5.60
C VAL A 258 -21.76 44.67 -4.95
N PHE A 259 -22.94 44.60 -5.57
CA PHE A 259 -23.88 43.58 -5.14
C PHE A 259 -23.46 42.22 -5.66
N LYS A 260 -23.80 41.19 -4.89
CA LYS A 260 -23.60 39.81 -5.30
C LYS A 260 -24.57 39.52 -6.45
N SER A 261 -24.23 38.50 -7.24
CA SER A 261 -24.92 38.21 -8.49
C SER A 261 -26.41 37.94 -8.28
N GLY A 262 -26.74 36.89 -7.56
CA GLY A 262 -28.15 36.55 -7.40
C GLY A 262 -28.93 37.41 -6.44
N SER A 263 -28.96 38.72 -6.69
CA SER A 263 -29.74 39.65 -5.89
C SER A 263 -31.11 39.83 -6.52
N THR A 264 -32.01 40.48 -5.79
CA THR A 264 -33.40 40.52 -6.18
C THR A 264 -34.00 41.89 -5.87
N PHE A 265 -34.72 42.47 -6.83
CA PHE A 265 -35.07 43.88 -6.77
C PHE A 265 -36.50 44.11 -7.20
N GLU A 266 -36.89 45.38 -7.21
CA GLU A 266 -38.06 45.96 -7.88
C GLU A 266 -37.68 47.11 -8.78
N ASN A 267 -36.77 47.96 -8.34
CA ASN A 267 -36.33 49.11 -9.12
C ASN A 267 -35.07 48.72 -9.87
N SER A 268 -35.14 48.67 -11.19
CA SER A 268 -33.97 48.36 -11.98
C SER A 268 -33.06 49.58 -12.03
N PHE A 269 -31.78 49.37 -11.73
CA PHE A 269 -30.79 50.41 -11.91
C PHE A 269 -29.89 50.04 -13.08
N ASP A 270 -28.84 50.84 -13.25
CA ASP A 270 -27.84 50.54 -14.27
C ASP A 270 -26.53 51.12 -13.77
N GLY A 271 -25.57 50.26 -13.49
CA GLY A 271 -24.31 50.73 -12.96
C GLY A 271 -23.37 51.22 -14.02
N ASP A 272 -22.11 51.40 -13.68
CA ASP A 272 -21.15 51.86 -14.67
C ASP A 272 -19.76 51.37 -14.29
N ILE A 273 -18.80 51.70 -15.13
CA ILE A 273 -17.46 51.16 -15.03
C ILE A 273 -16.57 52.21 -14.37
N TYR A 274 -16.13 51.92 -13.16
CA TYR A 274 -15.44 52.88 -12.33
C TYR A 274 -13.94 52.78 -12.48
N GLN A 275 -13.30 53.92 -12.69
CA GLN A 275 -11.85 54.01 -12.66
C GLN A 275 -11.41 53.93 -11.21
N VAL A 276 -10.65 52.88 -10.88
CA VAL A 276 -10.12 52.75 -9.53
C VAL A 276 -8.61 52.88 -9.57
N GLY A 277 -8.08 53.26 -10.73
CA GLY A 277 -6.66 53.48 -10.84
C GLY A 277 -6.36 54.91 -11.21
N LYS A 278 -5.74 55.64 -10.29
CA LYS A 278 -5.41 57.04 -10.54
C LYS A 278 -3.91 57.25 -10.43
N LYS A 279 -3.25 56.48 -9.57
CA LYS A 279 -1.85 56.74 -9.26
C LYS A 279 -0.93 56.30 -10.40
N GLY A 280 -1.19 55.14 -10.98
CA GLY A 280 -0.43 54.72 -12.13
C GLY A 280 -0.80 55.52 -13.36
N ASN A 281 0.09 55.46 -14.36
CA ASN A 281 -0.06 56.30 -15.54
C ASN A 281 -1.26 55.89 -16.38
N HIS A 282 -1.37 54.64 -16.69
CA HIS A 282 -2.59 54.21 -17.31
C HIS A 282 -3.64 53.98 -16.25
N PRO A 283 -4.93 54.11 -16.57
CA PRO A 283 -5.97 53.89 -15.57
C PRO A 283 -6.22 52.41 -15.32
N VAL A 284 -7.09 52.13 -14.36
CA VAL A 284 -7.56 50.78 -14.02
C VAL A 284 -9.07 50.84 -13.85
N TYR A 285 -9.80 50.00 -14.56
CA TYR A 285 -11.26 50.06 -14.51
C TYR A 285 -11.85 48.85 -13.82
N LYS A 286 -13.14 48.96 -13.51
CA LYS A 286 -13.91 47.90 -12.85
C LYS A 286 -15.31 47.91 -13.44
N TYR A 287 -15.66 46.87 -14.20
CA TYR A 287 -16.99 46.79 -14.77
C TYR A 287 -17.99 46.45 -13.66
N ALA A 288 -18.98 47.30 -13.49
CA ALA A 288 -20.10 46.97 -12.61
C ALA A 288 -21.32 47.65 -13.20
N LYS A 289 -22.05 46.94 -14.06
CA LYS A 289 -23.34 47.44 -14.46
C LYS A 289 -24.31 46.28 -14.53
N SER A 290 -25.58 46.63 -14.46
CA SER A 290 -26.62 45.67 -14.19
C SER A 290 -26.87 44.78 -15.41
N PHE A 291 -27.44 43.62 -15.12
CA PHE A 291 -27.82 42.67 -16.15
C PHE A 291 -28.98 41.87 -15.56
N PHE A 292 -30.20 42.28 -15.88
CA PHE A 292 -31.35 41.85 -15.10
C PHE A 292 -32.11 40.72 -15.76
N LEU A 293 -32.73 39.92 -14.91
CA LEU A 293 -33.69 38.89 -15.30
C LEU A 293 -35.01 39.20 -14.59
N GLU A 294 -36.07 39.40 -15.36
CA GLU A 294 -37.32 39.91 -14.81
C GLU A 294 -38.33 38.78 -14.71
N VAL A 295 -38.80 38.50 -13.50
CA VAL A 295 -39.79 37.44 -13.30
C VAL A 295 -40.92 37.90 -12.41
N SER A 296 -41.84 36.99 -12.11
CA SER A 296 -42.91 37.21 -11.16
C SER A 296 -42.52 36.73 -9.76
N MET B 1 1.11 39.42 -31.88
CA MET B 1 0.77 38.06 -32.28
C MET B 1 0.74 37.13 -31.10
N LYS B 2 0.43 35.86 -31.38
CA LYS B 2 0.42 34.85 -30.35
C LYS B 2 0.58 33.49 -31.00
N LEU B 3 1.61 32.76 -30.58
CA LEU B 3 2.11 31.57 -31.24
C LEU B 3 1.87 30.37 -30.34
N VAL B 4 1.73 29.19 -30.94
CA VAL B 4 1.54 27.95 -30.20
C VAL B 4 2.75 27.06 -30.41
N ILE B 5 3.40 26.65 -29.33
CA ILE B 5 4.45 25.64 -29.38
C ILE B 5 3.81 24.31 -29.07
N GLU B 6 3.89 23.39 -30.01
CA GLU B 6 3.25 22.10 -29.92
C GLU B 6 4.35 21.04 -29.87
N GLY B 7 4.05 19.91 -29.27
CA GLY B 7 4.92 18.76 -29.37
C GLY B 7 4.47 17.66 -28.46
N THR B 8 5.44 16.90 -27.96
CA THR B 8 5.13 15.90 -26.96
C THR B 8 6.33 15.66 -26.07
N ILE B 9 6.05 14.99 -24.96
CA ILE B 9 7.06 14.64 -23.96
C ILE B 9 7.17 13.13 -24.01
N VAL B 10 8.08 12.60 -24.82
CA VAL B 10 8.32 11.17 -24.80
C VAL B 10 9.27 10.87 -23.65
N LEU B 11 8.88 9.94 -22.81
CA LEU B 11 9.54 9.75 -21.54
C LEU B 11 10.49 8.57 -21.62
N LYS B 12 11.72 8.77 -21.17
CA LYS B 12 12.73 7.72 -21.22
C LYS B 12 12.88 6.95 -19.93
N THR B 13 12.67 7.58 -18.79
CA THR B 13 12.51 6.85 -17.53
C THR B 13 11.77 7.72 -16.53
N GLY B 14 11.31 7.08 -15.46
CA GLY B 14 10.88 7.78 -14.28
C GLY B 14 9.65 8.66 -14.37
N MET B 15 9.86 9.96 -14.16
CA MET B 15 8.83 10.95 -13.87
C MET B 15 8.02 10.52 -12.67
N HIS B 16 8.66 10.45 -11.51
CA HIS B 16 7.94 10.70 -10.28
C HIS B 16 7.83 12.21 -10.20
N ILE B 17 6.63 12.72 -10.01
CA ILE B 17 6.42 14.15 -10.05
C ILE B 17 5.43 14.53 -8.97
N GLY B 18 5.72 15.61 -8.27
CA GLY B 18 4.70 16.20 -7.43
C GLY B 18 4.51 15.43 -6.15
N GLY B 19 3.27 15.41 -5.68
CA GLY B 19 2.93 14.80 -4.43
C GLY B 19 1.72 15.46 -3.81
N SER B 20 0.77 14.64 -3.40
CA SER B 20 -0.53 15.09 -2.93
C SER B 20 -0.61 15.02 -1.42
N SER B 21 -1.73 15.53 -0.90
CA SER B 21 -2.01 15.51 0.53
C SER B 21 -2.93 14.36 0.92
N ASP B 22 -2.99 13.30 0.12
CA ASP B 22 -3.72 12.11 0.50
C ASP B 22 -3.01 11.43 1.66
N PHE B 23 -3.77 10.73 2.48
CA PHE B 23 -3.18 10.04 3.61
C PHE B 23 -2.44 8.82 3.12
N SER B 24 -1.14 8.78 3.40
CA SER B 24 -0.29 7.66 3.03
C SER B 24 -0.62 6.43 3.86
N ALA B 25 -1.14 5.39 3.22
CA ALA B 25 -1.44 4.15 3.92
C ALA B 25 -0.14 3.42 4.23
N ILE B 26 -0.24 2.32 4.99
CA ILE B 26 0.99 1.61 5.35
C ILE B 26 1.41 0.79 4.15
N GLY B 27 0.68 -0.30 3.91
CA GLY B 27 0.21 -0.76 2.61
C GLY B 27 1.02 -0.48 1.36
N ALA B 28 0.34 0.18 0.43
CA ALA B 28 0.90 0.61 -0.83
C ALA B 28 1.70 1.89 -0.66
N VAL B 29 1.94 2.56 -1.79
CA VAL B 29 2.82 3.73 -1.86
C VAL B 29 2.42 4.85 -0.90
N ALA B 30 3.41 5.28 -0.13
CA ALA B 30 3.42 6.56 0.55
C ALA B 30 4.12 7.57 -0.35
N SER B 31 3.68 8.83 -0.28
CA SER B 31 4.04 9.90 -1.22
C SER B 31 3.74 9.49 -2.65
N PRO B 32 2.48 9.53 -3.07
CA PRO B 32 2.13 9.13 -4.43
C PRO B 32 2.38 10.25 -5.43
N VAL B 33 2.24 9.91 -6.70
CA VAL B 33 2.49 10.84 -7.80
C VAL B 33 1.28 11.77 -7.92
N VAL B 34 1.42 12.85 -8.67
CA VAL B 34 0.32 13.79 -8.86
C VAL B 34 -0.56 13.32 -10.01
N ARG B 35 -1.86 13.29 -9.77
CA ARG B 35 -2.83 12.86 -10.76
C ARG B 35 -4.03 13.79 -10.68
N ASP B 36 -4.82 13.80 -11.74
CA ASP B 36 -6.00 14.67 -11.82
C ASP B 36 -7.02 14.27 -10.77
N THR B 37 -7.78 15.25 -10.29
CA THR B 37 -8.66 14.97 -9.16
C THR B 37 -9.97 14.34 -9.60
N LEU B 38 -10.36 14.49 -10.86
CA LEU B 38 -11.50 13.74 -11.37
C LEU B 38 -11.07 12.47 -12.08
N THR B 39 -10.34 12.61 -13.17
CA THR B 39 -10.09 11.48 -14.04
C THR B 39 -9.04 10.53 -13.51
N ARG B 40 -8.22 10.99 -12.55
CA ARG B 40 -7.16 10.22 -11.89
C ARG B 40 -6.13 9.67 -12.89
N LEU B 41 -5.96 10.36 -13.99
CA LEU B 41 -4.95 10.01 -14.94
C LEU B 41 -3.70 10.82 -14.65
N PRO B 42 -2.50 10.23 -14.79
CA PRO B 42 -1.28 10.96 -14.45
C PRO B 42 -1.01 12.10 -15.41
N LEU B 43 -0.67 13.25 -14.85
CA LEU B 43 -0.33 14.44 -15.59
C LEU B 43 0.82 15.10 -14.85
N ILE B 44 1.58 15.93 -15.53
CA ILE B 44 2.58 16.78 -14.89
C ILE B 44 1.97 18.17 -14.73
N PRO B 45 2.24 18.86 -13.64
CA PRO B 45 1.90 20.28 -13.59
C PRO B 45 2.72 21.02 -14.62
N GLY B 46 2.09 22.00 -15.27
CA GLY B 46 2.81 22.85 -16.18
C GLY B 46 3.78 23.75 -15.46
N SER B 47 3.58 23.95 -14.16
CA SER B 47 4.52 24.73 -13.38
C SER B 47 5.86 24.03 -13.23
N SER B 48 5.86 22.69 -13.12
CA SER B 48 7.13 21.97 -13.01
C SER B 48 7.91 21.97 -14.31
N LEU B 49 7.20 21.81 -15.43
CA LEU B 49 7.86 21.98 -16.72
C LEU B 49 8.39 23.39 -16.86
N LYS B 50 7.57 24.38 -16.48
CA LYS B 50 7.95 25.78 -16.57
C LYS B 50 9.17 26.06 -15.70
N GLY B 51 9.21 25.45 -14.53
CA GLY B 51 10.31 25.70 -13.62
C GLY B 51 11.59 25.00 -14.02
N LYS B 52 11.51 23.82 -14.61
CA LYS B 52 12.73 23.19 -15.10
C LYS B 52 13.31 23.96 -16.26
N MET B 53 12.45 24.43 -17.17
CA MET B 53 12.96 25.28 -18.24
C MET B 53 13.52 26.58 -17.70
N ARG B 54 12.86 27.17 -16.70
CA ARG B 54 13.36 28.41 -16.13
C ARG B 54 14.70 28.21 -15.43
N TYR B 55 14.83 27.13 -14.67
CA TYR B 55 16.07 26.79 -13.98
C TYR B 55 17.21 26.52 -14.95
N LEU B 56 16.93 25.78 -16.02
CA LEU B 56 18.00 25.39 -16.92
C LEU B 56 18.36 26.52 -17.87
N LEU B 57 17.42 27.43 -18.13
CA LEU B 57 17.81 28.70 -18.70
C LEU B 57 18.65 29.50 -17.72
N ALA B 58 18.30 29.47 -16.45
CA ALA B 58 18.96 30.35 -15.48
C ALA B 58 20.40 29.98 -15.22
N LYS B 59 20.69 28.68 -15.13
CA LYS B 59 22.04 28.27 -14.73
C LYS B 59 23.03 28.46 -15.87
N GLU B 60 22.56 28.47 -17.11
CA GLU B 60 23.46 28.60 -18.25
C GLU B 60 23.52 30.01 -18.81
N LEU B 61 22.45 30.79 -18.71
CA LEU B 61 22.44 32.10 -19.33
C LEU B 61 23.12 33.09 -18.39
N ASN B 62 24.03 33.90 -18.96
CA ASN B 62 25.00 34.71 -18.24
C ASN B 62 25.76 33.87 -17.20
N ASN B 63 26.35 32.79 -17.70
CA ASN B 63 27.17 31.91 -16.89
C ASN B 63 28.44 32.61 -16.41
N GLY B 64 28.42 33.03 -15.14
CA GLY B 64 29.52 33.78 -14.57
C GLY B 64 29.10 34.84 -13.59
N ILE B 65 27.80 35.15 -13.53
CA ILE B 65 27.27 36.12 -12.58
C ILE B 65 26.41 35.43 -11.54
N ASP B 73 16.97 37.82 -11.75
CA ASP B 73 18.36 37.93 -12.19
C ASP B 73 18.46 38.66 -13.52
N GLN B 74 18.75 37.92 -14.58
CA GLN B 74 19.04 38.49 -15.88
C GLN B 74 17.77 39.01 -16.54
N ASP B 75 17.96 39.70 -17.67
CA ASP B 75 16.84 40.16 -18.48
C ASP B 75 16.03 39.00 -19.02
N GLU B 76 16.69 38.05 -19.67
CA GLU B 76 15.96 37.05 -20.45
C GLU B 76 15.29 36.04 -19.54
N ILE B 77 15.81 35.86 -18.33
CA ILE B 77 15.15 35.00 -17.34
C ILE B 77 13.92 35.71 -16.77
N LEU B 78 13.78 37.00 -17.05
CA LEU B 78 12.52 37.68 -16.75
C LEU B 78 11.79 38.05 -18.02
N ARG B 79 12.51 38.19 -19.14
CA ARG B 79 11.87 38.49 -20.42
C ARG B 79 11.03 37.34 -20.89
N LEU B 80 11.43 36.12 -20.57
CA LEU B 80 10.73 34.95 -21.03
C LEU B 80 9.87 34.30 -19.96
N PHE B 81 10.09 34.62 -18.69
CA PHE B 81 9.42 33.90 -17.62
C PHE B 81 8.86 34.78 -16.51
N GLY B 82 8.63 36.06 -16.75
CA GLY B 82 7.92 36.91 -15.81
C GLY B 82 8.75 37.37 -14.63
N SER B 83 8.32 38.49 -14.05
CA SER B 83 9.02 39.07 -12.90
C SER B 83 8.04 39.83 -12.04
N SER B 84 8.40 39.98 -10.78
CA SER B 84 7.63 40.79 -9.85
C SER B 84 8.55 41.60 -8.96
N GLU B 85 9.60 42.17 -9.53
CA GLU B 85 10.57 42.91 -8.76
C GLU B 85 10.02 44.26 -8.33
N LYS B 86 10.74 44.92 -7.43
CA LYS B 86 10.31 46.22 -6.93
C LYS B 86 10.70 47.36 -7.84
N ASP B 87 11.36 47.09 -8.93
CA ASP B 87 11.64 48.12 -9.90
C ASP B 87 11.15 47.77 -11.30
N LYS B 88 11.32 46.53 -11.74
CA LYS B 88 10.90 46.13 -13.08
C LYS B 88 9.96 44.95 -12.96
N ILE B 89 8.82 45.06 -13.63
CA ILE B 89 7.81 44.02 -13.64
C ILE B 89 7.47 43.78 -15.10
N ARG B 90 7.59 42.54 -15.53
CA ARG B 90 7.40 42.19 -16.93
C ARG B 90 6.38 41.08 -17.06
N ARG B 91 5.57 41.14 -18.11
CA ARG B 91 4.67 40.04 -18.38
C ARG B 91 5.46 38.88 -18.95
N ALA B 92 5.15 37.68 -18.46
CA ALA B 92 5.83 36.47 -18.89
C ALA B 92 5.48 36.19 -20.34
N ARG B 93 6.51 36.15 -21.19
CA ARG B 93 6.33 35.96 -22.62
C ARG B 93 5.84 34.57 -22.97
N LEU B 94 6.15 33.56 -22.17
CA LEU B 94 5.67 32.24 -22.52
C LEU B 94 4.24 32.06 -22.01
N LYS B 95 3.71 30.87 -22.18
CA LYS B 95 2.39 30.51 -21.66
C LYS B 95 2.34 28.98 -21.61
N PHE B 96 2.21 28.43 -20.41
CA PHE B 96 2.33 27.00 -20.21
C PHE B 96 0.99 26.44 -19.74
N ASN B 97 0.72 25.20 -20.13
CA ASN B 97 -0.45 24.51 -19.61
C ASN B 97 -0.03 23.19 -19.01
N ASP B 98 -0.80 22.73 -18.04
CA ASP B 98 -0.56 21.41 -17.45
C ASP B 98 -0.82 20.33 -18.50
N ILE B 99 0.08 19.35 -18.54
CA ILE B 99 0.17 18.42 -19.65
C ILE B 99 -0.31 17.07 -19.17
N LYS B 100 -1.36 16.55 -19.80
CA LYS B 100 -1.93 15.29 -19.37
C LYS B 100 -1.36 14.15 -20.19
N LEU B 101 -1.57 12.92 -19.71
CA LEU B 101 -1.03 11.77 -20.42
C LEU B 101 -1.87 11.51 -21.64
N SER B 102 -1.21 11.34 -22.78
CA SER B 102 -1.92 11.29 -24.04
C SER B 102 -2.16 9.87 -24.53
N ASN B 103 -1.12 9.06 -24.67
CA ASN B 103 -1.25 7.81 -25.42
C ASN B 103 -1.60 6.64 -24.51
N LEU B 104 -2.64 6.84 -23.70
CA LEU B 104 -3.03 5.80 -22.74
C LEU B 104 -3.69 4.63 -23.44
N ALA B 105 -4.26 4.87 -24.62
CA ALA B 105 -4.83 3.78 -25.40
C ALA B 105 -3.75 2.80 -25.86
N GLU B 106 -2.62 3.32 -26.33
CA GLU B 106 -1.56 2.40 -26.74
C GLU B 106 -0.63 2.07 -25.59
N LEU B 107 -0.81 2.72 -24.44
CA LEU B 107 -0.12 2.26 -23.24
C LEU B 107 -0.96 1.24 -22.50
N GLU B 108 -2.14 0.91 -23.02
CA GLU B 108 -2.85 -0.30 -22.60
C GLU B 108 -2.87 -1.38 -23.67
N THR B 109 -2.33 -1.13 -24.85
CA THR B 109 -2.15 -2.23 -25.80
C THR B 109 -1.08 -3.19 -25.32
N PHE B 110 -0.17 -2.72 -24.47
CA PHE B 110 0.78 -3.58 -23.80
C PHE B 110 0.21 -4.12 -22.50
N ASN B 111 -1.06 -3.83 -22.22
CA ASN B 111 -1.82 -4.39 -21.09
C ASN B 111 -1.16 -4.07 -19.75
N VAL B 112 -0.54 -2.90 -19.68
CA VAL B 112 0.17 -2.48 -18.48
C VAL B 112 -0.44 -1.18 -17.99
N SER B 113 -0.33 -0.98 -16.69
CA SER B 113 -0.93 0.17 -16.04
C SER B 113 -0.22 1.45 -16.45
N SER B 114 -0.90 2.57 -16.28
CA SER B 114 -0.30 3.87 -16.52
C SER B 114 0.80 4.18 -15.53
N THR B 115 0.61 3.86 -14.25
CA THR B 115 1.54 4.22 -13.20
C THR B 115 2.06 2.97 -12.51
N GLU B 116 3.37 2.83 -12.45
CA GLU B 116 4.03 1.77 -11.72
C GLU B 116 4.29 2.23 -10.29
N VAL B 117 4.55 1.27 -9.41
CA VAL B 117 5.05 1.57 -8.08
C VAL B 117 6.49 1.11 -8.03
N LYS B 118 7.37 1.95 -7.49
CA LYS B 118 8.79 1.68 -7.43
C LYS B 118 9.17 1.45 -5.98
N PHE B 119 9.97 0.44 -5.72
CA PHE B 119 10.29 0.03 -4.36
C PHE B 119 11.73 0.42 -4.06
N GLU B 120 11.90 1.37 -3.14
CA GLU B 120 13.23 1.83 -2.79
C GLU B 120 13.50 1.59 -1.32
N ASN B 121 14.76 1.75 -0.94
CA ASN B 121 15.13 1.85 0.46
C ASN B 121 16.46 2.56 0.56
N THR B 122 16.75 3.05 1.75
CA THR B 122 18.12 3.35 2.14
C THR B 122 18.52 2.29 3.14
N ILE B 123 19.81 2.09 3.29
CA ILE B 123 20.31 1.35 4.43
C ILE B 123 21.09 2.34 5.28
N ASN B 124 21.02 2.15 6.59
CA ASN B 124 21.89 2.89 7.47
C ASN B 124 23.31 2.46 7.18
N ARG B 125 24.23 3.42 7.12
CA ARG B 125 25.62 3.02 7.04
C ARG B 125 26.09 2.44 8.34
N LYS B 126 25.58 2.96 9.46
CA LYS B 126 26.01 2.54 10.78
C LYS B 126 25.51 1.17 11.19
N THR B 127 24.24 0.86 10.95
CA THR B 127 23.65 -0.37 11.44
C THR B 127 23.19 -1.33 10.36
N ALA B 128 23.27 -0.94 9.07
CA ALA B 128 22.83 -1.73 7.92
C ALA B 128 21.35 -2.09 7.97
N VAL B 129 20.57 -1.32 8.71
CA VAL B 129 19.13 -1.55 8.80
C VAL B 129 18.47 -0.85 7.63
N ALA B 130 17.74 -1.60 6.82
CA ALA B 130 17.12 -1.01 5.67
C ALA B 130 15.93 -0.16 6.07
N ASN B 131 15.44 0.62 5.11
CA ASN B 131 14.34 1.55 5.35
C ASN B 131 13.51 1.64 4.08
N PRO B 132 12.58 0.72 3.89
CA PRO B 132 11.88 0.63 2.61
C PRO B 132 10.87 1.73 2.39
N ARG B 133 10.84 2.27 1.19
CA ARG B 133 9.81 3.21 0.77
C ARG B 133 9.26 2.75 -0.56
N GLN B 134 7.98 3.00 -0.78
CA GLN B 134 7.40 2.82 -2.09
C GLN B 134 7.13 4.18 -2.67
N ILE B 135 7.51 4.38 -3.92
CA ILE B 135 7.22 5.63 -4.61
C ILE B 135 6.50 5.29 -5.90
N GLU B 136 5.41 5.99 -6.15
CA GLU B 136 4.62 5.72 -7.34
C GLU B 136 5.06 6.66 -8.43
N ARG B 137 5.35 6.11 -9.59
CA ARG B 137 5.72 6.99 -10.69
C ARG B 137 5.13 6.45 -11.96
N VAL B 138 4.95 7.35 -12.94
CA VAL B 138 4.41 6.92 -14.21
C VAL B 138 5.44 6.06 -14.91
N ILE B 139 4.97 5.14 -15.75
CA ILE B 139 5.91 4.21 -16.37
C ILE B 139 6.69 4.93 -17.46
N ALA B 140 7.86 4.39 -17.75
CA ALA B 140 8.64 4.89 -18.87
C ALA B 140 7.91 4.58 -20.17
N GLY B 141 8.29 5.31 -21.21
CA GLY B 141 7.61 5.17 -22.47
C GLY B 141 6.27 5.89 -22.55
N SER B 142 5.92 6.68 -21.54
CA SER B 142 4.78 7.56 -21.63
C SER B 142 5.07 8.65 -22.66
N LYS B 143 4.00 9.16 -23.28
CA LYS B 143 4.10 10.29 -24.18
C LYS B 143 3.09 11.32 -23.74
N PHE B 144 3.56 12.50 -23.34
CA PHE B 144 2.68 13.57 -22.85
C PHE B 144 2.59 14.61 -23.95
N ASP B 145 1.46 14.67 -24.65
CA ASP B 145 1.26 15.65 -25.71
C ASP B 145 1.05 17.03 -25.09
N PHE B 146 1.99 17.95 -25.34
CA PHE B 146 1.96 19.25 -24.70
C PHE B 146 1.73 20.38 -25.69
N GLU B 147 1.13 21.45 -25.20
CA GLU B 147 0.99 22.67 -25.96
C GLU B 147 1.42 23.84 -25.09
N ILE B 148 2.19 24.74 -25.70
CA ILE B 148 2.71 25.93 -25.06
C ILE B 148 2.29 27.09 -25.95
N PHE B 149 1.72 28.12 -25.36
CA PHE B 149 1.47 29.26 -26.22
C PHE B 149 2.53 30.34 -25.98
N TYR B 150 2.58 31.30 -26.88
CA TYR B 150 3.64 32.31 -26.86
C TYR B 150 3.01 33.70 -26.86
N ASN B 151 3.28 34.49 -25.81
CA ASN B 151 2.77 35.86 -25.73
C ASN B 151 3.73 36.78 -26.48
N LEU B 152 3.59 36.82 -27.79
CA LEU B 152 4.41 37.70 -28.60
C LEU B 152 3.93 39.14 -28.46
N ASP B 153 4.89 40.04 -28.28
CA ASP B 153 4.64 41.47 -28.32
C ASP B 153 5.72 42.27 -29.06
N ASP B 154 6.70 41.62 -29.68
CA ASP B 154 7.70 42.29 -30.50
C ASP B 154 8.35 41.33 -31.49
N ILE B 155 8.20 41.66 -32.78
CA ILE B 155 8.70 40.82 -33.87
C ILE B 155 10.22 40.70 -33.89
N LYS B 156 10.95 41.70 -33.42
CA LYS B 156 12.41 41.67 -33.50
C LYS B 156 13.05 40.67 -32.55
N GLU B 157 12.32 40.11 -31.60
CA GLU B 157 12.91 39.18 -30.64
C GLU B 157 12.42 37.75 -30.78
N VAL B 158 11.65 37.42 -31.82
CA VAL B 158 11.10 36.07 -31.94
C VAL B 158 12.20 35.06 -32.22
N GLU B 159 13.14 35.39 -33.09
CA GLU B 159 14.20 34.44 -33.44
C GLU B 159 15.15 34.24 -32.26
N LYS B 160 15.38 35.29 -31.48
CA LYS B 160 16.29 35.16 -30.35
C LYS B 160 15.63 34.36 -29.24
N ASP B 161 14.35 34.63 -29.01
CA ASP B 161 13.59 33.87 -28.03
C ASP B 161 13.49 32.41 -28.41
N PHE B 162 13.33 32.13 -29.70
CA PHE B 162 13.15 30.75 -30.09
C PHE B 162 14.47 30.00 -30.08
N GLU B 163 15.57 30.68 -30.37
CA GLU B 163 16.85 30.00 -30.26
C GLU B 163 17.26 29.83 -28.80
N ASN B 164 16.72 30.65 -27.89
CA ASN B 164 17.10 30.39 -26.51
C ASN B 164 16.04 29.59 -25.76
N ILE B 165 14.91 29.27 -26.40
CA ILE B 165 14.04 28.27 -25.76
C ILE B 165 14.31 26.90 -26.34
N LYS B 166 14.71 26.83 -27.61
CA LYS B 166 15.13 25.55 -28.17
C LYS B 166 16.41 25.08 -27.50
N GLN B 167 17.27 26.03 -27.14
CA GLN B 167 18.43 25.72 -26.31
C GLN B 167 17.98 25.19 -24.97
N GLY B 168 16.91 25.76 -24.41
CA GLY B 168 16.34 25.19 -23.21
C GLY B 168 15.54 23.94 -23.48
N PHE B 169 15.13 23.74 -24.73
CA PHE B 169 14.42 22.51 -25.06
C PHE B 169 15.36 21.32 -25.08
N ASP B 170 16.61 21.54 -25.50
CA ASP B 170 17.53 20.41 -25.52
C ASP B 170 18.26 20.24 -24.20
N LEU B 171 18.40 21.31 -23.42
CA LEU B 171 19.11 21.20 -22.15
C LEU B 171 18.26 20.44 -21.13
N LEU B 172 16.96 20.40 -21.35
CA LEU B 172 16.11 19.63 -20.46
C LEU B 172 16.20 18.13 -20.74
N GLU B 173 16.63 17.75 -21.95
CA GLU B 173 16.74 16.33 -22.26
C GLU B 173 17.88 15.66 -21.50
N PHE B 174 18.86 16.45 -21.06
CA PHE B 174 20.01 15.94 -20.33
C PHE B 174 19.87 16.13 -18.83
N ASP B 175 18.74 16.66 -18.40
CA ASP B 175 18.40 16.76 -17.00
C ASP B 175 17.09 16.03 -16.79
N TYR B 176 16.64 15.96 -15.55
CA TYR B 176 15.39 15.27 -15.31
C TYR B 176 14.24 16.25 -15.27
N LEU B 177 13.10 15.77 -14.78
CA LEU B 177 11.90 16.60 -14.59
C LEU B 177 11.19 16.12 -13.33
N GLY B 178 11.54 16.72 -12.20
CA GLY B 178 10.81 16.49 -10.97
C GLY B 178 11.11 15.18 -10.27
N GLY B 179 10.83 15.15 -8.97
CA GLY B 179 10.97 13.94 -8.18
C GLY B 179 12.42 13.61 -7.90
N HIS B 180 12.64 12.38 -7.44
CA HIS B 180 13.97 11.94 -7.02
C HIS B 180 14.89 11.79 -8.23
N GLY B 181 15.45 12.90 -8.68
CA GLY B 181 16.06 12.92 -10.00
C GLY B 181 17.37 12.19 -10.06
N THR B 182 18.23 12.40 -9.07
CA THR B 182 19.58 11.85 -9.17
C THR B 182 19.63 10.36 -8.86
N ARG B 183 18.50 9.70 -8.63
CA ARG B 183 18.43 8.26 -8.51
C ARG B 183 17.52 7.65 -9.57
N GLY B 184 17.70 8.05 -10.82
CA GLY B 184 17.07 7.38 -11.94
C GLY B 184 15.63 7.75 -12.19
N SER B 185 15.36 9.03 -12.40
CA SER B 185 13.99 9.46 -12.61
C SER B 185 13.98 10.59 -13.62
N GLY B 186 12.78 10.92 -14.06
CA GLY B 186 12.46 12.20 -14.63
C GLY B 186 13.07 12.51 -15.97
N ARG B 187 13.83 11.61 -16.56
CA ARG B 187 14.52 11.93 -17.79
C ARG B 187 13.56 11.97 -18.96
N ILE B 188 13.55 13.08 -19.68
CA ILE B 188 12.57 13.32 -20.72
C ILE B 188 13.26 13.28 -22.08
N ALA B 189 12.43 13.26 -23.11
CA ALA B 189 12.88 13.53 -24.46
C ALA B 189 11.72 14.21 -25.18
N PHE B 190 12.04 15.00 -26.18
CA PHE B 190 11.05 15.83 -26.85
C PHE B 190 10.93 15.41 -28.29
N GLU B 191 9.76 14.95 -28.69
CA GLU B 191 9.54 14.51 -30.04
C GLU B 191 8.69 15.53 -30.77
N ASN B 192 8.97 15.67 -32.07
CA ASN B 192 8.25 16.44 -33.10
C ASN B 192 7.71 17.78 -32.61
N LEU B 193 8.62 18.59 -32.08
CA LEU B 193 8.24 19.92 -31.64
C LEU B 193 8.00 20.82 -32.83
N SER B 194 6.96 21.62 -32.77
CA SER B 194 6.58 22.47 -33.87
C SER B 194 5.97 23.76 -33.33
N VAL B 195 5.67 24.67 -34.26
CA VAL B 195 5.04 25.94 -33.93
C VAL B 195 3.97 26.25 -34.97
N ILE B 196 2.87 26.85 -34.52
CA ILE B 196 1.78 27.26 -35.39
C ILE B 196 1.14 28.48 -34.73
N THR B 197 0.83 29.50 -35.52
CA THR B 197 0.22 30.71 -34.97
C THR B 197 -1.19 30.42 -34.49
N ALA B 198 -1.50 30.90 -33.28
CA ALA B 198 -2.84 30.71 -32.74
C ALA B 198 -3.87 31.50 -33.51
N VAL B 199 -3.77 32.83 -33.46
CA VAL B 199 -4.66 33.75 -34.17
C VAL B 199 -3.82 34.80 -34.85
N GLY B 200 -4.43 35.49 -35.81
CA GLY B 200 -3.68 36.39 -36.65
C GLY B 200 -2.97 35.62 -37.75
N ASN B 201 -1.93 36.24 -38.31
CA ASN B 201 -1.10 35.54 -39.30
C ASN B 201 0.31 36.12 -39.22
N PHE B 202 1.24 35.31 -38.74
CA PHE B 202 2.66 35.68 -38.76
C PHE B 202 3.27 35.23 -40.07
N GLU B 203 4.33 35.93 -40.49
CA GLU B 203 4.91 35.69 -41.80
C GLU B 203 6.10 34.72 -41.74
N LYS B 204 7.04 34.97 -40.84
CA LYS B 204 8.28 34.19 -40.82
C LYS B 204 8.16 33.10 -39.76
N ILE B 205 7.22 32.18 -39.97
CA ILE B 205 7.07 31.02 -39.09
C ILE B 205 8.00 29.89 -39.47
N ASN B 206 8.62 29.95 -40.66
CA ASN B 206 9.45 28.86 -41.14
C ASN B 206 10.70 28.67 -40.29
N THR B 207 11.34 29.78 -39.89
CA THR B 207 12.58 29.67 -39.11
C THR B 207 12.30 29.14 -37.71
N LEU B 208 11.14 29.49 -37.15
CA LEU B 208 10.74 28.97 -35.86
C LEU B 208 10.43 27.49 -35.95
N ASN B 209 9.73 27.09 -37.00
CA ASN B 209 9.36 25.69 -37.16
C ASN B 209 10.57 24.81 -37.44
N GLU B 210 11.53 25.32 -38.21
CA GLU B 210 12.73 24.53 -38.44
C GLU B 210 13.63 24.51 -37.21
N ILE B 211 13.70 25.61 -36.45
CA ILE B 211 14.57 25.59 -35.28
C ILE B 211 13.98 24.73 -34.19
N LEU B 212 12.66 24.54 -34.17
CA LEU B 212 12.10 23.53 -33.27
C LEU B 212 12.26 22.14 -33.84
N GLY B 213 12.25 21.99 -35.16
CA GLY B 213 12.47 20.68 -35.74
C GLY B 213 13.93 20.29 -35.83
N ALA B 214 14.82 21.22 -35.52
CA ALA B 214 16.26 20.95 -35.59
C ALA B 214 16.72 20.17 -34.36
N MET C 1 42.62 -2.52 2.22
CA MET C 1 42.46 -2.82 0.80
C MET C 1 41.35 -3.82 0.60
N LYS C 2 41.48 -4.67 -0.42
CA LYS C 2 40.58 -5.80 -0.58
C LYS C 2 41.37 -7.00 -1.06
N LEU C 3 41.10 -8.13 -0.44
CA LEU C 3 41.80 -9.38 -0.71
C LEU C 3 40.96 -10.29 -1.57
N VAL C 4 41.58 -10.78 -2.63
CA VAL C 4 40.92 -11.68 -3.57
C VAL C 4 41.52 -13.06 -3.41
N ILE C 5 40.74 -14.02 -2.93
CA ILE C 5 41.20 -15.37 -2.71
C ILE C 5 40.93 -16.16 -3.98
N GLU C 6 41.98 -16.75 -4.54
CA GLU C 6 41.89 -17.44 -5.81
C GLU C 6 42.49 -18.82 -5.72
N GLY C 7 41.74 -19.82 -6.13
CA GLY C 7 42.26 -21.16 -6.22
C GLY C 7 41.50 -21.93 -7.28
N THR C 8 41.40 -23.24 -7.08
CA THR C 8 40.54 -24.03 -7.94
C THR C 8 40.05 -25.24 -7.17
N ILE C 9 38.90 -25.77 -7.62
CA ILE C 9 38.22 -26.88 -6.99
C ILE C 9 38.13 -28.01 -7.99
N VAL C 10 38.88 -29.08 -7.75
CA VAL C 10 38.79 -30.27 -8.58
C VAL C 10 37.72 -31.16 -7.98
N LEU C 11 37.08 -31.96 -8.80
CA LEU C 11 36.14 -32.92 -8.26
C LEU C 11 36.75 -34.31 -8.26
N LYS C 12 36.53 -35.03 -7.17
CA LYS C 12 37.00 -36.40 -7.09
C LYS C 12 35.95 -37.41 -7.46
N THR C 13 34.67 -37.07 -7.25
CA THR C 13 33.55 -37.89 -7.71
C THR C 13 32.29 -37.04 -7.74
N GLY C 14 31.38 -37.41 -8.63
CA GLY C 14 29.98 -37.03 -8.52
C GLY C 14 29.60 -35.57 -8.63
N MET C 15 29.23 -34.98 -7.49
CA MET C 15 28.68 -33.63 -7.39
C MET C 15 27.42 -33.53 -8.25
N HIS C 16 26.38 -34.16 -7.72
CA HIS C 16 25.04 -33.77 -8.12
C HIS C 16 24.60 -32.63 -7.23
N ILE C 17 24.03 -31.60 -7.85
CA ILE C 17 23.75 -30.39 -7.10
C ILE C 17 22.58 -29.65 -7.72
N GLY C 18 21.72 -29.10 -6.88
CA GLY C 18 20.72 -28.17 -7.34
C GLY C 18 19.42 -28.78 -7.79
N GLY C 19 18.92 -28.27 -8.89
CA GLY C 19 17.62 -28.65 -9.37
C GLY C 19 16.97 -27.53 -10.14
N SER C 20 16.53 -27.87 -11.34
CA SER C 20 16.00 -26.91 -12.29
C SER C 20 14.49 -27.17 -12.40
N SER C 21 13.63 -26.14 -12.61
CA SER C 21 13.55 -24.95 -13.52
C SER C 21 13.57 -25.33 -15.01
N ASP C 22 13.44 -26.62 -15.29
CA ASP C 22 13.38 -27.13 -16.65
C ASP C 22 12.54 -28.40 -16.67
N PHE C 23 12.03 -28.74 -17.84
CA PHE C 23 11.21 -29.94 -17.96
C PHE C 23 12.07 -31.17 -18.05
N SER C 24 11.56 -32.28 -17.53
CA SER C 24 12.25 -33.55 -17.55
C SER C 24 11.44 -34.55 -18.38
N ALA C 25 12.15 -35.45 -19.07
CA ALA C 25 11.50 -36.48 -19.86
C ALA C 25 10.87 -37.53 -18.94
N ILE C 26 10.16 -38.48 -19.53
CA ILE C 26 9.56 -39.53 -18.71
C ILE C 26 10.68 -40.48 -18.31
N GLY C 27 11.12 -41.31 -19.25
CA GLY C 27 12.45 -41.30 -19.79
C GLY C 27 13.66 -41.47 -18.92
N ALA C 28 13.96 -40.38 -18.23
CA ALA C 28 15.34 -39.96 -18.03
C ALA C 28 15.46 -39.21 -16.71
N VAL C 29 16.55 -38.44 -16.60
CA VAL C 29 16.87 -37.75 -15.37
C VAL C 29 15.84 -36.68 -15.05
N ALA C 30 15.20 -36.86 -13.91
CA ALA C 30 14.64 -35.76 -13.15
C ALA C 30 15.62 -35.44 -12.05
N SER C 31 15.51 -34.22 -11.53
CA SER C 31 16.52 -33.56 -10.70
C SER C 31 17.87 -33.58 -11.40
N PRO C 32 18.06 -32.77 -12.43
CA PRO C 32 19.37 -32.68 -13.08
C PRO C 32 20.30 -31.78 -12.27
N VAL C 33 21.49 -31.57 -12.81
CA VAL C 33 22.47 -30.73 -12.14
C VAL C 33 22.08 -29.27 -12.33
N VAL C 34 22.41 -28.43 -11.35
CA VAL C 34 22.22 -27.00 -11.54
C VAL C 34 23.31 -26.46 -12.47
N ARG C 35 22.88 -25.76 -13.50
CA ARG C 35 23.78 -25.38 -14.57
C ARG C 35 23.82 -23.87 -14.68
N ASP C 36 24.76 -23.39 -15.48
CA ASP C 36 24.66 -22.02 -15.98
C ASP C 36 23.45 -21.96 -16.87
N THR C 37 22.70 -20.87 -16.77
CA THR C 37 21.59 -20.71 -17.68
C THR C 37 21.98 -20.07 -18.99
N LEU C 38 23.20 -19.55 -19.11
CA LEU C 38 23.60 -18.98 -20.39
C LEU C 38 24.38 -19.99 -21.22
N THR C 39 25.53 -20.42 -20.72
CA THR C 39 26.43 -21.26 -21.50
C THR C 39 26.23 -22.73 -21.23
N ARG C 40 25.28 -23.09 -20.37
CA ARG C 40 24.94 -24.47 -19.99
C ARG C 40 26.14 -25.21 -19.42
N LEU C 41 26.99 -24.51 -18.73
CA LEU C 41 28.00 -25.19 -17.97
C LEU C 41 27.45 -25.48 -16.58
N PRO C 42 27.87 -26.56 -15.94
CA PRO C 42 27.49 -26.76 -14.54
C PRO C 42 28.18 -25.74 -13.66
N LEU C 43 27.51 -25.35 -12.59
CA LEU C 43 28.11 -24.46 -11.63
C LEU C 43 27.78 -24.97 -10.23
N ILE C 44 28.69 -24.76 -9.31
CA ILE C 44 28.31 -24.82 -7.91
C ILE C 44 27.98 -23.39 -7.53
N PRO C 45 26.78 -23.14 -7.01
CA PRO C 45 26.46 -21.79 -6.55
C PRO C 45 27.32 -21.43 -5.37
N GLY C 46 27.64 -20.14 -5.28
CA GLY C 46 28.43 -19.63 -4.18
C GLY C 46 27.64 -19.71 -2.90
N SER C 47 26.32 -19.71 -3.03
CA SER C 47 25.46 -19.98 -1.89
C SER C 47 25.66 -21.38 -1.35
N SER C 48 25.79 -22.37 -2.23
CA SER C 48 25.93 -23.75 -1.76
C SER C 48 27.29 -23.97 -1.13
N LEU C 49 28.34 -23.43 -1.74
CA LEU C 49 29.67 -23.45 -1.14
C LEU C 49 29.67 -22.73 0.19
N LYS C 50 29.01 -21.57 0.24
CA LYS C 50 28.94 -20.79 1.48
C LYS C 50 28.22 -21.55 2.56
N GLY C 51 27.12 -22.21 2.20
CA GLY C 51 26.35 -22.96 3.18
C GLY C 51 27.13 -24.13 3.74
N LYS C 52 27.85 -24.86 2.88
CA LYS C 52 28.57 -25.99 3.44
C LYS C 52 29.79 -25.57 4.22
N MET C 53 30.55 -24.56 3.79
CA MET C 53 31.70 -24.22 4.59
C MET C 53 31.29 -23.48 5.85
N ARG C 54 30.16 -22.76 5.79
CA ARG C 54 29.63 -22.13 6.99
C ARG C 54 29.16 -23.16 7.99
N TYR C 55 28.44 -24.17 7.52
CA TYR C 55 27.97 -25.23 8.40
C TYR C 55 29.15 -26.01 8.98
N LEU C 56 30.15 -26.31 8.17
CA LEU C 56 31.26 -27.10 8.66
C LEU C 56 32.13 -26.30 9.60
N LEU C 57 32.29 -25.01 9.34
CA LEU C 57 33.08 -24.18 10.24
C LEU C 57 32.35 -23.94 11.55
N ALA C 58 31.06 -23.61 11.48
CA ALA C 58 30.27 -23.39 12.69
C ALA C 58 30.11 -24.66 13.50
N LYS C 59 30.09 -25.81 12.82
CA LYS C 59 30.14 -27.08 13.51
C LYS C 59 31.46 -27.25 14.23
N GLU C 60 32.56 -27.04 13.53
CA GLU C 60 33.86 -27.33 14.11
C GLU C 60 34.27 -26.30 15.15
N LEU C 61 33.86 -25.04 14.99
CA LEU C 61 34.26 -24.00 15.92
C LEU C 61 33.57 -24.10 17.27
N ASN C 62 32.57 -24.96 17.41
CA ASN C 62 32.03 -25.20 18.75
C ASN C 62 32.75 -26.37 19.39
N ASN C 63 32.41 -27.60 19.04
CA ASN C 63 33.26 -28.75 19.34
C ASN C 63 33.16 -29.81 18.25
N GLY C 64 32.37 -29.58 17.21
CA GLY C 64 31.87 -30.64 16.37
C GLY C 64 30.37 -30.84 16.42
N ILE C 65 29.65 -30.06 17.23
CA ILE C 65 28.20 -30.08 17.25
C ILE C 65 27.68 -28.64 17.16
N LEU C 66 26.44 -28.52 16.69
CA LEU C 66 25.73 -27.25 16.70
C LEU C 66 24.26 -27.53 16.53
N LEU C 67 23.43 -26.74 17.20
CA LEU C 67 22.00 -26.74 16.96
C LEU C 67 21.44 -25.33 17.02
N ASN C 68 22.27 -24.32 16.78
CA ASN C 68 21.87 -22.95 16.99
C ASN C 68 21.28 -22.37 15.72
N GLU C 69 21.18 -21.06 15.66
CA GLU C 69 20.68 -20.38 14.48
C GLU C 69 21.83 -19.75 13.72
N PRO C 70 21.67 -19.52 12.40
CA PRO C 70 22.75 -18.88 11.63
C PRO C 70 23.13 -17.51 12.11
N ASN C 71 22.18 -16.72 12.59
CA ASN C 71 22.52 -15.42 13.15
C ASN C 71 22.90 -15.51 14.61
N ASN C 72 22.88 -16.71 15.19
CA ASN C 72 23.27 -16.86 16.59
C ASN C 72 24.34 -17.96 16.63
N ASP C 73 25.57 -17.57 16.35
CA ASP C 73 26.75 -18.41 16.44
C ASP C 73 27.96 -17.48 16.56
N GLN C 74 29.15 -18.03 16.35
CA GLN C 74 30.40 -17.47 16.85
C GLN C 74 30.71 -16.10 16.24
N ASP C 75 31.58 -15.36 16.93
CA ASP C 75 31.91 -14.01 16.48
C ASP C 75 32.79 -14.05 15.24
N GLU C 76 33.70 -15.01 15.17
CA GLU C 76 34.54 -15.16 13.98
C GLU C 76 33.72 -15.61 12.79
N ILE C 77 32.72 -16.45 13.04
CA ILE C 77 31.98 -17.01 11.92
C ILE C 77 30.98 -15.98 11.40
N LEU C 78 30.52 -15.09 12.27
CA LEU C 78 29.72 -13.96 11.81
C LEU C 78 30.60 -12.90 11.18
N ARG C 79 31.85 -12.80 11.63
CA ARG C 79 32.76 -11.84 11.07
C ARG C 79 33.10 -12.20 9.63
N LEU C 80 33.19 -13.49 9.33
CA LEU C 80 33.37 -13.92 7.96
C LEU C 80 32.08 -13.88 7.16
N PHE C 81 31.02 -14.50 7.66
CA PHE C 81 29.86 -14.78 6.83
C PHE C 81 28.68 -13.82 7.02
N GLY C 82 28.63 -13.07 8.11
CA GLY C 82 27.61 -12.07 8.26
C GLY C 82 26.42 -12.53 9.07
N SER C 83 25.61 -11.56 9.48
CA SER C 83 24.48 -11.82 10.35
C SER C 83 23.37 -10.84 10.03
N SER C 84 22.21 -11.09 10.62
CA SER C 84 21.07 -10.19 10.49
C SER C 84 20.33 -10.10 11.80
N GLU C 85 21.05 -10.25 12.92
CA GLU C 85 20.43 -10.05 14.22
C GLU C 85 19.97 -8.61 14.38
N LYS C 86 18.85 -8.45 15.09
CA LYS C 86 18.12 -7.19 15.12
C LYS C 86 18.86 -6.06 15.81
N ASP C 87 19.94 -6.35 16.53
CA ASP C 87 20.73 -5.30 17.15
C ASP C 87 22.05 -5.13 16.41
N LYS C 88 22.84 -6.18 16.33
CA LYS C 88 24.14 -6.10 15.68
C LYS C 88 24.00 -6.82 14.36
N ILE C 89 24.17 -6.10 13.26
CA ILE C 89 24.32 -6.70 11.95
C ILE C 89 25.79 -6.56 11.59
N ARG C 90 26.52 -7.66 11.66
CA ARG C 90 27.89 -7.68 11.19
C ARG C 90 27.86 -7.82 9.68
N ARG C 91 28.36 -6.83 8.98
CA ARG C 91 28.40 -6.88 7.53
C ARG C 91 29.36 -7.97 7.09
N ALA C 92 28.95 -8.75 6.11
CA ALA C 92 29.69 -9.96 5.77
C ALA C 92 30.98 -9.60 5.08
N ARG C 93 32.09 -10.02 5.66
CA ARG C 93 33.39 -9.71 5.08
C ARG C 93 33.68 -10.57 3.86
N LEU C 94 33.27 -11.83 3.90
CA LEU C 94 33.45 -12.69 2.75
C LEU C 94 32.35 -12.44 1.73
N LYS C 95 32.63 -12.83 0.50
CA LYS C 95 31.75 -12.54 -0.62
C LYS C 95 32.08 -13.59 -1.67
N PHE C 96 31.15 -14.51 -1.87
CA PHE C 96 31.39 -15.63 -2.75
C PHE C 96 30.92 -15.27 -4.15
N ASN C 97 31.24 -16.12 -5.10
CA ASN C 97 30.69 -16.00 -6.44
C ASN C 97 30.20 -17.37 -6.87
N ASP C 98 29.29 -17.37 -7.85
CA ASP C 98 28.96 -18.60 -8.52
C ASP C 98 30.17 -19.09 -9.30
N ILE C 99 30.40 -20.39 -9.23
CA ILE C 99 31.63 -20.99 -9.74
C ILE C 99 31.26 -21.91 -10.88
N LYS C 100 31.30 -21.41 -12.10
CA LYS C 100 31.00 -22.24 -13.26
C LYS C 100 32.25 -23.04 -13.62
N LEU C 101 32.05 -24.05 -14.46
CA LEU C 101 33.12 -25.01 -14.76
C LEU C 101 34.22 -24.34 -15.57
N SER C 102 35.44 -24.82 -15.38
CA SER C 102 36.59 -24.20 -16.01
C SER C 102 37.25 -25.08 -17.06
N ASN C 103 37.46 -26.36 -16.77
CA ASN C 103 38.25 -27.18 -17.67
C ASN C 103 37.39 -27.96 -18.65
N LEU C 104 36.52 -27.26 -19.37
CA LEU C 104 35.81 -27.91 -20.45
C LEU C 104 36.71 -28.16 -21.64
N ALA C 105 37.86 -27.46 -21.70
CA ALA C 105 38.83 -27.68 -22.76
C ALA C 105 39.44 -29.06 -22.68
N GLU C 106 39.94 -29.44 -21.51
CA GLU C 106 40.64 -30.71 -21.40
C GLU C 106 39.68 -31.88 -21.25
N LEU C 107 38.46 -31.63 -20.78
CA LEU C 107 37.50 -32.72 -20.70
C LEU C 107 36.96 -33.07 -22.08
N GLU C 108 37.07 -32.15 -23.03
CA GLU C 108 36.75 -32.52 -24.40
C GLU C 108 37.93 -33.15 -25.13
N THR C 109 39.12 -33.16 -24.53
CA THR C 109 40.21 -33.91 -25.13
C THR C 109 40.00 -35.40 -24.95
N PHE C 110 39.32 -35.80 -23.88
CA PHE C 110 38.98 -37.19 -23.65
C PHE C 110 37.73 -37.60 -24.40
N ASN C 111 37.07 -36.64 -25.07
CA ASN C 111 35.80 -36.82 -25.76
C ASN C 111 34.73 -37.36 -24.82
N VAL C 112 34.79 -36.95 -23.57
CA VAL C 112 33.71 -37.20 -22.63
C VAL C 112 32.91 -35.92 -22.52
N SER C 113 31.72 -36.04 -21.96
CA SER C 113 30.82 -34.91 -21.82
C SER C 113 31.25 -34.04 -20.63
N SER C 114 30.37 -33.17 -20.17
CA SER C 114 30.60 -32.50 -18.91
C SER C 114 29.96 -33.21 -17.74
N THR C 115 28.97 -34.05 -17.99
CA THR C 115 28.20 -34.67 -16.93
C THR C 115 27.81 -36.09 -17.31
N GLU C 116 27.60 -36.91 -16.31
CA GLU C 116 27.17 -38.29 -16.47
C GLU C 116 25.74 -38.44 -15.99
N VAL C 117 25.17 -39.62 -16.21
CA VAL C 117 23.86 -39.95 -15.66
C VAL C 117 24.01 -41.18 -14.78
N LYS C 118 23.42 -41.12 -13.60
CA LYS C 118 23.61 -42.16 -12.60
C LYS C 118 22.32 -42.94 -12.46
N PHE C 119 22.33 -44.22 -12.89
CA PHE C 119 21.19 -45.09 -12.75
C PHE C 119 21.27 -45.71 -11.37
N GLU C 120 20.27 -45.46 -10.54
CA GLU C 120 20.36 -45.80 -9.14
C GLU C 120 18.94 -45.98 -8.63
N ASN C 121 18.71 -47.00 -7.79
CA ASN C 121 17.34 -47.38 -7.51
C ASN C 121 17.10 -47.58 -6.02
N THR C 122 15.86 -47.91 -5.71
CA THR C 122 15.42 -48.22 -4.35
C THR C 122 14.84 -49.62 -4.34
N ILE C 123 15.20 -50.41 -3.35
CA ILE C 123 14.64 -51.73 -3.17
C ILE C 123 13.76 -51.70 -1.92
N ASN C 124 12.51 -52.09 -2.08
CA ASN C 124 11.62 -52.24 -0.94
C ASN C 124 12.10 -53.40 -0.09
N ARG C 125 12.39 -53.14 1.18
CA ARG C 125 12.96 -54.17 2.03
C ARG C 125 11.96 -55.22 2.46
N LYS C 126 10.67 -55.02 2.21
CA LYS C 126 9.69 -56.07 2.42
C LYS C 126 9.44 -56.90 1.18
N THR C 127 9.21 -56.24 0.04
CA THR C 127 8.70 -56.90 -1.15
C THR C 127 9.71 -57.07 -2.27
N ALA C 128 10.90 -56.47 -2.15
CA ALA C 128 11.91 -56.40 -3.20
C ALA C 128 11.36 -55.81 -4.49
N VAL C 129 10.48 -54.85 -4.37
CA VAL C 129 9.96 -54.15 -5.53
C VAL C 129 10.86 -52.96 -5.79
N ALA C 130 11.49 -52.94 -6.95
CA ALA C 130 12.49 -51.94 -7.24
C ALA C 130 11.81 -50.62 -7.60
N ASN C 131 12.58 -49.54 -7.52
CA ASN C 131 12.14 -48.26 -8.06
C ASN C 131 13.32 -47.47 -8.57
N PRO C 132 13.46 -47.35 -9.88
CA PRO C 132 14.66 -46.72 -10.46
C PRO C 132 14.51 -45.22 -10.55
N ARG C 133 15.64 -44.53 -10.57
CA ARG C 133 15.68 -43.11 -10.88
C ARG C 133 17.01 -42.76 -11.50
N GLN C 134 17.04 -41.67 -12.22
CA GLN C 134 18.24 -41.24 -12.89
C GLN C 134 18.65 -39.88 -12.36
N ILE C 135 19.92 -39.78 -12.01
CA ILE C 135 20.49 -38.58 -11.43
C ILE C 135 21.64 -38.14 -12.32
N GLU C 136 21.64 -36.87 -12.69
CA GLU C 136 22.70 -36.29 -13.47
C GLU C 136 23.72 -35.70 -12.53
N ARG C 137 25.00 -35.99 -12.78
CA ARG C 137 26.04 -35.43 -11.93
C ARG C 137 27.29 -35.23 -12.76
N VAL C 138 28.23 -34.47 -12.19
CA VAL C 138 29.33 -33.94 -12.96
C VAL C 138 30.48 -34.95 -13.00
N ILE C 139 31.14 -35.01 -14.15
CA ILE C 139 32.21 -35.98 -14.35
C ILE C 139 33.40 -35.65 -13.46
N ALA C 140 33.85 -36.66 -12.71
CA ALA C 140 34.96 -36.55 -11.79
C ALA C 140 36.24 -36.17 -12.52
N GLY C 141 37.02 -35.31 -11.90
CA GLY C 141 38.15 -34.69 -12.55
C GLY C 141 37.87 -33.33 -13.11
N SER C 142 36.66 -32.81 -12.94
CA SER C 142 36.34 -31.47 -13.39
C SER C 142 36.92 -30.43 -12.45
N LYS C 143 37.42 -29.35 -13.01
CA LYS C 143 38.10 -28.31 -12.25
C LYS C 143 37.27 -27.03 -12.32
N PHE C 144 37.00 -26.44 -11.17
CA PHE C 144 36.22 -25.22 -11.09
C PHE C 144 37.13 -24.12 -10.58
N ASP C 145 37.27 -23.03 -11.33
CA ASP C 145 38.01 -21.87 -10.81
C ASP C 145 37.08 -20.99 -10.01
N PHE C 146 37.37 -20.85 -8.73
CA PHE C 146 36.58 -20.03 -7.83
C PHE C 146 37.38 -18.83 -7.36
N GLU C 147 36.66 -17.77 -7.01
CA GLU C 147 37.27 -16.51 -6.59
C GLU C 147 36.46 -15.93 -5.44
N ILE C 148 37.12 -15.64 -4.33
CA ILE C 148 36.44 -15.16 -3.13
C ILE C 148 37.01 -13.80 -2.79
N PHE C 149 36.13 -12.83 -2.54
CA PHE C 149 36.60 -11.52 -2.14
C PHE C 149 36.55 -11.38 -0.63
N TYR C 150 37.58 -10.75 -0.08
CA TYR C 150 37.66 -10.56 1.36
C TYR C 150 37.94 -9.09 1.63
N ASN C 151 37.06 -8.45 2.40
CA ASN C 151 37.18 -7.03 2.69
C ASN C 151 38.26 -6.80 3.75
N LEU C 152 39.43 -6.37 3.29
CA LEU C 152 40.49 -6.02 4.23
C LEU C 152 40.12 -4.72 4.91
N ASP C 153 39.64 -4.80 6.15
CA ASP C 153 39.34 -3.61 6.91
C ASP C 153 40.08 -3.55 8.24
N ASP C 154 40.38 -4.69 8.85
CA ASP C 154 41.14 -4.76 10.08
C ASP C 154 42.52 -5.31 9.79
N ILE C 155 43.41 -5.18 10.77
CA ILE C 155 44.75 -5.76 10.66
C ILE C 155 44.96 -6.86 11.68
N LYS C 156 44.41 -6.73 12.87
CA LYS C 156 44.61 -7.67 13.96
C LYS C 156 43.99 -9.03 13.69
N GLU C 157 42.95 -9.11 12.86
CA GLU C 157 42.17 -10.32 12.75
C GLU C 157 42.24 -11.02 11.42
N VAL C 158 43.03 -10.53 10.46
CA VAL C 158 43.04 -11.14 9.14
C VAL C 158 43.75 -12.48 9.16
N GLU C 159 44.86 -12.56 9.91
CA GLU C 159 45.53 -13.83 10.10
C GLU C 159 44.65 -14.82 10.84
N LYS C 160 43.85 -14.34 11.79
CA LYS C 160 42.83 -15.17 12.39
C LYS C 160 41.74 -15.53 11.37
N ASP C 161 41.42 -14.59 10.48
CA ASP C 161 40.40 -14.88 9.48
C ASP C 161 40.93 -15.80 8.40
N PHE C 162 42.22 -15.73 8.11
CA PHE C 162 42.70 -16.66 7.10
C PHE C 162 43.19 -17.97 7.68
N GLU C 163 43.25 -18.10 9.00
CA GLU C 163 43.57 -19.41 9.54
C GLU C 163 42.33 -20.30 9.56
N ASN C 164 41.14 -19.69 9.61
CA ASN C 164 39.96 -20.54 9.68
C ASN C 164 39.17 -20.54 8.38
N ILE C 165 39.49 -19.68 7.42
CA ILE C 165 38.99 -19.95 6.07
C ILE C 165 39.81 -21.08 5.43
N LYS C 166 41.09 -21.17 5.78
CA LYS C 166 41.88 -22.31 5.35
C LYS C 166 41.39 -23.56 6.05
N GLN C 167 41.06 -23.47 7.33
CA GLN C 167 40.55 -24.61 8.05
C GLN C 167 39.15 -24.98 7.57
N GLY C 168 38.38 -23.99 7.12
CA GLY C 168 37.10 -24.28 6.51
C GLY C 168 37.23 -25.03 5.21
N PHE C 169 38.18 -24.60 4.37
CA PHE C 169 38.45 -25.32 3.14
C PHE C 169 38.95 -26.74 3.41
N ASP C 170 39.78 -26.88 4.45
CA ASP C 170 40.30 -28.19 4.79
C ASP C 170 39.23 -29.08 5.40
N LEU C 171 38.25 -28.52 6.10
CA LEU C 171 37.15 -29.33 6.61
C LEU C 171 36.24 -29.76 5.49
N LEU C 172 36.03 -28.90 4.50
CA LEU C 172 35.16 -29.28 3.40
C LEU C 172 35.89 -30.20 2.42
N GLU C 173 37.21 -30.29 2.54
CA GLU C 173 37.95 -31.32 1.80
C GLU C 173 37.52 -32.72 2.22
N PHE C 174 37.33 -32.95 3.51
CA PHE C 174 36.94 -34.26 4.01
C PHE C 174 35.44 -34.47 4.03
N ASP C 175 34.69 -33.66 3.31
CA ASP C 175 33.24 -33.78 3.29
C ASP C 175 32.75 -33.63 1.87
N TYR C 176 31.46 -33.82 1.70
CA TYR C 176 30.87 -33.69 0.38
C TYR C 176 30.47 -32.25 0.14
N LEU C 177 29.93 -32.00 -1.05
CA LEU C 177 29.44 -30.68 -1.42
C LEU C 177 28.20 -30.87 -2.30
N GLY C 178 27.03 -30.70 -1.70
CA GLY C 178 25.78 -30.73 -2.44
C GLY C 178 25.29 -32.11 -2.83
N GLY C 179 24.00 -32.30 -2.77
CA GLY C 179 23.39 -33.52 -3.25
C GLY C 179 23.71 -34.74 -2.41
N HIS C 180 23.69 -35.89 -3.08
CA HIS C 180 23.72 -37.19 -2.43
C HIS C 180 25.12 -37.51 -1.91
N GLY C 181 25.52 -36.79 -0.88
CA GLY C 181 26.88 -36.89 -0.41
C GLY C 181 27.12 -38.08 0.48
N THR C 182 26.14 -38.43 1.30
CA THR C 182 26.28 -39.59 2.17
C THR C 182 26.20 -40.90 1.40
N ARG C 183 25.78 -40.86 0.14
CA ARG C 183 25.79 -42.03 -0.73
C ARG C 183 26.96 -41.99 -1.70
N GLY C 184 27.93 -41.12 -1.48
CA GLY C 184 29.10 -41.10 -2.33
C GLY C 184 29.05 -40.17 -3.52
N SER C 185 28.83 -38.89 -3.28
CA SER C 185 28.92 -37.90 -4.34
C SER C 185 29.43 -36.61 -3.75
N GLY C 186 29.97 -35.75 -4.59
CA GLY C 186 30.35 -34.44 -4.15
C GLY C 186 31.67 -34.33 -3.41
N ARG C 187 32.52 -35.35 -3.47
CA ARG C 187 33.81 -35.22 -2.81
C ARG C 187 34.73 -34.35 -3.65
N ILE C 188 35.27 -33.31 -3.03
CA ILE C 188 36.02 -32.28 -3.71
C ILE C 188 37.44 -32.26 -3.17
N ALA C 189 38.25 -31.39 -3.74
CA ALA C 189 39.56 -31.08 -3.21
C ALA C 189 39.93 -29.68 -3.68
N PHE C 190 40.93 -29.08 -3.04
CA PHE C 190 41.36 -27.73 -3.33
C PHE C 190 42.84 -27.75 -3.67
N GLU C 191 43.25 -26.88 -4.58
CA GLU C 191 44.65 -26.73 -4.94
C GLU C 191 44.87 -25.36 -5.55
N ASN C 192 46.15 -25.00 -5.69
CA ASN C 192 46.69 -23.69 -6.13
C ASN C 192 45.94 -22.50 -5.53
N LEU C 193 45.78 -22.55 -4.22
CA LEU C 193 45.16 -21.45 -3.49
C LEU C 193 46.13 -20.27 -3.42
N SER C 194 45.67 -19.11 -3.88
CA SER C 194 46.52 -17.93 -3.90
C SER C 194 45.70 -16.71 -3.51
N VAL C 195 46.33 -15.82 -2.73
CA VAL C 195 45.71 -14.58 -2.30
C VAL C 195 46.44 -13.43 -2.99
N ILE C 196 45.66 -12.48 -3.50
CA ILE C 196 46.22 -11.37 -4.25
C ILE C 196 45.39 -10.14 -3.92
N THR C 197 46.07 -9.05 -3.56
CA THR C 197 45.39 -7.78 -3.30
C THR C 197 44.79 -7.24 -4.57
N ALA C 198 43.56 -6.73 -4.47
CA ALA C 198 42.85 -6.28 -5.65
C ALA C 198 43.48 -5.01 -6.21
N VAL C 199 43.71 -4.01 -5.36
CA VAL C 199 44.39 -2.78 -5.74
C VAL C 199 45.46 -2.49 -4.70
N GLY C 200 46.63 -2.07 -5.16
CA GLY C 200 47.72 -1.85 -4.23
C GLY C 200 48.37 -3.15 -3.80
N ASN C 201 48.94 -3.12 -2.60
CA ASN C 201 49.65 -4.28 -2.06
C ASN C 201 49.67 -4.18 -0.54
N PHE C 202 48.92 -5.07 0.11
CA PHE C 202 49.02 -5.23 1.55
C PHE C 202 50.38 -5.80 1.90
N GLU C 203 50.95 -5.31 3.00
CA GLU C 203 52.32 -5.68 3.33
C GLU C 203 52.41 -7.09 3.91
N LYS C 204 51.39 -7.52 4.65
CA LYS C 204 51.37 -8.87 5.22
C LYS C 204 50.64 -9.81 4.27
N ILE C 205 51.02 -9.76 3.00
CA ILE C 205 50.49 -10.69 2.01
C ILE C 205 51.26 -12.00 1.97
N ASN C 206 52.50 -12.05 2.47
CA ASN C 206 53.26 -13.29 2.43
C ASN C 206 52.76 -14.26 3.48
N THR C 207 52.59 -13.78 4.72
CA THR C 207 52.15 -14.65 5.81
C THR C 207 50.71 -15.12 5.62
N LEU C 208 49.93 -14.41 4.79
CA LEU C 208 48.62 -14.92 4.43
C LEU C 208 48.75 -16.02 3.38
N ASN C 209 49.74 -15.91 2.50
CA ASN C 209 49.81 -16.85 1.40
C ASN C 209 50.33 -18.21 1.86
N GLU C 210 51.20 -18.24 2.87
CA GLU C 210 51.62 -19.54 3.39
C GLU C 210 50.67 -20.07 4.45
N ILE C 211 49.84 -19.21 5.04
CA ILE C 211 48.76 -19.76 5.85
C ILE C 211 47.62 -20.22 4.95
N LEU C 212 47.65 -19.83 3.68
CA LEU C 212 46.63 -20.27 2.73
C LEU C 212 47.05 -21.55 2.01
N GLY C 213 48.28 -21.61 1.53
CA GLY C 213 48.71 -22.74 0.73
C GLY C 213 49.35 -23.85 1.53
N ALA C 214 49.15 -23.82 2.84
CA ALA C 214 49.71 -24.85 3.71
C ALA C 214 48.96 -26.16 3.55
N MET D 1 30.51 20.86 -20.87
CA MET D 1 29.87 21.59 -19.78
C MET D 1 28.81 20.72 -19.14
N LYS D 2 28.30 19.76 -19.90
CA LYS D 2 27.36 18.80 -19.35
C LYS D 2 27.56 17.48 -20.07
N LEU D 3 28.15 16.53 -19.36
CA LEU D 3 28.80 15.38 -19.99
C LEU D 3 27.95 14.13 -19.80
N VAL D 4 28.29 13.09 -20.56
CA VAL D 4 27.58 11.82 -20.53
C VAL D 4 28.60 10.71 -20.33
N ILE D 5 28.46 9.95 -19.24
CA ILE D 5 29.40 8.87 -18.92
C ILE D 5 28.82 7.59 -19.51
N GLU D 6 29.19 7.29 -20.74
CA GLU D 6 28.63 6.16 -21.47
C GLU D 6 29.56 4.96 -21.40
N GLY D 7 29.00 3.81 -21.06
CA GLY D 7 29.76 2.58 -21.07
C GLY D 7 28.83 1.39 -21.01
N THR D 8 29.25 0.36 -20.29
CA THR D 8 28.40 -0.80 -20.07
C THR D 8 28.79 -1.48 -18.76
N ILE D 9 27.91 -2.36 -18.30
CA ILE D 9 28.16 -3.22 -17.15
C ILE D 9 27.85 -4.63 -17.60
N VAL D 10 28.80 -5.53 -17.44
CA VAL D 10 28.51 -6.94 -17.71
C VAL D 10 28.28 -7.65 -16.39
N LEU D 11 27.57 -8.75 -16.46
CA LEU D 11 27.22 -9.55 -15.31
C LEU D 11 27.99 -10.86 -15.36
N LYS D 12 28.75 -11.11 -14.32
CA LYS D 12 29.51 -12.34 -14.28
C LYS D 12 28.91 -13.37 -13.36
N THR D 13 28.09 -12.96 -12.38
CA THR D 13 27.25 -13.88 -11.62
C THR D 13 25.88 -13.25 -11.48
N GLY D 14 24.85 -14.09 -11.43
CA GLY D 14 23.66 -13.85 -10.62
C GLY D 14 22.89 -12.55 -10.74
N MET D 15 22.97 -11.70 -9.71
CA MET D 15 22.31 -10.40 -9.62
C MET D 15 20.77 -10.54 -9.65
N HIS D 16 20.25 -10.79 -8.46
CA HIS D 16 18.86 -10.47 -8.22
C HIS D 16 18.81 -9.06 -7.63
N ILE D 17 17.90 -8.22 -8.13
CA ILE D 17 17.84 -6.82 -7.75
C ILE D 17 16.38 -6.38 -7.75
N GLY D 18 16.08 -5.40 -6.92
CA GLY D 18 14.76 -4.80 -6.98
C GLY D 18 13.69 -5.70 -6.39
N GLY D 19 12.47 -5.41 -6.77
CA GLY D 19 11.42 -6.35 -6.49
C GLY D 19 10.31 -5.87 -5.59
N SER D 20 9.11 -5.83 -6.14
CA SER D 20 7.89 -5.76 -5.35
C SER D 20 7.83 -6.97 -4.44
N SER D 21 7.57 -6.73 -3.16
CA SER D 21 7.55 -7.81 -2.17
C SER D 21 6.14 -8.19 -1.77
N ASP D 22 5.14 -7.95 -2.63
CA ASP D 22 3.76 -8.16 -2.24
C ASP D 22 3.37 -9.63 -2.01
N PHE D 23 3.22 -10.43 -3.07
CA PHE D 23 2.92 -11.85 -2.98
C PHE D 23 2.99 -12.53 -4.33
N SER D 24 3.70 -13.65 -4.42
CA SER D 24 3.74 -14.46 -5.64
C SER D 24 2.51 -15.36 -5.73
N ALA D 25 2.58 -16.35 -6.61
CA ALA D 25 1.66 -17.47 -6.52
C ALA D 25 2.07 -18.35 -5.33
N ILE D 26 1.29 -19.40 -5.09
CA ILE D 26 1.75 -20.42 -4.16
C ILE D 26 2.93 -21.10 -4.81
N GLY D 27 2.67 -21.91 -5.82
CA GLY D 27 3.19 -21.72 -7.13
C GLY D 27 4.68 -21.64 -7.32
N ALA D 28 5.19 -20.45 -7.04
CA ALA D 28 6.22 -19.96 -7.94
C ALA D 28 7.22 -19.04 -7.28
N VAL D 29 7.91 -18.29 -8.13
CA VAL D 29 9.07 -17.52 -7.74
C VAL D 29 8.72 -16.35 -6.84
N ALA D 30 9.38 -16.30 -5.69
CA ALA D 30 9.19 -15.23 -4.73
C ALA D 30 10.29 -14.21 -4.95
N SER D 31 9.94 -12.94 -4.74
CA SER D 31 10.81 -11.78 -4.91
C SER D 31 11.39 -11.73 -6.31
N PRO D 32 10.61 -11.35 -7.30
CA PRO D 32 11.13 -11.23 -8.67
C PRO D 32 12.07 -10.04 -8.79
N VAL D 33 12.87 -10.07 -9.83
CA VAL D 33 13.64 -8.90 -10.21
C VAL D 33 12.69 -7.88 -10.79
N VAL D 34 12.89 -6.61 -10.44
CA VAL D 34 12.06 -5.57 -11.03
C VAL D 34 12.46 -5.38 -12.48
N ARG D 35 11.46 -5.22 -13.34
CA ARG D 35 11.70 -5.01 -14.75
C ARG D 35 11.10 -3.67 -15.16
N ASP D 36 11.42 -3.28 -16.38
CA ASP D 36 10.68 -2.20 -17.01
C ASP D 36 9.29 -2.73 -17.31
N THR D 37 8.26 -2.04 -16.79
CA THR D 37 6.90 -2.50 -16.96
C THR D 37 6.44 -2.39 -18.41
N LEU D 38 7.05 -1.50 -19.19
CA LEU D 38 6.72 -1.43 -20.61
C LEU D 38 7.33 -2.57 -21.40
N THR D 39 8.66 -2.63 -21.43
CA THR D 39 9.36 -3.49 -22.36
C THR D 39 9.69 -4.86 -21.81
N ARG D 40 9.39 -5.10 -20.53
CA ARG D 40 9.66 -6.37 -19.82
C ARG D 40 11.15 -6.74 -19.87
N LEU D 41 12.00 -5.71 -19.81
CA LEU D 41 13.41 -5.90 -19.61
C LEU D 41 13.75 -5.68 -18.15
N PRO D 42 14.46 -6.60 -17.51
CA PRO D 42 14.92 -6.35 -16.14
C PRO D 42 15.98 -5.26 -16.13
N LEU D 43 15.86 -4.33 -15.18
CA LEU D 43 16.76 -3.19 -15.13
C LEU D 43 17.24 -2.95 -13.71
N ILE D 44 18.38 -2.26 -13.63
CA ILE D 44 18.89 -1.72 -12.37
C ILE D 44 18.43 -0.27 -12.27
N PRO D 45 18.00 0.18 -11.10
CA PRO D 45 17.65 1.59 -10.96
C PRO D 45 18.90 2.45 -10.97
N GLY D 46 18.70 3.75 -11.07
CA GLY D 46 19.79 4.64 -10.72
C GLY D 46 20.09 4.60 -9.23
N SER D 47 19.07 4.29 -8.42
CA SER D 47 19.22 4.36 -6.98
C SER D 47 20.13 3.28 -6.44
N SER D 48 20.00 2.06 -6.97
CA SER D 48 20.84 0.95 -6.53
C SER D 48 22.30 1.20 -6.86
N LEU D 49 22.56 1.62 -8.09
CA LEU D 49 23.93 1.88 -8.52
C LEU D 49 24.52 3.07 -7.79
N LYS D 50 23.74 4.12 -7.58
CA LYS D 50 24.25 5.30 -6.91
C LYS D 50 24.52 5.03 -5.44
N GLY D 51 23.65 4.27 -4.79
CA GLY D 51 23.89 3.93 -3.41
C GLY D 51 25.08 3.02 -3.23
N LYS D 52 25.27 2.07 -4.16
CA LYS D 52 26.43 1.19 -4.04
C LYS D 52 27.72 1.92 -4.38
N MET D 53 27.69 2.83 -5.35
CA MET D 53 28.88 3.64 -5.63
C MET D 53 29.21 4.55 -4.46
N ARG D 54 28.20 5.13 -3.84
CA ARG D 54 28.47 6.06 -2.75
C ARG D 54 28.90 5.33 -1.49
N TYR D 55 28.44 4.09 -1.32
CA TYR D 55 28.87 3.37 -0.13
C TYR D 55 30.33 2.97 -0.21
N LEU D 56 30.76 2.51 -1.38
CA LEU D 56 32.11 1.99 -1.51
C LEU D 56 33.15 3.11 -1.50
N LEU D 57 32.83 4.23 -2.17
CA LEU D 57 33.73 5.38 -2.18
C LEU D 57 33.90 5.96 -0.79
N ALA D 58 32.85 5.93 0.01
CA ALA D 58 32.96 6.45 1.36
C ALA D 58 33.60 5.46 2.30
N LYS D 59 33.82 4.23 1.84
CA LYS D 59 34.75 3.37 2.57
C LYS D 59 36.19 3.70 2.20
N GLU D 60 36.42 4.08 0.95
CA GLU D 60 37.77 4.34 0.49
C GLU D 60 38.20 5.78 0.69
N LEU D 61 37.28 6.72 0.60
CA LEU D 61 37.60 8.12 0.92
C LEU D 61 37.35 8.39 2.39
N ASN D 62 37.88 7.52 3.24
CA ASN D 62 37.84 7.80 4.67
C ASN D 62 39.20 7.79 5.39
N ASN D 63 40.13 6.85 5.18
CA ASN D 63 40.07 5.56 4.47
C ASN D 63 39.75 4.41 5.39
N GLY D 64 39.00 3.44 4.87
CA GLY D 64 38.62 2.32 5.70
C GLY D 64 37.17 2.37 6.14
N ILE D 65 36.95 2.76 7.39
CA ILE D 65 35.65 2.60 8.04
C ILE D 65 34.62 3.55 7.48
N LEU D 66 33.34 3.30 7.79
CA LEU D 66 32.26 4.21 7.46
C LEU D 66 31.12 3.95 8.44
N LEU D 67 31.03 4.78 9.47
CA LEU D 67 29.95 4.71 10.44
C LEU D 67 29.18 6.03 10.47
N ASN D 68 28.84 6.52 9.29
CA ASN D 68 28.50 7.91 9.11
C ASN D 68 27.11 8.04 8.53
N GLU D 69 26.59 9.23 8.57
CA GLU D 69 25.42 9.54 7.79
C GLU D 69 25.85 9.84 6.37
N PRO D 70 24.94 9.76 5.39
CA PRO D 70 25.33 10.07 4.00
C PRO D 70 25.75 11.51 3.79
N ASN D 71 25.32 12.44 4.64
CA ASN D 71 25.64 13.83 4.43
C ASN D 71 27.04 14.17 4.92
N ASN D 72 27.30 14.03 6.21
CA ASN D 72 28.54 14.55 6.77
C ASN D 72 29.67 13.53 6.64
N ASP D 73 30.14 13.34 5.41
CA ASP D 73 31.24 12.40 5.19
C ASP D 73 32.49 13.04 4.60
N GLN D 74 32.38 13.71 3.46
CA GLN D 74 33.57 14.08 2.71
C GLN D 74 33.30 15.40 2.01
N ASP D 75 34.24 15.83 1.18
CA ASP D 75 33.98 16.90 0.24
C ASP D 75 33.86 16.39 -1.18
N GLU D 76 34.68 15.42 -1.55
CA GLU D 76 34.71 14.94 -2.92
C GLU D 76 33.57 13.98 -3.21
N ILE D 77 32.85 13.54 -2.19
CA ILE D 77 31.69 12.69 -2.43
C ILE D 77 30.42 13.53 -2.48
N LEU D 78 30.30 14.50 -1.58
CA LEU D 78 29.18 15.44 -1.60
C LEU D 78 29.17 16.27 -2.86
N ARG D 79 30.36 16.58 -3.38
CA ARG D 79 30.47 17.28 -4.65
C ARG D 79 29.85 16.49 -5.78
N LEU D 80 29.87 15.17 -5.68
CA LEU D 80 29.44 14.31 -6.77
C LEU D 80 28.00 13.85 -6.63
N PHE D 81 27.64 13.40 -5.44
CA PHE D 81 26.38 12.73 -5.23
C PHE D 81 25.35 13.60 -4.52
N GLY D 82 25.72 14.76 -4.04
CA GLY D 82 24.76 15.66 -3.45
C GLY D 82 24.60 15.45 -1.96
N SER D 83 24.13 16.51 -1.31
CA SER D 83 23.89 16.53 0.11
C SER D 83 22.61 17.29 0.33
N SER D 84 22.07 17.22 1.54
CA SER D 84 20.84 17.94 1.83
C SER D 84 20.87 18.53 3.23
N GLU D 85 21.96 19.16 3.59
CA GLU D 85 21.99 19.88 4.87
C GLU D 85 21.23 21.19 4.75
N LYS D 86 21.01 21.84 5.89
CA LYS D 86 20.25 23.08 5.93
C LYS D 86 20.97 24.22 5.22
N ASP D 87 22.28 24.32 5.40
CA ASP D 87 23.04 25.40 4.79
C ASP D 87 24.28 24.93 4.06
N LYS D 88 24.87 23.80 4.44
CA LYS D 88 25.97 23.21 3.70
C LYS D 88 25.37 22.16 2.75
N ILE D 89 24.54 22.66 1.84
CA ILE D 89 23.91 21.84 0.81
C ILE D 89 24.71 21.99 -0.48
N ARG D 90 24.98 20.87 -1.12
CA ARG D 90 25.69 20.87 -2.38
C ARG D 90 24.87 20.13 -3.42
N ARG D 91 24.62 20.79 -4.54
CA ARG D 91 23.87 20.20 -5.63
C ARG D 91 24.64 19.03 -6.21
N ALA D 92 23.91 17.98 -6.54
CA ALA D 92 24.50 16.74 -7.02
C ALA D 92 25.02 16.94 -8.43
N ARG D 93 26.34 16.83 -8.61
CA ARG D 93 26.90 17.00 -9.93
C ARG D 93 26.69 15.77 -10.80
N LEU D 94 26.31 14.65 -10.21
CA LEU D 94 25.94 13.48 -10.99
C LEU D 94 24.43 13.36 -11.10
N LYS D 95 24.02 12.59 -12.10
CA LYS D 95 22.60 12.30 -12.32
C LYS D 95 22.57 10.84 -12.78
N PHE D 96 22.00 9.98 -11.97
CA PHE D 96 21.93 8.59 -12.36
C PHE D 96 20.66 8.31 -13.14
N ASN D 97 20.72 7.26 -13.94
CA ASN D 97 19.74 7.00 -14.97
C ASN D 97 19.30 5.56 -14.83
N ASP D 98 18.09 5.26 -15.27
CA ASP D 98 17.64 3.87 -15.23
C ASP D 98 18.22 3.12 -16.42
N ILE D 99 18.64 1.89 -16.17
CA ILE D 99 19.59 1.21 -17.03
C ILE D 99 18.97 -0.12 -17.41
N LYS D 100 18.43 -0.19 -18.62
CA LYS D 100 17.70 -1.36 -19.06
C LYS D 100 18.60 -2.25 -19.92
N LEU D 101 18.23 -3.52 -20.00
CA LEU D 101 19.03 -4.53 -20.69
C LEU D 101 19.12 -4.25 -22.17
N SER D 102 20.33 -4.36 -22.71
CA SER D 102 20.55 -4.01 -24.10
C SER D 102 20.81 -5.20 -25.00
N ASN D 103 21.56 -6.19 -24.55
CA ASN D 103 21.90 -7.32 -25.42
C ASN D 103 20.91 -8.47 -25.27
N LEU D 104 19.62 -8.17 -25.42
CA LEU D 104 18.63 -9.22 -25.41
C LEU D 104 18.75 -10.11 -26.64
N ALA D 105 19.07 -9.52 -27.79
CA ALA D 105 19.16 -10.28 -29.02
C ALA D 105 20.33 -11.26 -28.99
N GLU D 106 21.42 -10.87 -28.33
CA GLU D 106 22.56 -11.77 -28.20
C GLU D 106 22.24 -12.95 -27.29
N LEU D 107 21.37 -12.74 -26.29
CA LEU D 107 20.88 -13.89 -25.53
C LEU D 107 19.96 -14.74 -26.38
N GLU D 108 19.18 -14.11 -27.25
CA GLU D 108 18.28 -14.87 -28.10
C GLU D 108 19.02 -15.69 -29.13
N THR D 109 20.22 -15.27 -29.53
CA THR D 109 21.05 -16.12 -30.38
C THR D 109 21.53 -17.35 -29.63
N PHE D 110 21.67 -17.25 -28.31
CA PHE D 110 21.92 -18.41 -27.48
C PHE D 110 20.64 -19.07 -27.00
N ASN D 111 19.48 -18.52 -27.38
CA ASN D 111 18.16 -19.12 -27.20
C ASN D 111 17.83 -19.36 -25.72
N VAL D 112 18.09 -18.36 -24.89
CA VAL D 112 17.68 -18.37 -23.49
C VAL D 112 16.99 -17.06 -23.17
N SER D 113 16.12 -17.12 -22.16
CA SER D 113 15.41 -15.94 -21.70
C SER D 113 16.36 -15.07 -20.91
N SER D 114 15.98 -13.81 -20.67
CA SER D 114 16.87 -12.85 -20.05
C SER D 114 16.99 -13.02 -18.54
N THR D 115 16.29 -13.99 -17.96
CA THR D 115 16.41 -14.24 -16.54
C THR D 115 16.16 -15.71 -16.28
N GLU D 116 16.56 -16.16 -15.11
CA GLU D 116 16.34 -17.52 -14.67
C GLU D 116 15.73 -17.49 -13.28
N VAL D 117 15.26 -18.63 -12.81
CA VAL D 117 14.86 -18.80 -11.43
C VAL D 117 15.88 -19.72 -10.77
N LYS D 118 16.40 -19.31 -9.63
CA LYS D 118 17.41 -20.09 -8.95
C LYS D 118 16.81 -20.73 -7.73
N PHE D 119 16.80 -22.04 -7.70
CA PHE D 119 16.27 -22.78 -6.57
C PHE D 119 17.29 -22.74 -5.46
N GLU D 120 16.88 -22.25 -4.31
CA GLU D 120 17.73 -22.24 -3.13
C GLU D 120 16.93 -22.77 -1.96
N ASN D 121 17.63 -23.25 -0.95
CA ASN D 121 16.91 -23.64 0.26
C ASN D 121 17.72 -23.25 1.47
N THR D 122 17.25 -23.70 2.62
CA THR D 122 17.83 -23.39 3.90
C THR D 122 17.70 -24.61 4.78
N ILE D 123 18.78 -25.02 5.41
CA ILE D 123 18.75 -26.18 6.27
C ILE D 123 18.74 -25.73 7.71
N ASN D 124 17.64 -26.03 8.39
CA ASN D 124 17.57 -25.83 9.83
C ASN D 124 18.56 -26.74 10.53
N ARG D 125 19.29 -26.18 11.49
CA ARG D 125 20.27 -26.96 12.23
C ARG D 125 19.63 -27.96 13.17
N LYS D 126 18.40 -27.70 13.65
CA LYS D 126 17.74 -28.63 14.55
C LYS D 126 17.36 -29.91 13.84
N THR D 127 16.80 -29.79 12.65
CA THR D 127 15.99 -30.85 12.07
C THR D 127 16.47 -31.36 10.72
N ALA D 128 17.50 -30.74 10.11
CA ALA D 128 17.96 -31.03 8.75
C ALA D 128 16.84 -30.92 7.73
N VAL D 129 15.94 -29.98 7.96
CA VAL D 129 14.75 -29.82 7.12
C VAL D 129 14.96 -28.61 6.22
N ALA D 130 14.67 -28.79 4.94
CA ALA D 130 14.85 -27.72 3.97
C ALA D 130 13.82 -26.61 4.15
N ASN D 131 14.02 -25.55 3.39
CA ASN D 131 13.05 -24.45 3.26
C ASN D 131 13.28 -23.80 1.91
N PRO D 132 12.68 -24.34 0.86
CA PRO D 132 13.04 -23.92 -0.50
C PRO D 132 12.54 -22.53 -0.84
N ARG D 133 13.44 -21.70 -1.35
CA ARG D 133 13.09 -20.41 -1.91
C ARG D 133 13.42 -20.42 -3.39
N GLN D 134 12.56 -19.83 -4.19
CA GLN D 134 12.81 -19.66 -5.61
C GLN D 134 13.07 -18.17 -5.84
N ILE D 135 14.27 -17.84 -6.28
CA ILE D 135 14.65 -16.44 -6.46
C ILE D 135 14.93 -16.21 -7.94
N GLU D 136 14.24 -15.24 -8.52
CA GLU D 136 14.47 -14.88 -9.90
C GLU D 136 15.60 -13.89 -9.96
N ARG D 137 16.61 -14.20 -10.78
CA ARG D 137 17.71 -13.29 -10.96
C ARG D 137 17.99 -13.24 -12.44
N VAL D 138 18.73 -12.22 -12.87
CA VAL D 138 19.09 -12.16 -14.27
C VAL D 138 20.22 -13.14 -14.54
N ILE D 139 20.51 -13.33 -15.80
CA ILE D 139 21.58 -14.26 -16.14
C ILE D 139 22.91 -13.53 -16.17
N ALA D 140 23.98 -14.29 -16.01
CA ALA D 140 25.29 -13.70 -16.19
C ALA D 140 25.58 -13.53 -17.67
N GLY D 141 26.39 -12.54 -17.99
CA GLY D 141 26.67 -12.23 -19.37
C GLY D 141 25.72 -11.25 -20.00
N SER D 142 24.68 -10.83 -19.30
CA SER D 142 23.85 -9.75 -19.80
C SER D 142 24.57 -8.42 -19.64
N LYS D 143 24.51 -7.59 -20.68
CA LYS D 143 25.17 -6.29 -20.67
C LYS D 143 24.14 -5.22 -20.38
N PHE D 144 24.48 -4.31 -19.48
CA PHE D 144 23.63 -3.19 -19.13
C PHE D 144 24.29 -1.90 -19.60
N ASP D 145 23.89 -1.43 -20.78
CA ASP D 145 24.45 -0.21 -21.34
C ASP D 145 23.89 0.97 -20.57
N PHE D 146 24.76 1.86 -20.12
CA PHE D 146 24.39 2.88 -19.15
C PHE D 146 24.97 4.23 -19.52
N GLU D 147 24.36 5.28 -18.98
CA GLU D 147 24.78 6.65 -19.21
C GLU D 147 24.48 7.50 -17.98
N ILE D 148 25.50 8.17 -17.46
CA ILE D 148 25.41 8.94 -16.24
C ILE D 148 25.78 10.38 -16.54
N PHE D 149 24.91 11.30 -16.20
CA PHE D 149 25.15 12.70 -16.52
C PHE D 149 26.04 13.35 -15.48
N TYR D 150 27.04 14.07 -15.97
CA TYR D 150 27.97 14.81 -15.11
C TYR D 150 27.91 16.28 -15.49
N ASN D 151 27.19 17.06 -14.70
CA ASN D 151 26.86 18.44 -15.09
C ASN D 151 27.99 19.33 -14.61
N LEU D 152 28.94 19.58 -15.51
CA LEU D 152 30.16 20.27 -15.11
C LEU D 152 29.90 21.74 -14.82
N ASP D 153 30.46 22.21 -13.71
CA ASP D 153 30.43 23.63 -13.38
C ASP D 153 31.78 24.24 -13.05
N ASP D 154 32.66 23.52 -12.36
CA ASP D 154 33.97 24.06 -12.02
C ASP D 154 35.07 23.26 -12.70
N ILE D 155 36.09 23.96 -13.19
CA ILE D 155 37.12 23.33 -14.00
C ILE D 155 38.27 22.79 -13.17
N LYS D 156 38.52 23.36 -12.01
CA LYS D 156 39.69 22.98 -11.23
C LYS D 156 39.57 21.62 -10.56
N GLU D 157 38.40 20.98 -10.59
CA GLU D 157 38.24 19.70 -9.93
C GLU D 157 37.65 18.60 -10.80
N VAL D 158 37.61 18.80 -12.12
CA VAL D 158 37.08 17.78 -13.03
C VAL D 158 37.95 16.55 -13.00
N GLU D 159 39.27 16.75 -13.02
CA GLU D 159 40.20 15.64 -13.08
C GLU D 159 40.15 14.82 -11.81
N LYS D 160 40.06 15.48 -10.65
CA LYS D 160 39.93 14.77 -9.40
C LYS D 160 38.61 14.03 -9.32
N ASP D 161 37.52 14.66 -9.78
CA ASP D 161 36.21 14.00 -9.74
C ASP D 161 36.16 12.77 -10.62
N PHE D 162 36.73 12.87 -11.82
CA PHE D 162 36.70 11.72 -12.71
C PHE D 162 37.66 10.63 -12.27
N GLU D 163 38.79 10.97 -11.66
CA GLU D 163 39.66 9.88 -11.23
C GLU D 163 39.11 9.20 -9.99
N ASN D 164 38.38 9.92 -9.12
CA ASN D 164 37.78 9.20 -8.02
C ASN D 164 36.50 8.47 -8.45
N ILE D 165 35.84 8.90 -9.52
CA ILE D 165 34.73 8.08 -10.00
C ILE D 165 35.27 6.85 -10.72
N LYS D 166 36.46 6.93 -11.30
CA LYS D 166 37.09 5.75 -11.86
C LYS D 166 37.45 4.77 -10.77
N GLN D 167 37.99 5.26 -9.66
CA GLN D 167 38.29 4.33 -8.60
C GLN D 167 37.02 3.85 -7.91
N GLY D 168 35.94 4.60 -8.01
CA GLY D 168 34.65 4.09 -7.57
C GLY D 168 34.16 2.94 -8.43
N PHE D 169 34.35 3.05 -9.73
CA PHE D 169 33.97 1.95 -10.62
C PHE D 169 34.83 0.72 -10.41
N ASP D 170 36.14 0.89 -10.34
CA ASP D 170 36.97 -0.30 -10.16
C ASP D 170 36.94 -0.81 -8.72
N LEU D 171 36.40 -0.02 -7.80
CA LEU D 171 36.10 -0.54 -6.48
C LEU D 171 34.80 -1.34 -6.49
N LEU D 172 33.83 -0.90 -7.30
CA LEU D 172 32.58 -1.66 -7.43
C LEU D 172 32.79 -2.93 -8.24
N GLU D 173 33.85 -2.97 -9.05
CA GLU D 173 34.22 -4.19 -9.76
C GLU D 173 34.51 -5.35 -8.81
N PHE D 174 35.00 -5.05 -7.62
CA PHE D 174 35.28 -6.07 -6.63
C PHE D 174 34.20 -6.16 -5.57
N ASP D 175 32.97 -5.87 -5.91
CA ASP D 175 31.87 -6.10 -4.98
C ASP D 175 30.60 -6.38 -5.76
N TYR D 176 29.59 -6.86 -5.04
CA TYR D 176 28.37 -7.21 -5.71
C TYR D 176 27.52 -5.97 -5.95
N LEU D 177 26.45 -6.14 -6.73
CA LEU D 177 25.54 -5.05 -7.04
C LEU D 177 24.12 -5.50 -6.73
N GLY D 178 23.71 -5.31 -5.48
CA GLY D 178 22.34 -5.55 -5.09
C GLY D 178 21.96 -7.00 -4.91
N GLY D 179 21.13 -7.25 -3.93
CA GLY D 179 20.60 -8.59 -3.73
C GLY D 179 21.59 -9.50 -3.04
N HIS D 180 21.34 -10.79 -3.21
CA HIS D 180 22.01 -11.83 -2.43
C HIS D 180 23.46 -11.98 -2.90
N GLY D 181 24.25 -10.96 -2.56
CA GLY D 181 25.58 -10.88 -3.13
C GLY D 181 26.56 -11.79 -2.43
N THR D 182 26.53 -11.80 -1.10
CA THR D 182 27.45 -12.64 -0.34
C THR D 182 27.13 -14.12 -0.50
N ARG D 183 25.95 -14.45 -0.97
CA ARG D 183 25.64 -15.81 -1.39
C ARG D 183 26.04 -16.06 -2.83
N GLY D 184 26.82 -15.17 -3.42
CA GLY D 184 27.31 -15.44 -4.75
C GLY D 184 26.41 -14.95 -5.86
N SER D 185 26.10 -13.66 -5.86
CA SER D 185 25.39 -13.07 -6.98
C SER D 185 25.84 -11.63 -7.11
N GLY D 186 25.52 -11.02 -8.23
CA GLY D 186 25.69 -9.60 -8.37
C GLY D 186 27.08 -9.11 -8.71
N ARG D 187 28.02 -9.98 -9.05
CA ARG D 187 29.35 -9.50 -9.35
C ARG D 187 29.36 -8.86 -10.73
N ILE D 188 29.92 -7.67 -10.81
CA ILE D 188 29.88 -6.86 -12.02
C ILE D 188 31.28 -6.44 -12.40
N ALA D 189 31.47 -6.18 -13.69
CA ALA D 189 32.71 -5.65 -14.22
C ALA D 189 32.35 -4.64 -15.30
N PHE D 190 33.05 -3.52 -15.30
CA PHE D 190 32.72 -2.39 -16.17
C PHE D 190 33.59 -2.43 -17.40
N GLU D 191 33.00 -2.14 -18.55
CA GLU D 191 33.75 -2.09 -19.79
C GLU D 191 33.39 -0.84 -20.57
N ASN D 192 34.24 -0.57 -21.56
CA ASN D 192 34.13 0.49 -22.58
C ASN D 192 33.61 1.82 -22.02
N LEU D 193 34.20 2.23 -20.92
CA LEU D 193 33.85 3.50 -20.29
C LEU D 193 34.37 4.65 -21.12
N SER D 194 33.52 5.63 -21.36
CA SER D 194 33.89 6.79 -22.13
C SER D 194 32.99 7.94 -21.73
N VAL D 195 33.47 9.16 -21.98
CA VAL D 195 32.69 10.35 -21.70
C VAL D 195 32.66 11.22 -22.95
N ILE D 196 31.47 11.73 -23.27
CA ILE D 196 31.23 12.44 -24.53
C ILE D 196 30.40 13.67 -24.20
N THR D 197 30.75 14.79 -24.84
CA THR D 197 30.13 16.07 -24.53
C THR D 197 28.67 16.15 -24.97
N ALA D 198 27.98 17.17 -24.49
CA ALA D 198 26.61 17.41 -24.91
C ALA D 198 26.55 17.88 -26.35
N VAL D 199 27.07 19.08 -26.62
CA VAL D 199 27.14 19.63 -27.97
C VAL D 199 28.55 20.15 -28.19
N GLY D 200 29.10 19.86 -29.36
CA GLY D 200 30.48 20.21 -29.64
C GLY D 200 31.45 19.37 -28.83
N ASN D 201 32.64 19.92 -28.62
CA ASN D 201 33.68 19.29 -27.81
C ASN D 201 34.07 20.35 -26.77
N PHE D 202 34.12 19.94 -25.51
CA PHE D 202 34.35 20.94 -24.49
C PHE D 202 35.80 21.38 -24.42
N GLU D 203 36.64 20.58 -23.74
CA GLU D 203 38.08 20.74 -23.55
C GLU D 203 38.48 19.63 -22.60
N LYS D 204 39.74 19.18 -22.64
CA LYS D 204 40.37 18.21 -21.72
C LYS D 204 39.58 16.91 -21.54
N ILE D 205 38.73 16.59 -22.52
CA ILE D 205 38.03 15.31 -22.55
C ILE D 205 38.96 14.16 -22.83
N ASN D 206 40.16 14.43 -23.33
CA ASN D 206 41.11 13.36 -23.56
C ASN D 206 41.74 12.90 -22.25
N THR D 207 42.06 13.83 -21.36
CA THR D 207 42.61 13.46 -20.05
C THR D 207 41.57 12.71 -19.22
N LEU D 208 40.33 13.17 -19.28
CA LEU D 208 39.23 12.46 -18.63
C LEU D 208 38.99 11.10 -19.26
N ASN D 209 39.07 11.02 -20.58
CA ASN D 209 38.75 9.76 -21.26
C ASN D 209 39.89 8.76 -21.15
N GLU D 210 41.08 9.23 -20.77
CA GLU D 210 42.16 8.30 -20.47
C GLU D 210 42.18 7.93 -19.00
N ILE D 211 41.75 8.83 -18.11
CA ILE D 211 41.68 8.42 -16.71
C ILE D 211 40.45 7.56 -16.49
N LEU D 212 39.45 7.69 -17.36
CA LEU D 212 38.27 6.85 -17.25
C LEU D 212 38.48 5.50 -17.94
N GLY D 213 38.94 5.53 -19.18
CA GLY D 213 39.21 4.31 -19.92
C GLY D 213 40.55 3.70 -19.59
N ALA D 214 40.82 3.47 -18.31
CA ALA D 214 42.08 2.90 -17.87
C ALA D 214 42.04 1.37 -17.93
N THR F 1 -11.25 -16.06 -21.22
CA THR F 1 -11.78 -15.80 -19.89
C THR F 1 -13.08 -16.52 -19.60
N GLU F 2 -13.37 -17.57 -20.35
CA GLU F 2 -14.60 -18.32 -20.10
C GLU F 2 -14.32 -19.74 -19.62
N LEU F 3 -13.66 -20.56 -20.43
CA LEU F 3 -13.17 -21.91 -20.11
C LEU F 3 -14.29 -22.79 -19.52
N LYS F 4 -15.25 -23.12 -20.37
CA LYS F 4 -16.26 -24.10 -20.00
C LYS F 4 -15.62 -25.47 -19.93
N ILE F 5 -15.28 -25.94 -18.72
CA ILE F 5 -14.42 -27.11 -18.63
C ILE F 5 -15.18 -28.44 -18.73
N GLY F 6 -16.03 -28.79 -17.76
CA GLY F 6 -16.83 -29.99 -17.91
C GLY F 6 -18.31 -29.81 -17.62
N ASN F 7 -18.61 -28.91 -16.70
CA ASN F 7 -19.99 -28.63 -16.31
C ASN F 7 -20.31 -27.16 -16.20
N GLU F 8 -19.33 -26.30 -16.00
CA GLU F 8 -19.56 -24.89 -15.81
C GLU F 8 -18.49 -24.08 -16.52
N LYS F 9 -18.75 -22.79 -16.64
CA LYS F 9 -17.85 -21.84 -17.27
C LYS F 9 -17.20 -21.02 -16.16
N VAL F 10 -15.87 -21.02 -16.12
CA VAL F 10 -15.13 -20.41 -15.01
C VAL F 10 -14.38 -19.16 -15.49
N ASN F 11 -14.93 -18.01 -15.16
CA ASN F 11 -14.24 -16.76 -15.47
C ASN F 11 -13.39 -16.38 -14.26
N SER F 12 -12.83 -15.18 -14.27
CA SER F 12 -12.08 -14.73 -13.11
C SER F 12 -12.98 -14.14 -12.02
N THR F 13 -14.07 -14.83 -11.73
CA THR F 13 -15.01 -14.50 -10.68
C THR F 13 -15.52 -15.73 -9.95
N ASN F 14 -15.52 -16.91 -10.60
CA ASN F 14 -16.15 -18.09 -10.01
C ASN F 14 -15.29 -19.34 -10.22
N PHE F 15 -14.00 -19.24 -9.98
CA PHE F 15 -13.24 -20.49 -10.07
C PHE F 15 -12.72 -20.97 -8.73
N GLY F 16 -12.32 -20.06 -7.84
CA GLY F 16 -11.79 -20.47 -6.56
C GLY F 16 -12.84 -21.13 -5.70
N ASP F 17 -14.09 -20.67 -5.80
CA ASP F 17 -15.19 -21.35 -5.13
C ASP F 17 -15.49 -22.69 -5.80
N PHE F 18 -15.27 -22.78 -7.12
CA PHE F 18 -15.44 -24.06 -7.79
C PHE F 18 -14.37 -25.06 -7.35
N ALA F 19 -13.12 -24.62 -7.25
CA ALA F 19 -12.05 -25.48 -6.77
C ALA F 19 -12.30 -25.89 -5.32
N GLU F 20 -12.79 -24.94 -4.51
CA GLU F 20 -13.17 -25.22 -3.13
C GLU F 20 -14.25 -26.28 -3.05
N LYS F 21 -15.28 -26.17 -3.90
CA LYS F 21 -16.35 -27.16 -3.91
C LYS F 21 -15.86 -28.51 -4.38
N ALA F 22 -14.95 -28.52 -5.37
CA ALA F 22 -14.46 -29.78 -5.92
C ALA F 22 -13.62 -30.54 -4.91
N ILE F 23 -12.75 -29.82 -4.19
CA ILE F 23 -11.95 -30.47 -3.15
C ILE F 23 -12.81 -30.87 -1.98
N ARG F 24 -13.79 -30.03 -1.62
CA ARG F 24 -14.70 -30.37 -0.54
C ARG F 24 -15.57 -31.57 -0.91
N GLY F 25 -15.83 -31.77 -2.20
CA GLY F 25 -16.42 -33.01 -2.65
C GLY F 25 -15.46 -34.16 -2.62
N ILE F 26 -14.16 -33.88 -2.71
CA ILE F 26 -13.20 -34.99 -2.66
C ILE F 26 -13.01 -35.48 -1.23
N ASN F 27 -12.72 -34.58 -0.28
CA ASN F 27 -12.33 -35.01 1.04
C ASN F 27 -13.52 -35.33 1.94
N HIS F 28 -14.74 -35.30 1.40
CA HIS F 28 -15.88 -35.96 2.04
C HIS F 28 -16.44 -37.13 1.25
N LYS F 29 -16.04 -37.32 0.00
CA LYS F 29 -16.38 -38.51 -0.78
C LYS F 29 -15.11 -39.03 -1.44
N PRO F 30 -14.25 -39.69 -0.68
CA PRO F 30 -12.89 -39.97 -1.15
C PRO F 30 -12.84 -41.16 -2.08
N PHE F 31 -11.65 -41.39 -2.62
CA PHE F 31 -11.45 -42.47 -3.57
C PHE F 31 -11.26 -43.79 -2.84
N VAL F 32 -12.08 -44.77 -3.19
CA VAL F 32 -11.93 -46.12 -2.69
C VAL F 32 -11.00 -46.90 -3.61
N ASN F 33 -9.96 -47.49 -3.02
CA ASN F 33 -8.96 -48.14 -3.84
C ASN F 33 -9.48 -49.47 -4.36
N SER F 34 -8.77 -50.03 -5.34
CA SER F 34 -9.09 -51.34 -5.89
C SER F 34 -8.57 -52.48 -5.02
N LYS F 35 -8.15 -52.19 -3.80
CA LYS F 35 -7.57 -53.17 -2.90
C LYS F 35 -8.36 -53.33 -1.62
N GLY F 36 -9.27 -52.42 -1.31
CA GLY F 36 -10.00 -52.45 -0.05
C GLY F 36 -9.45 -51.47 0.96
N GLY F 37 -10.08 -50.31 1.08
CA GLY F 37 -9.64 -49.24 1.94
C GLY F 37 -9.98 -47.90 1.33
N GLU F 38 -9.33 -46.86 1.81
CA GLU F 38 -9.57 -45.52 1.32
C GLU F 38 -8.24 -44.85 0.99
N GLN F 39 -8.19 -44.19 -0.16
CA GLN F 39 -6.93 -43.62 -0.60
C GLN F 39 -7.12 -42.14 -0.88
N LYS F 40 -6.26 -41.35 -0.26
CA LYS F 40 -6.23 -39.91 -0.48
C LYS F 40 -4.97 -39.58 -1.26
N ILE F 41 -5.07 -38.58 -2.13
CA ILE F 41 -3.93 -38.19 -2.95
C ILE F 41 -2.88 -37.50 -2.08
N THR F 42 -1.64 -37.93 -2.22
CA THR F 42 -0.54 -37.43 -1.41
C THR F 42 -0.16 -36.02 -1.85
N THR F 43 0.38 -35.26 -0.89
CA THR F 43 0.78 -33.88 -1.10
C THR F 43 1.88 -33.76 -2.13
N SER F 44 2.75 -34.77 -2.24
CA SER F 44 3.93 -34.66 -3.08
C SER F 44 3.56 -34.67 -4.56
N LYS F 45 2.58 -35.50 -4.95
CA LYS F 45 2.24 -35.57 -6.37
C LYS F 45 1.41 -34.37 -6.82
N ILE F 46 0.52 -33.88 -5.96
CA ILE F 46 -0.25 -32.70 -6.34
C ILE F 46 0.64 -31.47 -6.37
N ARG F 47 1.65 -31.42 -5.51
CA ARG F 47 2.64 -30.36 -5.63
C ARG F 47 3.51 -30.55 -6.86
N GLY F 48 3.78 -31.80 -7.23
CA GLY F 48 4.54 -32.04 -8.45
C GLY F 48 3.80 -31.55 -9.68
N ILE F 49 2.49 -31.76 -9.71
CA ILE F 49 1.61 -31.18 -10.72
C ILE F 49 1.66 -29.66 -10.67
N LEU F 50 1.74 -29.10 -9.44
CA LEU F 50 1.73 -27.66 -9.28
C LEU F 50 2.97 -27.02 -9.91
N GLU F 51 4.17 -27.44 -9.49
CA GLU F 51 5.34 -26.85 -10.16
C GLU F 51 5.51 -27.32 -11.60
N LEU F 52 4.86 -28.41 -12.00
CA LEU F 52 4.79 -28.74 -13.42
C LEU F 52 4.09 -27.66 -14.21
N VAL F 53 3.01 -27.10 -13.65
CA VAL F 53 2.39 -25.93 -14.26
C VAL F 53 3.28 -24.70 -14.11
N ASN F 54 3.91 -24.54 -12.95
CA ASN F 54 4.58 -23.29 -12.60
C ASN F 54 5.80 -23.03 -13.44
N LYS F 55 6.45 -24.07 -13.92
CA LYS F 55 7.68 -23.82 -14.67
C LYS F 55 7.43 -23.27 -16.07
N VAL F 56 6.18 -23.19 -16.53
CA VAL F 56 5.82 -22.35 -17.66
C VAL F 56 4.97 -21.15 -17.22
N TYR F 57 4.37 -21.19 -16.04
CA TYR F 57 3.73 -20.01 -15.49
C TYR F 57 4.74 -18.91 -15.19
N ASN F 58 5.97 -19.29 -14.89
CA ASN F 58 7.03 -18.30 -14.69
C ASN F 58 7.45 -17.67 -16.01
N ARG F 59 7.13 -18.31 -17.13
CA ARG F 59 7.43 -17.70 -18.41
C ARG F 59 6.26 -16.91 -18.97
N VAL F 60 5.03 -17.26 -18.56
CA VAL F 60 3.90 -16.53 -19.08
C VAL F 60 3.73 -15.17 -18.42
N ILE F 61 4.32 -14.95 -17.23
CA ILE F 61 4.18 -13.70 -16.49
C ILE F 61 4.85 -12.55 -17.22
N ASN F 62 6.05 -12.77 -17.75
CA ASN F 62 6.88 -11.71 -18.31
C ASN F 62 6.59 -11.49 -19.79
N THR F 63 5.36 -11.77 -20.22
CA THR F 63 4.95 -11.55 -21.59
C THR F 63 3.88 -10.46 -21.61
N ASN F 64 3.86 -9.70 -22.70
CA ASN F 64 2.87 -8.66 -22.90
C ASN F 64 1.76 -9.08 -23.87
N ASP F 65 2.11 -9.88 -24.87
CA ASP F 65 1.15 -10.29 -25.88
C ASP F 65 0.16 -11.30 -25.32
N VAL F 66 -1.02 -11.38 -25.92
CA VAL F 66 -2.04 -12.31 -25.44
C VAL F 66 -1.92 -13.66 -26.10
N GLU F 67 -1.64 -13.71 -27.39
CA GLU F 67 -1.44 -14.99 -28.06
C GLU F 67 -0.06 -15.50 -27.67
N LEU F 68 -0.01 -16.62 -26.96
CA LEU F 68 1.26 -17.13 -26.48
C LEU F 68 2.06 -17.76 -27.61
N SER F 69 3.39 -17.72 -27.46
CA SER F 69 4.28 -18.22 -28.49
C SER F 69 4.25 -19.75 -28.52
N GLU F 70 4.80 -20.30 -29.60
CA GLU F 70 4.79 -21.75 -29.81
C GLU F 70 5.61 -22.49 -28.78
N ASN F 71 6.61 -21.84 -28.20
CA ASN F 71 7.37 -22.42 -27.09
C ASN F 71 6.45 -22.71 -25.92
N ILE F 72 5.60 -21.73 -25.57
CA ILE F 72 4.73 -21.86 -24.42
C ILE F 72 3.69 -22.95 -24.65
N LEU F 73 3.10 -23.01 -25.85
CA LEU F 73 2.11 -24.03 -26.14
C LEU F 73 2.74 -25.42 -26.21
N ALA F 74 4.00 -25.50 -26.62
CA ALA F 74 4.71 -26.77 -26.58
C ALA F 74 4.86 -27.26 -25.15
N ASP F 75 5.20 -26.34 -24.24
CA ASP F 75 5.29 -26.73 -22.83
C ASP F 75 3.94 -27.08 -22.24
N ILE F 76 2.87 -26.43 -22.72
CA ILE F 76 1.52 -26.77 -22.25
C ILE F 76 1.10 -28.16 -22.71
N ALA F 77 1.36 -28.50 -23.97
CA ALA F 77 1.05 -29.85 -24.45
C ALA F 77 1.88 -30.89 -23.71
N TYR F 78 3.13 -30.54 -23.38
CA TYR F 78 3.95 -31.41 -22.56
C TYR F 78 3.38 -31.59 -21.16
N ILE F 79 2.81 -30.53 -20.59
CA ILE F 79 2.19 -30.64 -19.28
C ILE F 79 0.97 -31.56 -19.36
N LYS F 80 0.24 -31.49 -20.47
CA LYS F 80 -0.92 -32.35 -20.65
C LYS F 80 -0.52 -33.82 -20.73
N VAL F 81 0.56 -34.12 -21.46
CA VAL F 81 0.96 -35.51 -21.56
C VAL F 81 1.59 -36.00 -20.28
N LYS F 82 2.20 -35.11 -19.49
CA LYS F 82 2.73 -35.56 -18.21
C LYS F 82 1.61 -35.80 -17.23
N ILE F 83 0.54 -35.00 -17.30
CA ILE F 83 -0.64 -35.24 -16.49
C ILE F 83 -1.26 -36.58 -16.86
N ALA F 84 -1.28 -36.90 -18.15
CA ALA F 84 -1.75 -38.20 -18.58
C ALA F 84 -0.88 -39.33 -18.07
N TYR F 85 0.44 -39.15 -18.09
CA TYR F 85 1.35 -40.23 -17.71
C TYR F 85 1.30 -40.51 -16.22
N GLU F 86 1.44 -39.45 -15.39
CA GLU F 86 1.29 -39.65 -13.96
C GLU F 86 -0.12 -40.09 -13.60
N SER F 87 -1.11 -39.69 -14.40
CA SER F 87 -2.47 -40.17 -14.18
C SER F 87 -2.58 -41.66 -14.51
N GLY F 88 -1.84 -42.13 -15.52
CA GLY F 88 -1.96 -43.52 -15.92
C GLY F 88 -1.40 -44.49 -14.90
N ARG F 89 -0.33 -44.10 -14.22
CA ARG F 89 0.39 -45.04 -13.36
C ARG F 89 -0.38 -45.34 -12.09
N GLU F 90 -0.93 -44.31 -11.45
CA GLU F 90 -1.73 -44.56 -10.26
C GLU F 90 -3.15 -44.03 -10.47
N PRO F 91 -4.17 -44.81 -10.12
CA PRO F 91 -5.55 -44.38 -10.39
C PRO F 91 -6.04 -43.29 -9.46
N VAL F 92 -5.38 -43.09 -8.33
CA VAL F 92 -5.81 -42.10 -7.35
C VAL F 92 -5.68 -40.71 -7.95
N VAL F 93 -4.51 -40.41 -8.49
CA VAL F 93 -4.31 -39.15 -9.17
C VAL F 93 -5.08 -39.12 -10.49
N LYS F 94 -5.40 -40.30 -11.05
CA LYS F 94 -6.19 -40.35 -12.28
C LYS F 94 -7.59 -39.80 -12.07
N ASP F 95 -8.27 -40.25 -11.05
CA ASP F 95 -9.57 -39.63 -10.84
C ASP F 95 -9.51 -38.36 -9.99
N PHE F 96 -8.33 -37.99 -9.48
CA PHE F 96 -8.16 -36.60 -9.08
C PHE F 96 -8.21 -35.68 -10.29
N ILE F 97 -7.56 -36.07 -11.39
CA ILE F 97 -7.63 -35.27 -12.61
C ILE F 97 -9.02 -35.36 -13.23
N GLN F 98 -9.62 -36.56 -13.21
CA GLN F 98 -10.93 -36.72 -13.81
C GLN F 98 -12.03 -36.09 -12.96
N ARG F 99 -11.78 -35.95 -11.66
CA ARG F 99 -12.82 -35.43 -10.79
C ARG F 99 -12.80 -33.91 -10.76
N THR F 100 -11.64 -33.32 -10.51
CA THR F 100 -11.42 -31.89 -10.71
C THR F 100 -10.73 -31.76 -12.05
N ALA F 101 -11.45 -31.31 -13.06
CA ALA F 101 -10.99 -31.49 -14.43
C ALA F 101 -9.82 -30.58 -14.79
N PHE F 102 -8.59 -31.04 -14.56
CA PHE F 102 -7.47 -30.38 -15.20
C PHE F 102 -7.48 -30.58 -16.71
N THR F 103 -7.79 -31.80 -17.16
CA THR F 103 -7.57 -32.15 -18.56
C THR F 103 -8.51 -31.38 -19.49
N ALA F 104 -9.75 -31.19 -19.08
CA ALA F 104 -10.66 -30.34 -19.85
C ALA F 104 -10.24 -28.89 -19.76
N ALA F 105 -9.78 -28.46 -18.58
CA ALA F 105 -9.27 -27.10 -18.43
C ALA F 105 -8.03 -26.88 -19.26
N ILE F 106 -7.14 -27.88 -19.30
CA ILE F 106 -5.88 -27.63 -19.98
C ILE F 106 -6.10 -27.73 -21.49
N THR F 107 -7.10 -28.50 -21.93
CA THR F 107 -7.38 -28.52 -23.36
C THR F 107 -8.22 -27.31 -23.79
N ASP F 108 -8.92 -26.68 -22.86
CA ASP F 108 -9.53 -25.40 -23.19
C ASP F 108 -8.48 -24.32 -23.29
N VAL F 109 -7.41 -24.44 -22.50
CA VAL F 109 -6.25 -23.58 -22.71
C VAL F 109 -5.62 -23.87 -24.07
N MET F 110 -5.58 -25.14 -24.46
CA MET F 110 -5.09 -25.50 -25.78
C MET F 110 -6.03 -25.06 -26.90
N ASN F 111 -7.27 -24.71 -26.57
CA ASN F 111 -8.16 -24.23 -27.61
C ASN F 111 -8.10 -22.71 -27.73
N GLN F 112 -8.24 -22.00 -26.61
CA GLN F 112 -8.27 -20.54 -26.65
C GLN F 112 -6.90 -19.98 -27.00
N ARG F 113 -5.83 -20.60 -26.47
CA ARG F 113 -4.43 -20.30 -26.80
C ARG F 113 -4.09 -18.84 -26.51
N THR F 114 -4.63 -18.33 -25.42
CA THR F 114 -4.45 -16.94 -25.05
C THR F 114 -3.79 -16.86 -23.69
N ARG F 115 -3.10 -15.73 -23.45
CA ARG F 115 -2.38 -15.52 -22.21
C ARG F 115 -3.30 -15.55 -21.01
N GLU F 116 -4.41 -14.80 -21.09
CA GLU F 116 -5.30 -14.66 -19.94
C GLU F 116 -5.98 -15.97 -19.60
N SER F 117 -6.21 -16.82 -20.61
CA SER F 117 -6.77 -18.14 -20.36
C SER F 117 -5.81 -19.01 -19.58
N PHE F 118 -4.52 -18.95 -19.92
CA PHE F 118 -3.56 -19.75 -19.17
C PHE F 118 -3.35 -19.18 -17.76
N LEU F 119 -3.39 -17.86 -17.63
CA LEU F 119 -3.36 -17.29 -16.28
C LEU F 119 -4.54 -17.73 -15.46
N LEU F 120 -5.74 -17.73 -16.03
CA LEU F 120 -6.93 -18.20 -15.30
C LEU F 120 -6.77 -19.66 -14.92
N PHE F 121 -6.19 -20.46 -15.82
CA PHE F 121 -5.92 -21.87 -15.51
C PHE F 121 -4.94 -22.00 -14.37
N ALA F 122 -3.90 -21.16 -14.37
CA ALA F 122 -2.88 -21.23 -13.34
C ALA F 122 -3.43 -20.86 -11.98
N ARG F 123 -4.28 -19.81 -11.95
CA ARG F 123 -4.90 -19.44 -10.68
C ARG F 123 -5.87 -20.52 -10.22
N TYR F 124 -6.52 -21.19 -11.17
CA TYR F 124 -7.40 -22.31 -10.84
C TYR F 124 -6.62 -23.46 -10.21
N VAL F 125 -5.46 -23.80 -10.79
CA VAL F 125 -4.69 -24.92 -10.31
C VAL F 125 -4.08 -24.63 -8.94
N GLU F 126 -3.55 -23.40 -8.76
CA GLU F 126 -2.98 -23.07 -7.47
C GLU F 126 -4.05 -22.96 -6.40
N SER F 127 -5.28 -22.57 -6.78
CA SER F 127 -6.35 -22.52 -5.81
C SER F 127 -6.80 -23.91 -5.44
N LEU F 128 -6.67 -24.86 -6.37
CA LEU F 128 -6.85 -26.26 -6.02
C LEU F 128 -5.80 -26.71 -5.02
N ILE F 129 -4.57 -26.25 -5.18
CA ILE F 129 -3.53 -26.54 -4.18
C ILE F 129 -3.90 -25.93 -2.84
N ALA F 130 -4.38 -24.68 -2.88
CA ALA F 130 -4.70 -23.93 -1.68
C ALA F 130 -5.81 -24.58 -0.89
N TYR F 131 -6.93 -24.86 -1.54
CA TYR F 131 -8.05 -25.45 -0.85
C TYR F 131 -7.88 -26.95 -0.66
N PHE F 132 -6.90 -27.57 -1.31
CA PHE F 132 -6.55 -28.92 -0.92
C PHE F 132 -5.78 -28.93 0.39
N LYS F 133 -4.87 -27.97 0.56
CA LYS F 133 -4.16 -27.88 1.82
C LYS F 133 -5.08 -27.40 2.94
N PHE F 134 -6.06 -26.57 2.62
CA PHE F 134 -6.89 -25.99 3.67
C PHE F 134 -7.90 -26.99 4.20
N TYR F 135 -8.86 -27.41 3.38
CA TYR F 135 -9.93 -28.29 3.82
C TYR F 135 -9.45 -29.72 3.82
N GLY F 136 -9.38 -30.31 4.99
CA GLY F 136 -8.97 -31.70 5.15
C GLY F 136 -7.49 -31.95 5.12
N GLY F 137 -6.76 -31.27 4.24
CA GLY F 137 -5.35 -31.53 4.02
C GLY F 137 -4.47 -31.20 5.21
N LYS F 138 -3.57 -32.13 5.52
CA LYS F 138 -2.61 -31.92 6.58
C LYS F 138 -1.61 -30.85 6.16
N ASP F 139 -1.16 -30.06 7.13
CA ASP F 139 -0.45 -28.84 6.83
C ASP F 139 1.03 -28.96 7.15
N THR G 1 10.38 -28.24 -36.13
CA THR G 1 9.03 -28.21 -35.58
C THR G 1 8.04 -28.77 -36.58
N GLU G 2 8.52 -29.57 -37.53
CA GLU G 2 7.69 -30.01 -38.63
C GLU G 2 7.37 -31.50 -38.58
N LEU G 3 8.39 -32.36 -38.69
CA LEU G 3 8.25 -33.83 -38.67
C LEU G 3 7.21 -34.34 -39.68
N LYS G 4 7.50 -34.07 -40.94
CA LYS G 4 6.67 -34.61 -42.01
C LYS G 4 6.96 -36.09 -42.12
N ILE G 5 6.24 -36.90 -41.34
CA ILE G 5 6.69 -38.27 -41.08
C ILE G 5 6.47 -39.19 -42.28
N GLY G 6 5.21 -39.49 -42.62
CA GLY G 6 4.97 -40.24 -43.84
C GLY G 6 3.92 -39.61 -44.73
N ASN G 7 2.98 -38.91 -44.13
CA ASN G 7 1.87 -38.35 -44.89
C ASN G 7 1.50 -36.94 -44.50
N GLU G 8 1.86 -36.51 -43.28
CA GLU G 8 1.35 -35.28 -42.73
C GLU G 8 2.33 -34.69 -41.72
N LYS G 9 1.88 -33.64 -41.05
CA LYS G 9 2.71 -32.82 -40.19
C LYS G 9 2.21 -32.86 -38.74
N VAL G 10 3.12 -33.09 -37.81
CA VAL G 10 2.84 -32.90 -36.40
C VAL G 10 3.85 -31.91 -35.82
N ASN G 11 3.36 -30.76 -35.36
CA ASN G 11 4.25 -29.73 -34.86
C ASN G 11 4.34 -29.82 -33.35
N SER G 12 4.98 -28.82 -32.73
CA SER G 12 5.08 -28.76 -31.28
C SER G 12 3.86 -28.15 -30.63
N THR G 13 2.68 -28.60 -31.03
CA THR G 13 1.44 -28.27 -30.35
C THR G 13 0.56 -29.48 -30.12
N ASN G 14 0.56 -30.46 -31.01
CA ASN G 14 -0.37 -31.57 -30.96
C ASN G 14 0.36 -32.90 -31.04
N PHE G 15 1.63 -32.95 -30.62
CA PHE G 15 2.35 -34.21 -30.59
C PHE G 15 1.73 -35.18 -29.60
N GLY G 16 1.25 -34.66 -28.47
CA GLY G 16 0.51 -35.49 -27.55
C GLY G 16 -0.82 -35.94 -28.11
N ASP G 17 -1.54 -35.06 -28.80
CA ASP G 17 -2.81 -35.44 -29.39
C ASP G 17 -2.61 -36.43 -30.53
N PHE G 18 -1.51 -36.31 -31.27
CA PHE G 18 -1.24 -37.28 -32.33
C PHE G 18 -0.89 -38.64 -31.76
N ALA G 19 -0.09 -38.66 -30.68
CA ALA G 19 0.14 -39.91 -29.97
C ALA G 19 -1.15 -40.47 -29.39
N GLU G 20 -2.03 -39.59 -28.91
CA GLU G 20 -3.30 -40.00 -28.32
C GLU G 20 -4.19 -40.67 -29.34
N LYS G 21 -4.32 -40.08 -30.52
CA LYS G 21 -5.18 -40.67 -31.53
C LYS G 21 -4.52 -41.89 -32.16
N ALA G 22 -3.19 -41.95 -32.19
CA ALA G 22 -2.51 -43.15 -32.68
C ALA G 22 -2.75 -44.34 -31.75
N ILE G 23 -2.58 -44.13 -30.45
CA ILE G 23 -2.83 -45.19 -29.48
C ILE G 23 -4.32 -45.51 -29.41
N ARG G 24 -5.18 -44.49 -29.56
CA ARG G 24 -6.62 -44.71 -29.60
C ARG G 24 -7.00 -45.59 -30.78
N GLY G 25 -6.31 -45.42 -31.90
CA GLY G 25 -6.45 -46.35 -33.00
C GLY G 25 -5.94 -47.74 -32.67
N ILE G 26 -4.85 -47.83 -31.89
CA ILE G 26 -4.29 -49.13 -31.56
C ILE G 26 -5.25 -49.94 -30.69
N ASN G 27 -5.77 -49.34 -29.63
CA ASN G 27 -6.54 -50.14 -28.66
C ASN G 27 -8.01 -50.27 -29.04
N HIS G 28 -8.34 -49.88 -30.27
CA HIS G 28 -9.65 -50.20 -30.83
C HIS G 28 -9.59 -51.22 -31.94
N LYS G 29 -8.48 -51.34 -32.64
CA LYS G 29 -8.19 -52.52 -33.46
C LYS G 29 -6.85 -53.11 -32.99
N PRO G 30 -6.87 -53.81 -31.85
CA PRO G 30 -5.63 -54.40 -31.36
C PRO G 30 -5.19 -55.55 -32.26
N PHE G 31 -3.89 -55.80 -32.25
CA PHE G 31 -3.27 -56.73 -33.18
C PHE G 31 -3.77 -58.14 -32.96
N VAL G 32 -4.46 -58.68 -33.94
CA VAL G 32 -4.87 -60.07 -33.92
C VAL G 32 -3.63 -60.92 -34.02
N ASN G 33 -3.49 -61.88 -33.13
CA ASN G 33 -2.29 -62.70 -33.07
C ASN G 33 -2.16 -63.57 -34.31
N SER G 34 -0.91 -63.86 -34.66
CA SER G 34 -0.60 -64.76 -35.77
C SER G 34 -1.00 -66.19 -35.47
N LYS G 35 -1.13 -66.54 -34.19
CA LYS G 35 -1.72 -67.81 -33.81
C LYS G 35 -3.20 -67.70 -33.51
N GLY G 36 -3.80 -66.52 -33.66
CA GLY G 36 -5.21 -66.37 -33.38
C GLY G 36 -5.44 -65.88 -31.95
N GLY G 37 -5.96 -64.68 -31.81
CA GLY G 37 -6.19 -64.11 -30.49
C GLY G 37 -5.73 -62.67 -30.47
N GLU G 38 -5.85 -62.08 -29.28
CA GLU G 38 -5.52 -60.67 -29.09
C GLU G 38 -4.34 -60.55 -28.15
N GLN G 39 -3.46 -59.59 -28.43
CA GLN G 39 -2.45 -59.19 -27.48
C GLN G 39 -2.21 -57.70 -27.58
N LYS G 40 -1.59 -57.16 -26.54
CA LYS G 40 -1.18 -55.78 -26.46
C LYS G 40 0.34 -55.77 -26.40
N ILE G 41 0.97 -54.64 -26.74
CA ILE G 41 2.38 -54.50 -26.40
C ILE G 41 2.50 -54.42 -24.88
N THR G 42 3.49 -55.11 -24.34
CA THR G 42 3.65 -55.04 -22.90
C THR G 42 4.39 -53.76 -22.52
N THR G 43 4.40 -53.49 -21.22
CA THR G 43 5.00 -52.27 -20.70
C THR G 43 6.53 -52.29 -20.86
N SER G 44 7.15 -53.46 -20.79
CA SER G 44 8.60 -53.52 -20.81
C SER G 44 9.16 -53.24 -22.19
N LYS G 45 8.49 -53.72 -23.24
CA LYS G 45 8.94 -53.47 -24.60
C LYS G 45 8.86 -51.99 -24.93
N ILE G 46 7.74 -51.36 -24.58
CA ILE G 46 7.52 -49.97 -24.91
C ILE G 46 8.39 -49.08 -24.02
N ARG G 47 8.67 -49.53 -22.79
CA ARG G 47 9.59 -48.82 -21.91
C ARG G 47 11.02 -48.92 -22.43
N GLY G 48 11.40 -50.07 -22.98
CA GLY G 48 12.71 -50.19 -23.60
C GLY G 48 12.85 -49.31 -24.81
N ILE G 49 11.75 -49.11 -25.54
CA ILE G 49 11.73 -48.16 -26.66
C ILE G 49 11.99 -46.75 -26.16
N LEU G 50 11.30 -46.36 -25.09
CA LEU G 50 11.53 -45.03 -24.50
C LEU G 50 12.95 -44.86 -23.97
N GLU G 51 13.50 -45.85 -23.28
CA GLU G 51 14.86 -45.74 -22.75
C GLU G 51 15.86 -45.69 -23.88
N LEU G 52 15.56 -46.38 -24.97
CA LEU G 52 16.41 -46.43 -26.13
C LEU G 52 16.49 -45.06 -26.80
N VAL G 53 15.37 -44.33 -26.79
CA VAL G 53 15.41 -42.94 -27.23
C VAL G 53 16.15 -42.05 -26.23
N ASN G 54 15.87 -42.24 -24.95
CA ASN G 54 16.27 -41.23 -23.98
C ASN G 54 17.74 -41.31 -23.62
N LYS G 55 18.40 -42.43 -23.94
CA LYS G 55 19.86 -42.50 -23.88
C LYS G 55 20.48 -41.44 -24.79
N VAL G 56 19.97 -41.32 -26.01
CA VAL G 56 20.40 -40.26 -26.90
C VAL G 56 19.91 -38.88 -26.45
N TYR G 57 18.70 -38.82 -25.90
CA TYR G 57 18.12 -37.53 -25.51
C TYR G 57 18.92 -36.84 -24.43
N ASN G 58 19.46 -37.62 -23.49
CA ASN G 58 20.29 -37.07 -22.42
C ASN G 58 21.54 -36.40 -22.97
N ARG G 59 22.11 -36.97 -24.04
CA ARG G 59 23.29 -36.37 -24.63
C ARG G 59 22.93 -35.17 -25.48
N VAL G 60 21.74 -35.17 -26.08
CA VAL G 60 21.40 -34.09 -27.01
C VAL G 60 21.02 -32.82 -26.26
N ILE G 61 20.33 -32.98 -25.12
CA ILE G 61 19.57 -31.87 -24.51
C ILE G 61 20.47 -30.71 -24.06
N ASN G 62 21.68 -31.01 -23.59
CA ASN G 62 22.52 -30.00 -22.94
C ASN G 62 23.52 -29.35 -23.89
N THR G 63 23.39 -29.59 -25.18
CA THR G 63 24.25 -28.96 -26.18
C THR G 63 23.39 -28.02 -27.01
N ASN G 64 23.68 -26.73 -26.95
CA ASN G 64 22.80 -25.73 -27.53
C ASN G 64 22.79 -25.70 -29.05
N ASP G 65 23.66 -26.45 -29.72
CA ASP G 65 23.80 -26.31 -31.16
C ASP G 65 22.60 -26.88 -31.88
N VAL G 66 22.06 -26.08 -32.81
CA VAL G 66 20.95 -26.55 -33.62
C VAL G 66 21.40 -27.61 -34.60
N GLU G 67 22.66 -27.58 -35.02
CA GLU G 67 23.18 -28.70 -35.78
C GLU G 67 23.40 -29.88 -34.84
N LEU G 68 22.83 -31.03 -35.15
CA LEU G 68 23.12 -32.22 -34.38
C LEU G 68 24.55 -32.68 -34.66
N SER G 69 25.17 -33.25 -33.65
CA SER G 69 26.52 -33.78 -33.79
C SER G 69 26.51 -34.97 -34.76
N GLU G 70 27.63 -35.14 -35.44
CA GLU G 70 27.80 -36.28 -36.34
C GLU G 70 27.82 -37.59 -35.57
N ASN G 71 28.23 -37.53 -34.30
CA ASN G 71 28.16 -38.69 -33.43
C ASN G 71 26.72 -39.03 -33.08
N ILE G 72 25.87 -37.99 -32.95
CA ILE G 72 24.49 -38.20 -32.55
C ILE G 72 23.68 -38.86 -33.65
N LEU G 73 23.89 -38.45 -34.91
CA LEU G 73 23.19 -39.06 -36.04
C LEU G 73 23.52 -40.54 -36.16
N ALA G 74 24.75 -40.90 -35.81
CA ALA G 74 25.12 -42.31 -35.69
C ALA G 74 24.29 -43.00 -34.62
N ASP G 75 24.06 -42.34 -33.49
CA ASP G 75 23.25 -42.96 -32.45
C ASP G 75 21.78 -43.03 -32.84
N ILE G 76 21.33 -42.13 -33.70
CA ILE G 76 19.97 -42.20 -34.21
C ILE G 76 19.85 -43.39 -35.14
N ALA G 77 20.89 -43.64 -35.93
CA ALA G 77 20.94 -44.86 -36.74
C ALA G 77 20.98 -46.10 -35.85
N TYR G 78 21.60 -46.00 -34.68
CA TYR G 78 21.60 -47.14 -33.78
C TYR G 78 20.22 -47.37 -33.16
N ILE G 79 19.47 -46.29 -32.91
CA ILE G 79 18.05 -46.39 -32.55
C ILE G 79 17.29 -47.16 -33.63
N LYS G 80 17.57 -46.82 -34.88
CA LYS G 80 16.92 -47.46 -36.01
C LYS G 80 17.23 -48.96 -36.05
N VAL G 81 18.48 -49.34 -35.80
CA VAL G 81 18.82 -50.76 -35.89
C VAL G 81 18.34 -51.51 -34.65
N LYS G 82 18.21 -50.83 -33.50
CA LYS G 82 17.70 -51.49 -32.31
C LYS G 82 16.21 -51.76 -32.42
N ILE G 83 15.45 -50.79 -32.94
CA ILE G 83 14.02 -51.04 -33.15
C ILE G 83 13.82 -52.01 -34.28
N ALA G 84 14.76 -52.08 -35.23
CA ALA G 84 14.71 -53.12 -36.25
C ALA G 84 14.87 -54.50 -35.65
N TYR G 85 15.79 -54.64 -34.69
CA TYR G 85 15.99 -55.93 -34.04
C TYR G 85 14.77 -56.36 -33.25
N GLU G 86 14.25 -55.47 -32.41
CA GLU G 86 13.09 -55.81 -31.59
C GLU G 86 11.86 -56.02 -32.46
N SER G 87 11.69 -55.18 -33.48
CA SER G 87 10.56 -55.25 -34.39
C SER G 87 10.58 -56.55 -35.19
N GLY G 88 11.78 -56.98 -35.59
CA GLY G 88 11.88 -58.27 -36.26
C GLY G 88 11.73 -59.44 -35.30
N ARG G 89 11.94 -59.20 -34.01
CA ARG G 89 11.78 -60.28 -33.04
C ARG G 89 10.30 -60.65 -32.88
N GLU G 90 9.43 -59.66 -32.68
CA GLU G 90 8.04 -59.96 -32.34
C GLU G 90 7.10 -59.17 -33.25
N PRO G 91 5.92 -59.71 -33.56
CA PRO G 91 5.01 -58.98 -34.45
C PRO G 91 4.27 -57.85 -33.78
N VAL G 92 4.09 -57.89 -32.45
CA VAL G 92 3.36 -56.83 -31.78
C VAL G 92 4.17 -55.54 -31.75
N VAL G 93 5.47 -55.64 -31.54
CA VAL G 93 6.30 -54.45 -31.66
C VAL G 93 6.53 -54.12 -33.12
N LYS G 94 6.36 -55.10 -34.01
CA LYS G 94 6.48 -54.82 -35.44
C LYS G 94 5.38 -53.88 -35.91
N ASP G 95 4.12 -54.18 -35.57
CA ASP G 95 3.11 -53.23 -36.02
C ASP G 95 2.96 -52.05 -35.07
N PHE G 96 3.50 -52.11 -33.86
CA PHE G 96 3.54 -50.88 -33.07
C PHE G 96 4.54 -49.90 -33.64
N ILE G 97 5.67 -50.41 -34.14
CA ILE G 97 6.61 -49.59 -34.89
C ILE G 97 6.00 -49.13 -36.21
N GLN G 98 5.17 -49.98 -36.83
CA GLN G 98 4.57 -49.62 -38.11
C GLN G 98 3.52 -48.53 -37.96
N ARG G 99 2.63 -48.67 -36.97
CA ARG G 99 1.42 -47.86 -36.93
C ARG G 99 1.72 -46.43 -36.52
N THR G 100 2.23 -46.24 -35.31
CA THR G 100 2.86 -44.98 -34.98
C THR G 100 4.11 -44.85 -35.83
N ALA G 101 4.18 -43.82 -36.66
CA ALA G 101 5.18 -43.76 -37.72
C ALA G 101 6.57 -43.51 -37.13
N PHE G 102 7.08 -44.54 -36.46
CA PHE G 102 8.32 -44.46 -35.69
C PHE G 102 9.52 -44.40 -36.62
N THR G 103 9.58 -45.33 -37.57
CA THR G 103 10.67 -45.34 -38.53
C THR G 103 10.61 -44.13 -39.44
N ALA G 104 9.40 -43.70 -39.81
CA ALA G 104 9.26 -42.51 -40.64
C ALA G 104 9.75 -41.26 -39.91
N ALA G 105 9.42 -41.16 -38.61
CA ALA G 105 9.90 -40.05 -37.80
C ALA G 105 11.42 -40.09 -37.64
N ILE G 106 11.99 -41.29 -37.45
CA ILE G 106 13.41 -41.38 -37.22
C ILE G 106 14.18 -41.09 -38.51
N THR G 107 13.62 -41.47 -39.67
CA THR G 107 14.22 -41.08 -40.94
C THR G 107 14.12 -39.57 -41.16
N ASP G 108 13.02 -38.97 -40.71
CA ASP G 108 12.88 -37.53 -40.92
C ASP G 108 13.84 -36.80 -39.98
N VAL G 109 14.15 -37.42 -38.83
CA VAL G 109 15.17 -36.86 -37.93
C VAL G 109 16.56 -36.94 -38.57
N MET G 110 16.86 -38.03 -39.30
CA MET G 110 18.07 -38.03 -40.13
C MET G 110 18.03 -36.92 -41.17
N ASN G 111 16.86 -36.67 -41.76
CA ASN G 111 16.79 -35.74 -42.88
C ASN G 111 16.93 -34.29 -42.41
N GLN G 112 16.30 -33.92 -41.30
CA GLN G 112 16.31 -32.53 -40.87
C GLN G 112 17.64 -32.17 -40.24
N ARG G 113 18.20 -33.08 -39.43
CA ARG G 113 19.49 -32.94 -38.75
C ARG G 113 19.52 -31.70 -37.84
N THR G 114 18.42 -31.47 -37.15
CA THR G 114 18.34 -30.37 -36.20
C THR G 114 17.98 -30.90 -34.83
N ARG G 115 18.44 -30.18 -33.80
CA ARG G 115 18.20 -30.59 -32.43
C ARG G 115 16.72 -30.53 -32.10
N GLU G 116 16.04 -29.47 -32.53
CA GLU G 116 14.63 -29.29 -32.22
C GLU G 116 13.76 -30.35 -32.86
N SER G 117 14.15 -30.86 -34.02
CA SER G 117 13.44 -31.98 -34.63
C SER G 117 13.55 -33.24 -33.76
N PHE G 118 14.76 -33.51 -33.26
CA PHE G 118 14.92 -34.65 -32.36
C PHE G 118 14.16 -34.44 -31.06
N LEU G 119 14.17 -33.22 -30.55
CA LEU G 119 13.50 -32.94 -29.29
C LEU G 119 12.00 -33.15 -29.43
N LEU G 120 11.44 -32.75 -30.57
CA LEU G 120 10.02 -32.95 -30.78
C LEU G 120 9.70 -34.41 -31.06
N PHE G 121 10.64 -35.17 -31.63
CA PHE G 121 10.47 -36.61 -31.74
C PHE G 121 10.43 -37.26 -30.36
N ALA G 122 11.32 -36.84 -29.47
CA ALA G 122 11.31 -37.38 -28.12
C ALA G 122 10.07 -36.96 -27.36
N ARG G 123 9.57 -35.75 -27.66
CA ARG G 123 8.29 -35.29 -27.13
C ARG G 123 7.18 -36.25 -27.52
N TYR G 124 7.17 -36.60 -28.81
CA TYR G 124 6.19 -37.50 -29.38
C TYR G 124 6.25 -38.88 -28.72
N VAL G 125 7.47 -39.41 -28.55
CA VAL G 125 7.62 -40.78 -28.03
C VAL G 125 7.24 -40.84 -26.55
N GLU G 126 7.60 -39.82 -25.78
CA GLU G 126 7.16 -39.85 -24.38
C GLU G 126 5.67 -39.60 -24.26
N SER G 127 5.05 -38.95 -25.25
CA SER G 127 3.59 -38.90 -25.23
C SER G 127 2.97 -40.25 -25.59
N LEU G 128 3.64 -41.04 -26.44
CA LEU G 128 3.20 -42.42 -26.66
C LEU G 128 3.24 -43.23 -25.38
N ILE G 129 4.31 -43.07 -24.59
CA ILE G 129 4.37 -43.77 -23.31
C ILE G 129 3.27 -43.27 -22.38
N ALA G 130 3.00 -41.97 -22.44
CA ALA G 130 2.00 -41.35 -21.57
C ALA G 130 0.60 -41.87 -21.85
N TYR G 131 0.19 -41.85 -23.11
CA TYR G 131 -1.15 -42.30 -23.42
C TYR G 131 -1.25 -43.81 -23.49
N PHE G 132 -0.13 -44.53 -23.58
CA PHE G 132 -0.23 -45.96 -23.43
C PHE G 132 -0.43 -46.33 -21.97
N LYS G 133 0.25 -45.63 -21.07
CA LYS G 133 0.05 -45.92 -19.66
C LYS G 133 -1.29 -45.40 -19.16
N PHE G 134 -1.86 -44.40 -19.83
CA PHE G 134 -3.20 -43.94 -19.47
C PHE G 134 -4.28 -44.95 -19.82
N TYR G 135 -4.00 -45.86 -20.74
CA TYR G 135 -4.94 -46.93 -21.02
C TYR G 135 -4.34 -48.28 -20.63
N MET I 1 -39.98 53.29 41.82
CA MET I 1 -39.23 52.24 42.50
C MET I 1 -38.32 51.55 41.50
N ASP I 2 -37.08 51.31 41.90
CA ASP I 2 -36.11 50.69 41.01
C ASP I 2 -36.44 49.21 40.81
N LYS I 3 -35.81 48.62 39.80
CA LYS I 3 -36.20 47.30 39.31
C LYS I 3 -35.66 46.19 40.21
N ILE I 4 -34.83 46.54 41.20
CA ILE I 4 -34.24 45.57 42.12
C ILE I 4 -35.31 44.85 42.93
N ASN I 5 -36.45 45.53 43.17
CA ASN I 5 -37.57 44.98 43.94
C ASN I 5 -38.12 43.70 43.31
N LEU I 6 -38.40 43.74 42.01
CA LEU I 6 -39.02 42.59 41.37
C LEU I 6 -38.00 41.49 41.11
N VAL I 7 -36.80 41.87 40.67
CA VAL I 7 -35.77 40.90 40.31
C VAL I 7 -35.27 40.17 41.56
N CYS I 8 -35.15 40.89 42.67
CA CYS I 8 -34.84 40.25 43.93
C CYS I 8 -36.09 39.69 44.60
N GLY I 9 -37.28 39.98 44.07
CA GLY I 9 -38.49 39.40 44.60
C GLY I 9 -38.96 38.19 43.82
N SER I 10 -39.05 38.32 42.50
CA SER I 10 -39.62 37.25 41.68
C SER I 10 -38.65 36.10 41.49
N LEU I 11 -37.34 36.39 41.48
CA LEU I 11 -36.37 35.30 41.43
C LEU I 11 -36.28 34.62 42.78
N LEU I 12 -36.40 35.40 43.87
CA LEU I 12 -36.46 34.82 45.20
C LEU I 12 -37.87 34.48 45.63
N HIS I 13 -38.86 34.64 44.75
CA HIS I 13 -40.17 34.03 44.96
C HIS I 13 -40.03 32.52 44.98
N ASN I 14 -40.59 31.90 46.01
CA ASN I 14 -40.73 30.46 46.24
C ASN I 14 -39.36 29.77 46.32
N ILE I 15 -38.27 30.52 46.54
CA ILE I 15 -36.96 29.93 46.83
C ILE I 15 -36.94 29.23 48.18
N GLY I 16 -37.60 29.81 49.19
CA GLY I 16 -37.59 29.25 50.53
C GLY I 16 -38.38 27.97 50.71
N LYS I 17 -38.89 27.39 49.62
CA LYS I 17 -39.53 26.09 49.66
C LYS I 17 -38.51 24.95 49.65
N ILE I 18 -37.21 25.26 49.54
CA ILE I 18 -36.18 24.23 49.49
C ILE I 18 -36.04 23.53 50.84
N ILE I 19 -36.50 24.18 51.91
CA ILE I 19 -36.49 23.59 53.23
C ILE I 19 -37.92 23.30 53.71
N TYR I 20 -38.92 23.68 52.90
CA TYR I 20 -40.31 23.35 53.18
C TYR I 20 -40.52 21.85 53.22
N ARG I 21 -39.83 21.11 52.37
CA ARG I 21 -39.76 19.66 52.56
C ARG I 21 -38.50 19.24 53.30
N GLY I 22 -37.58 20.15 53.51
CA GLY I 22 -36.38 19.93 54.31
C GLY I 22 -36.59 19.99 55.80
N THR I 23 -37.71 20.52 56.27
CA THR I 23 -38.14 20.43 57.66
C THR I 23 -39.56 19.88 57.68
N SER I 24 -40.13 19.78 58.89
CA SER I 24 -41.44 19.19 59.03
C SER I 24 -42.55 20.23 59.12
N GLU I 25 -42.22 21.47 59.46
CA GLU I 25 -43.24 22.51 59.55
C GLU I 25 -43.72 22.92 58.16
N ARG I 26 -45.00 23.27 58.08
CA ARG I 26 -45.68 23.48 56.81
C ARG I 26 -46.40 24.82 56.75
N ALA I 27 -45.72 25.92 57.03
CA ALA I 27 -46.32 27.25 56.89
C ALA I 27 -46.45 27.62 55.41
N LYS I 28 -47.14 28.73 55.13
CA LYS I 28 -47.32 29.22 53.77
C LYS I 28 -45.98 29.56 53.14
N HIS I 29 -45.71 28.96 51.98
CA HIS I 29 -44.37 28.94 51.39
C HIS I 29 -43.90 30.33 50.99
N SER I 30 -44.82 31.16 50.50
CA SER I 30 -44.47 32.54 50.21
C SER I 30 -44.23 33.33 51.49
N LYS I 31 -45.06 33.11 52.50
CA LYS I 31 -44.78 33.68 53.82
C LYS I 31 -43.56 33.05 54.46
N LEU I 32 -43.27 31.78 54.14
CA LEU I 32 -42.05 31.13 54.63
C LEU I 32 -40.82 31.84 54.11
N GLY I 33 -40.81 32.18 52.82
CA GLY I 33 -39.75 32.99 52.27
C GLY I 33 -39.75 34.41 52.84
N GLY I 34 -40.94 34.96 53.10
CA GLY I 34 -41.04 36.29 53.68
C GLY I 34 -40.47 36.41 55.08
N ASP I 35 -40.57 35.34 55.87
CA ASP I 35 -39.98 35.38 57.20
C ASP I 35 -38.54 34.88 57.24
N PHE I 36 -38.15 33.98 56.32
CA PHE I 36 -36.74 33.58 56.24
C PHE I 36 -35.84 34.73 55.82
N ILE I 37 -36.34 35.61 54.93
CA ILE I 37 -35.49 36.65 54.36
C ILE I 37 -35.08 37.69 55.41
N LYS I 38 -35.81 37.78 56.53
CA LYS I 38 -35.33 38.55 57.66
C LYS I 38 -34.15 37.85 58.33
N SER I 39 -34.13 36.51 58.31
CA SER I 39 -33.08 35.75 58.97
C SER I 39 -32.09 35.13 57.99
N PHE I 40 -32.32 35.22 56.69
CA PHE I 40 -31.43 34.59 55.72
C PHE I 40 -30.59 35.63 54.98
N GLU I 41 -31.25 36.60 54.35
CA GLU I 41 -30.53 37.58 53.54
C GLU I 41 -30.02 38.74 54.40
N GLN I 42 -30.95 39.54 54.93
CA GLN I 42 -30.61 40.81 55.56
C GLN I 42 -31.75 41.22 56.48
N PHE I 43 -31.74 42.51 56.85
CA PHE I 43 -32.79 43.20 57.58
C PHE I 43 -33.91 43.64 56.64
N ARG I 44 -34.40 42.74 55.79
CA ARG I 44 -35.14 43.13 54.60
C ARG I 44 -36.51 43.71 54.92
N ASN I 45 -36.85 44.77 54.19
CA ASN I 45 -38.11 45.48 54.39
C ASN I 45 -39.28 44.59 53.97
N THR I 46 -40.35 44.65 54.76
CA THR I 46 -41.54 43.86 54.45
C THR I 46 -42.22 44.32 53.18
N GLU I 47 -42.05 45.61 52.82
CA GLU I 47 -42.65 46.13 51.60
C GLU I 47 -41.92 45.61 50.37
N LEU I 48 -40.61 45.35 50.49
CA LEU I 48 -39.87 44.74 49.40
C LEU I 48 -40.21 43.26 49.26
N THR I 49 -40.60 42.62 50.36
CA THR I 49 -41.06 41.24 50.35
C THR I 49 -42.56 41.13 50.27
N ASP I 50 -43.26 42.25 50.03
CA ASP I 50 -44.68 42.21 49.71
C ASP I 50 -44.92 41.46 48.41
N CYS I 51 -44.08 41.69 47.41
CA CYS I 51 -44.15 40.99 46.14
C CYS I 51 -43.74 39.53 46.24
N ILE I 52 -43.10 39.13 47.33
CA ILE I 52 -42.77 37.73 47.57
C ILE I 52 -43.95 36.97 48.13
N ARG I 53 -44.57 37.48 49.19
CA ARG I 53 -45.44 36.66 50.03
C ARG I 53 -46.92 36.79 49.71
N TYR I 54 -47.30 37.54 48.68
CA TYR I 54 -48.71 37.66 48.30
C TYR I 54 -48.81 37.30 46.81
N HIS I 55 -49.00 36.02 46.53
CA HIS I 55 -48.78 35.50 45.18
C HIS I 55 -50.02 34.79 44.65
N HIS I 56 -51.16 35.06 45.28
CA HIS I 56 -52.43 34.55 44.78
C HIS I 56 -53.54 35.44 45.29
N ALA I 57 -54.73 35.29 44.70
CA ALA I 57 -55.88 36.10 45.09
C ALA I 57 -56.33 35.80 46.52
N GLN I 58 -56.19 34.55 46.95
CA GLN I 58 -56.58 34.21 48.32
C GLN I 58 -55.61 34.75 49.35
N GLU I 59 -54.42 35.17 48.92
CA GLU I 59 -53.42 35.77 49.79
C GLU I 59 -53.23 37.26 49.53
N ILE I 60 -53.84 37.80 48.49
CA ILE I 60 -53.80 39.23 48.20
C ILE I 60 -55.02 39.95 48.77
N THR I 61 -56.19 39.32 48.72
CA THR I 61 -57.41 39.92 49.29
C THR I 61 -57.31 40.09 50.80
N SER I 62 -56.45 39.29 51.45
CA SER I 62 -56.13 39.52 52.85
C SER I 62 -55.40 40.82 53.08
N VAL I 63 -54.65 41.31 52.09
CA VAL I 63 -53.79 42.47 52.26
C VAL I 63 -54.07 43.50 51.18
N LYS I 64 -55.31 43.52 50.69
CA LYS I 64 -55.65 44.35 49.53
C LYS I 64 -55.60 45.85 49.82
N SER I 65 -55.95 46.27 51.04
CA SER I 65 -56.08 47.69 51.35
C SER I 65 -55.01 48.24 52.28
N ASN I 66 -54.39 47.44 53.13
CA ASN I 66 -53.39 47.97 54.06
C ASN I 66 -52.10 48.35 53.34
N LYS I 67 -51.74 47.60 52.29
CA LYS I 67 -50.48 47.77 51.58
C LYS I 67 -50.81 48.36 50.21
N GLU I 68 -50.59 49.66 50.07
CA GLU I 68 -50.95 50.38 48.86
C GLU I 68 -49.89 50.17 47.79
N LYS I 69 -50.03 50.90 46.70
CA LYS I 69 -49.26 50.61 45.49
C LYS I 69 -47.83 51.15 45.61
N ASN I 70 -47.08 50.97 44.52
CA ASN I 70 -45.63 51.21 44.38
C ASN I 70 -44.94 50.30 45.39
N SER I 71 -45.48 49.09 45.53
CA SER I 71 -44.82 47.95 46.14
C SER I 71 -44.87 46.73 45.23
N LEU I 72 -45.91 46.68 44.40
CA LEU I 72 -46.03 45.83 43.21
C LEU I 72 -45.99 44.34 43.55
N PHE I 73 -46.93 43.95 44.40
CA PHE I 73 -47.20 42.54 44.70
C PHE I 73 -48.07 41.87 43.64
N TYR I 74 -48.77 42.65 42.83
CA TYR I 74 -49.47 42.15 41.64
C TYR I 74 -48.51 41.60 40.60
N ILE I 75 -47.31 42.19 40.54
CA ILE I 75 -46.47 42.05 39.37
C ILE I 75 -45.75 40.72 39.37
N THR I 76 -45.08 40.38 40.48
CA THR I 76 -44.49 39.05 40.62
C THR I 76 -45.55 37.96 40.63
N TYR I 77 -46.76 38.28 41.10
CA TYR I 77 -47.89 37.36 41.07
C TYR I 77 -48.25 36.94 39.65
N ILE I 78 -48.51 37.91 38.77
CA ILE I 78 -48.88 37.57 37.39
C ILE I 78 -47.67 37.01 36.65
N ALA I 79 -46.47 37.42 37.06
CA ALA I 79 -45.25 36.86 36.49
C ALA I 79 -45.08 35.39 36.83
N ASP I 80 -45.41 35.00 38.07
CA ASP I 80 -45.49 33.58 38.43
C ASP I 80 -46.51 32.84 37.60
N ASN I 81 -47.70 33.46 37.43
CA ASN I 81 -48.83 32.81 36.77
C ASN I 81 -48.52 32.49 35.31
N ILE I 82 -47.86 33.41 34.61
CA ILE I 82 -47.52 33.13 33.22
C ILE I 82 -46.12 32.53 33.06
N SER I 83 -45.30 32.56 34.11
CA SER I 83 -43.98 31.94 34.03
C SER I 83 -44.02 30.46 34.32
N SER I 84 -45.08 29.96 34.95
CA SER I 84 -45.28 28.51 35.02
C SER I 84 -45.47 27.91 33.64
N GLY I 85 -46.26 28.59 32.81
CA GLY I 85 -46.32 28.28 31.39
C GLY I 85 -47.69 28.32 30.75
N MET I 86 -48.75 27.84 31.42
CA MET I 86 -50.10 28.16 30.97
C MET I 86 -50.90 28.93 32.03
N ASP I 87 -51.14 28.34 33.21
CA ASP I 87 -52.16 28.88 34.11
C ASP I 87 -52.06 28.35 35.54
N ARG I 88 -51.73 29.23 36.50
CA ARG I 88 -51.99 29.00 37.93
C ARG I 88 -52.47 30.33 38.49
N ARG I 89 -53.78 30.58 38.41
CA ARG I 89 -54.31 31.90 38.76
C ARG I 89 -54.98 31.92 40.13
N LYS I 90 -55.99 31.09 40.32
CA LYS I 90 -56.71 30.99 41.59
C LYS I 90 -56.73 29.53 42.01
N ASP I 91 -55.67 29.11 42.69
CA ASP I 91 -55.57 27.76 43.24
C ASP I 91 -54.61 27.75 44.42
N LEU I 92 -54.94 26.97 45.45
CA LEU I 92 -54.03 26.80 46.58
C LEU I 92 -52.89 25.89 46.19
N GLU I 93 -51.73 26.50 45.91
CA GLU I 93 -50.61 25.77 45.34
C GLU I 93 -49.89 24.93 46.40
N GLU I 94 -48.78 24.33 45.96
CA GLU I 94 -47.88 23.62 46.86
C GLU I 94 -47.25 24.59 47.86
N GLY I 95 -47.28 24.22 49.14
CA GLY I 95 -46.73 25.05 50.18
C GLY I 95 -47.74 25.81 51.00
N ALA I 96 -48.98 25.92 50.53
CA ALA I 96 -50.02 26.61 51.30
C ALA I 96 -50.86 25.66 52.14
N GLU I 97 -50.18 24.74 52.85
CA GLU I 97 -50.65 23.79 53.87
C GLU I 97 -52.04 23.18 53.62
N GLY I 98 -52.35 22.84 52.38
CA GLY I 98 -53.68 22.36 52.08
C GLY I 98 -53.81 20.86 52.15
N PHE I 99 -52.98 20.15 51.39
CA PHE I 99 -53.06 18.69 51.29
C PHE I 99 -51.70 18.07 51.54
N ASN I 100 -51.57 16.77 51.31
CA ASN I 100 -50.28 16.09 51.35
C ASN I 100 -49.60 16.32 49.99
N TRP I 101 -48.84 17.41 49.92
CA TRP I 101 -48.15 17.75 48.68
C TRP I 101 -46.98 16.81 48.44
N ASP I 102 -46.73 16.52 47.16
CA ASP I 102 -45.64 15.65 46.76
C ASP I 102 -44.31 16.36 47.02
N LYS I 103 -43.36 15.67 47.63
CA LYS I 103 -42.12 16.28 48.09
C LYS I 103 -40.91 15.41 47.74
N LYS I 104 -41.06 14.53 46.73
CA LYS I 104 -39.99 13.58 46.47
C LYS I 104 -39.71 13.36 44.98
N VAL I 105 -40.08 14.29 44.10
CA VAL I 105 -39.81 14.15 42.67
C VAL I 105 -38.62 15.02 42.31
N ALA I 106 -37.67 14.42 41.59
CA ALA I 106 -36.53 15.15 41.06
C ALA I 106 -36.93 15.84 39.76
N LEU I 107 -35.98 16.51 39.12
CA LEU I 107 -36.27 17.33 37.95
C LEU I 107 -36.52 16.46 36.73
N GLY I 108 -37.64 16.72 36.06
CA GLY I 108 -37.93 16.07 34.79
C GLY I 108 -37.30 16.85 33.66
N SER I 109 -36.56 16.16 32.82
CA SER I 109 -35.84 16.86 31.76
C SER I 109 -36.75 17.13 30.57
N VAL I 110 -36.29 18.04 29.71
CA VAL I 110 -37.04 18.50 28.57
C VAL I 110 -36.41 17.99 27.26
N PHE I 111 -35.49 17.02 27.39
CA PHE I 111 -34.92 16.35 26.22
C PHE I 111 -35.98 15.59 25.42
N ASN I 112 -36.95 14.98 26.11
CA ASN I 112 -38.01 14.26 25.43
C ASN I 112 -38.97 15.21 24.72
N VAL I 113 -39.28 16.34 25.36
CA VAL I 113 -40.23 17.30 24.82
C VAL I 113 -39.69 17.98 23.57
N LEU I 114 -38.37 18.26 23.55
CA LEU I 114 -37.66 18.51 22.30
C LEU I 114 -37.85 17.32 21.38
N ASN I 115 -38.55 17.52 20.27
CA ASN I 115 -39.01 16.47 19.37
C ASN I 115 -39.86 15.45 20.14
N GLU I 116 -41.08 15.89 20.49
CA GLU I 116 -42.03 15.01 21.16
C GLU I 116 -42.40 13.78 20.34
N LYS I 117 -42.22 13.82 19.02
CA LYS I 117 -42.50 12.69 18.17
C LYS I 117 -41.37 11.67 18.11
N GLU I 118 -40.22 11.93 18.73
CA GLU I 118 -39.16 10.94 18.74
C GLU I 118 -39.17 10.09 20.03
N LYS I 119 -39.73 10.62 21.12
CA LYS I 119 -39.75 9.92 22.40
C LYS I 119 -41.15 9.71 22.97
N GLY I 120 -42.14 10.44 22.48
CA GLY I 120 -43.49 10.34 23.02
C GLY I 120 -43.59 11.10 24.33
N ARG I 121 -43.76 10.37 25.43
CA ARG I 121 -43.79 10.93 26.76
C ARG I 121 -42.96 10.06 27.68
N GLN I 122 -42.08 10.68 28.46
CA GLN I 122 -41.30 9.95 29.47
C GLN I 122 -40.93 10.93 30.57
N ASN I 123 -40.87 10.41 31.79
CA ASN I 123 -40.42 11.19 32.94
C ASN I 123 -38.94 10.93 33.17
N TYR I 124 -38.14 12.00 33.18
CA TYR I 124 -36.71 11.90 33.39
C TYR I 124 -36.35 12.35 34.80
N SER I 125 -35.13 12.02 35.21
CA SER I 125 -34.71 12.35 36.57
C SER I 125 -33.24 12.70 36.56
N TYR I 126 -32.84 13.55 37.50
CA TYR I 126 -31.51 14.12 37.50
C TYR I 126 -30.73 13.66 38.73
N PRO I 127 -29.62 12.91 38.55
CA PRO I 127 -28.76 12.59 39.71
C PRO I 127 -27.87 13.74 40.14
N PHE I 128 -28.25 14.38 41.24
CA PHE I 128 -27.62 15.56 41.80
C PHE I 128 -26.50 15.15 42.75
N VAL I 129 -25.52 16.03 42.89
CA VAL I 129 -24.36 15.82 43.77
C VAL I 129 -24.13 17.09 44.58
N ALA I 130 -24.05 16.94 45.91
CA ALA I 130 -23.65 18.07 46.76
C ALA I 130 -22.16 18.36 46.60
N GLU I 137 -20.12 20.94 36.19
CA GLU I 137 -20.33 20.58 37.59
C GLU I 137 -21.62 21.20 38.13
N PRO I 138 -22.45 20.42 38.84
CA PRO I 138 -22.32 19.01 39.23
C PRO I 138 -22.58 18.04 38.07
N LEU I 139 -22.01 16.84 38.16
CA LEU I 139 -22.10 15.86 37.07
C LEU I 139 -23.52 15.30 37.06
N ASN I 140 -24.41 16.05 36.41
CA ASN I 140 -25.83 15.76 36.44
C ASN I 140 -26.31 15.51 35.02
N PHE I 141 -26.94 14.39 34.82
CA PHE I 141 -27.36 13.93 33.51
C PHE I 141 -28.88 13.84 33.46
N PRO I 142 -29.50 14.03 32.30
CA PRO I 142 -30.97 13.94 32.23
C PRO I 142 -31.52 12.53 32.09
N THR I 143 -31.06 11.60 32.91
CA THR I 143 -31.33 10.17 32.72
C THR I 143 -32.78 9.82 33.05
N ALA I 144 -33.17 8.63 32.60
CA ALA I 144 -34.55 8.19 32.80
C ALA I 144 -34.72 7.34 34.05
N THR I 145 -33.63 6.94 34.70
CA THR I 145 -33.75 6.22 35.96
C THR I 145 -34.16 7.18 37.07
N GLN I 146 -35.18 6.78 37.84
CA GLN I 146 -35.87 7.71 38.74
C GLN I 146 -35.19 7.72 40.10
N ASN I 147 -34.87 8.92 40.59
CA ASN I 147 -34.31 9.10 41.93
C ASN I 147 -34.94 10.31 42.60
N GLN I 148 -34.61 10.49 43.88
CA GLN I 148 -35.29 11.48 44.73
C GLN I 148 -34.28 12.47 45.29
N TYR I 149 -34.76 13.68 45.56
CA TYR I 149 -33.96 14.70 46.23
C TYR I 149 -33.97 14.51 47.74
N THR I 150 -32.89 14.93 48.36
CA THR I 150 -32.59 14.65 49.76
C THR I 150 -32.53 15.94 50.56
N THR I 151 -32.66 15.80 51.87
CA THR I 151 -32.59 16.93 52.80
C THR I 151 -31.17 17.41 53.01
N SER I 152 -30.19 16.51 52.89
CA SER I 152 -28.79 16.88 53.13
C SER I 152 -28.28 17.86 52.08
N TYR I 153 -28.73 17.69 50.83
CA TYR I 153 -28.45 18.69 49.80
C TYR I 153 -29.17 19.99 50.12
N TYR I 154 -30.40 19.89 50.61
CA TYR I 154 -31.14 21.08 51.05
C TYR I 154 -30.50 21.72 52.27
N ASP I 155 -29.94 20.91 53.17
CA ASP I 155 -29.22 21.45 54.31
C ASP I 155 -27.93 22.15 53.88
N GLY I 156 -27.23 21.57 52.90
CA GLY I 156 -26.03 22.22 52.39
C GLY I 156 -26.33 23.52 51.68
N LEU I 157 -27.40 23.55 50.86
CA LEU I 157 -27.71 24.78 50.16
C LEU I 157 -28.36 25.80 51.09
N ILE I 158 -28.94 25.36 52.21
CA ILE I 158 -29.48 26.36 53.13
C ILE I 158 -28.38 26.90 54.04
N THR I 159 -27.30 26.14 54.25
CA THR I 159 -26.10 26.77 54.78
C THR I 159 -25.53 27.78 53.79
N ASP I 160 -25.56 27.44 52.50
CA ASP I 160 -25.14 28.39 51.47
C ASP I 160 -26.09 29.56 51.35
N MET I 161 -27.35 29.37 51.76
CA MET I 161 -28.35 30.43 51.68
C MET I 161 -28.28 31.33 52.91
N LYS I 162 -27.89 30.76 54.04
CA LYS I 162 -27.67 31.58 55.22
C LYS I 162 -26.29 32.22 55.21
N THR I 163 -25.40 31.81 54.30
CA THR I 163 -24.10 32.46 54.19
C THR I 163 -24.00 33.40 52.99
N ILE I 164 -24.19 32.86 51.78
CA ILE I 164 -23.89 33.62 50.56
C ILE I 164 -25.00 34.61 50.25
N LEU I 165 -26.26 34.20 50.46
CA LEU I 165 -27.36 35.14 50.33
C LEU I 165 -27.33 36.18 51.43
N GLN I 166 -26.83 35.81 52.61
CA GLN I 166 -26.46 36.81 53.61
C GLN I 166 -25.29 37.66 53.12
N ARG I 167 -24.34 37.07 52.39
CA ARG I 167 -23.16 37.81 51.94
C ARG I 167 -23.50 38.82 50.86
N LEU I 168 -24.44 38.51 49.98
CA LEU I 168 -24.77 39.42 48.90
C LEU I 168 -25.70 40.52 49.41
N LYS I 169 -25.92 41.53 48.57
CA LYS I 169 -26.81 42.64 48.85
C LYS I 169 -27.84 42.74 47.73
N PRO I 170 -29.10 43.07 48.01
CA PRO I 170 -30.06 43.34 46.93
C PRO I 170 -29.77 44.65 46.23
N ASP I 171 -28.79 44.64 45.34
CA ASP I 171 -28.50 45.77 44.47
C ASP I 171 -28.26 45.24 43.07
N LYS I 172 -28.52 46.08 42.08
CA LYS I 172 -28.41 45.67 40.68
C LYS I 172 -26.97 45.35 40.29
N GLU I 173 -26.00 45.95 40.98
CA GLU I 173 -24.60 45.66 40.76
C GLU I 173 -24.21 44.21 41.05
N HIS I 174 -24.93 43.51 41.93
CA HIS I 174 -24.51 42.18 42.35
C HIS I 174 -25.58 41.14 42.00
N ILE I 175 -26.55 41.50 41.16
CA ILE I 175 -27.56 40.56 40.70
C ILE I 175 -26.92 39.46 39.85
N ASN I 176 -25.92 39.83 39.06
CA ASN I 176 -25.26 38.89 38.16
C ASN I 176 -24.55 37.78 38.93
N SER I 177 -23.92 38.12 40.06
CA SER I 177 -23.24 37.12 40.88
C SER I 177 -24.23 36.15 41.52
N LEU I 178 -25.41 36.64 41.89
CA LEU I 178 -26.37 35.72 42.51
C LEU I 178 -27.02 34.82 41.48
N LEU I 179 -27.22 35.29 40.24
CA LEU I 179 -27.65 34.34 39.21
C LEU I 179 -26.52 33.41 38.79
N GLN I 180 -25.25 33.82 38.92
CA GLN I 180 -24.16 32.86 38.69
C GLN I 180 -24.14 31.78 39.78
N MET I 181 -24.43 32.20 41.01
CA MET I 181 -24.58 31.26 42.13
C MET I 181 -25.74 30.31 41.88
N MET I 182 -26.85 30.85 41.38
CA MET I 182 -28.02 30.04 41.09
C MET I 182 -27.78 29.15 39.88
N GLU I 183 -26.97 29.61 38.92
CA GLU I 183 -26.53 28.77 37.82
C GLU I 183 -25.68 27.61 38.33
N SER I 184 -24.80 27.87 39.30
CA SER I 184 -23.94 26.82 39.82
C SER I 184 -24.71 25.79 40.66
N LEU I 185 -25.81 26.20 41.30
CA LEU I 185 -26.50 25.33 42.24
C LEU I 185 -27.88 24.90 41.78
N TRP I 186 -28.77 25.83 41.42
CA TRP I 186 -30.17 25.49 41.16
C TRP I 186 -30.48 25.35 39.67
N SER I 187 -29.48 25.13 38.83
CA SER I 187 -29.79 24.83 37.43
C SER I 187 -30.25 23.39 37.23
N TYR I 188 -29.89 22.48 38.13
CA TYR I 188 -30.23 21.07 38.02
C TYR I 188 -31.07 20.62 39.20
N VAL I 189 -32.00 21.47 39.64
CA VAL I 189 -32.95 21.10 40.68
C VAL I 189 -34.35 21.16 40.06
N PRO I 190 -35.32 20.43 40.59
CA PRO I 190 -36.71 20.66 40.18
C PRO I 190 -37.22 21.99 40.74
N SER I 191 -38.29 22.47 40.11
CA SER I 191 -38.95 23.67 40.58
C SER I 191 -40.06 23.40 41.57
N SER I 192 -40.92 22.43 41.28
CA SER I 192 -42.01 22.05 42.16
C SER I 192 -42.44 20.63 41.82
N THR I 193 -43.51 20.16 42.48
CA THR I 193 -44.08 18.84 42.22
C THR I 193 -45.56 18.92 41.86
N ASP I 194 -45.97 19.98 41.17
CA ASP I 194 -47.34 20.19 40.71
C ASP I 194 -47.61 19.41 39.42
N LYS I 195 -48.65 19.85 38.69
CA LYS I 195 -48.85 19.45 37.30
C LYS I 195 -47.62 19.78 36.44
N ASN I 196 -47.52 19.14 35.26
CA ASN I 196 -46.33 19.00 34.42
C ASN I 196 -45.65 20.31 34.00
N GLN I 197 -46.23 21.48 34.28
CA GLN I 197 -45.64 22.74 33.85
C GLN I 197 -44.38 23.09 34.65
N LEU I 198 -44.37 22.76 35.94
CA LEU I 198 -43.25 23.10 36.82
C LEU I 198 -42.56 21.86 37.40
N VAL I 199 -42.65 20.72 36.72
CA VAL I 199 -41.84 19.56 37.09
C VAL I 199 -40.96 19.23 35.90
N ASP I 200 -41.16 19.96 34.82
CA ASP I 200 -40.34 19.87 33.63
C ASP I 200 -39.23 20.91 33.60
N ILE I 201 -39.32 21.95 34.43
CA ILE I 201 -38.38 23.05 34.38
C ILE I 201 -37.70 23.21 35.73
N SER I 202 -36.51 23.78 35.70
CA SER I 202 -35.84 24.17 36.93
C SER I 202 -36.49 25.42 37.50
N LEU I 203 -36.25 25.65 38.79
CA LEU I 203 -36.69 26.89 39.40
C LEU I 203 -35.78 28.05 39.01
N TYR I 204 -34.59 27.75 38.47
CA TYR I 204 -33.67 28.78 38.00
C TYR I 204 -34.24 29.63 36.87
N ASP I 205 -34.46 29.03 35.70
CA ASP I 205 -34.85 29.83 34.56
C ASP I 205 -36.31 30.25 34.67
N HIS I 206 -37.12 29.44 35.36
CA HIS I 206 -38.44 29.89 35.80
C HIS I 206 -38.38 31.15 36.65
N SER I 207 -37.47 31.19 37.60
CA SER I 207 -37.37 32.32 38.51
C SER I 207 -36.84 33.56 37.80
N ARG I 208 -35.83 33.40 36.96
CA ARG I 208 -35.26 34.58 36.32
C ARG I 208 -36.14 35.05 35.18
N THR I 209 -36.89 34.13 34.55
CA THR I 209 -37.89 34.55 33.58
C THR I 209 -39.08 35.19 34.27
N THR I 210 -39.38 34.75 35.49
CA THR I 210 -40.40 35.41 36.29
C THR I 210 -40.01 36.85 36.60
N ALA I 211 -38.75 37.04 37.00
CA ALA I 211 -38.22 38.38 37.22
C ALA I 211 -38.23 39.19 35.91
N ALA I 212 -37.98 38.52 34.79
CA ALA I 212 -37.99 39.16 33.47
C ALA I 212 -39.39 39.64 33.11
N ILE I 213 -40.38 38.78 33.32
CA ILE I 213 -41.78 39.13 33.02
C ILE I 213 -42.23 40.28 33.91
N ALA I 214 -41.86 40.21 35.19
CA ALA I 214 -42.20 41.26 36.14
C ALA I 214 -41.57 42.59 35.76
N SER I 215 -40.29 42.56 35.36
CA SER I 215 -39.57 43.77 34.98
C SER I 215 -40.14 44.38 33.71
N ALA I 216 -40.42 43.54 32.71
CA ALA I 216 -40.94 44.02 31.44
C ALA I 216 -42.34 44.59 31.61
N ILE I 217 -43.17 43.95 32.44
CA ILE I 217 -44.51 44.47 32.61
C ILE I 217 -44.50 45.68 33.54
N TYR I 218 -43.47 45.82 34.38
CA TYR I 218 -43.30 47.03 35.17
C TYR I 218 -42.96 48.21 34.28
N ASP I 219 -42.03 48.00 33.34
CA ASP I 219 -41.70 49.05 32.38
C ASP I 219 -42.88 49.34 31.46
N TYR I 220 -43.69 48.33 31.15
CA TYR I 220 -44.89 48.56 30.34
C TYR I 220 -45.92 49.39 31.10
N PHE I 221 -46.17 49.06 32.37
CA PHE I 221 -47.11 49.83 33.17
C PHE I 221 -46.60 51.23 33.43
N GLN I 222 -45.28 51.41 33.40
CA GLN I 222 -44.73 52.76 33.34
C GLN I 222 -44.90 53.38 31.95
N ALA I 223 -44.97 52.56 30.91
CA ALA I 223 -44.94 53.08 29.54
C ALA I 223 -46.29 53.68 29.14
N GLU I 224 -47.38 52.89 29.21
CA GLU I 224 -48.64 53.57 28.92
C GLU I 224 -49.30 54.19 30.16
N ASN I 225 -48.58 54.25 31.29
CA ASN I 225 -48.96 55.00 32.49
C ASN I 225 -50.29 54.51 33.07
N ILE I 226 -50.29 53.24 33.48
CA ILE I 226 -51.45 52.58 34.04
C ILE I 226 -51.12 52.13 35.45
N THR I 227 -52.00 52.47 36.40
CA THR I 227 -51.85 52.05 37.79
C THR I 227 -53.20 51.47 38.22
N ASP I 228 -53.38 51.32 39.55
CA ASP I 228 -54.55 50.74 40.19
C ASP I 228 -54.78 49.32 39.69
N TYR I 229 -53.87 48.41 40.06
CA TYR I 229 -53.69 47.16 39.33
C TYR I 229 -54.78 46.14 39.64
N GLN I 230 -55.61 46.39 40.67
CA GLN I 230 -56.76 45.53 40.91
C GLN I 230 -57.77 45.54 39.77
N LYS I 231 -58.07 46.72 39.23
CA LYS I 231 -59.02 46.86 38.13
C LYS I 231 -58.53 46.18 36.87
N GLU I 232 -57.23 46.26 36.58
CA GLU I 232 -56.68 45.75 35.34
C GLU I 232 -56.16 44.33 35.45
N LEU I 233 -56.36 43.66 36.57
CA LEU I 233 -55.96 42.26 36.61
C LEU I 233 -57.04 41.31 37.10
N PHE I 234 -57.89 41.74 38.02
CA PHE I 234 -58.65 40.82 38.85
C PHE I 234 -60.12 40.67 38.45
N ASP I 235 -60.54 41.24 37.31
CA ASP I 235 -61.92 41.07 36.88
C ASP I 235 -62.20 39.68 36.29
N TYR I 236 -61.16 38.99 35.82
CA TYR I 236 -61.28 37.69 35.15
C TYR I 236 -59.91 37.04 35.31
N ASN I 237 -59.62 35.99 34.54
CA ASN I 237 -58.32 35.36 34.34
C ASN I 237 -57.32 36.27 33.50
N ALA I 238 -57.67 37.53 33.27
CA ALA I 238 -56.83 38.61 32.74
C ALA I 238 -56.33 38.35 31.33
N THR I 239 -56.96 37.47 30.57
CA THR I 239 -56.57 37.29 29.18
C THR I 239 -56.95 38.48 28.30
N GLU I 240 -57.91 39.29 28.75
CA GLU I 240 -58.33 40.47 28.02
C GLU I 240 -57.30 41.60 28.15
N PHE I 241 -56.54 41.61 29.24
CA PHE I 241 -55.43 42.54 29.41
C PHE I 241 -54.13 41.98 28.89
N TYR I 242 -54.12 40.71 28.52
CA TYR I 242 -52.90 40.02 28.13
C TYR I 242 -52.65 40.08 26.63
N ASP I 243 -53.54 40.72 25.86
CA ASP I 243 -53.42 40.74 24.42
C ASP I 243 -52.49 41.82 23.88
N LYS I 244 -52.09 42.77 24.71
CA LYS I 244 -51.32 43.91 24.25
C LYS I 244 -49.83 43.60 24.22
N ASN I 245 -49.11 44.36 23.41
CA ASN I 245 -47.69 44.12 23.14
C ASN I 245 -46.87 44.48 24.38
N ALA I 246 -46.53 43.48 25.18
CA ALA I 246 -45.83 43.72 26.44
C ALA I 246 -44.51 42.97 26.54
N PHE I 247 -44.18 42.16 25.53
CA PHE I 247 -42.99 41.34 25.58
C PHE I 247 -42.32 41.36 24.22
N LEU I 248 -41.02 41.05 24.21
CA LEU I 248 -40.25 41.07 22.97
C LEU I 248 -39.28 39.90 23.00
N MET I 249 -39.68 38.79 22.41
CA MET I 249 -38.78 37.64 22.27
C MET I 249 -37.74 38.00 21.22
N MET I 250 -36.64 38.59 21.65
CA MET I 250 -35.70 39.23 20.75
C MET I 250 -34.54 38.29 20.44
N ASN I 251 -33.94 38.49 19.26
CA ASN I 251 -32.85 37.64 18.79
C ASN I 251 -31.69 38.49 18.32
N PHE I 252 -30.48 38.00 18.53
CA PHE I 252 -29.26 38.50 17.88
C PHE I 252 -28.68 37.39 17.02
N ASP I 253 -27.96 37.78 15.97
CA ASP I 253 -27.39 36.75 15.10
C ASP I 253 -26.09 37.24 14.49
N MET I 254 -25.07 36.39 14.54
CA MET I 254 -23.78 36.66 13.92
C MET I 254 -23.73 35.98 12.57
N SER I 255 -23.38 36.74 11.54
CA SER I 255 -23.36 36.24 10.18
C SER I 255 -21.92 36.10 9.70
N GLY I 256 -21.60 34.94 9.14
CA GLY I 256 -20.25 34.69 8.66
C GLY I 256 -19.20 34.59 9.73
N VAL I 257 -19.55 33.99 10.87
CA VAL I 257 -18.56 33.76 11.92
C VAL I 257 -17.52 32.72 11.48
N GLN I 258 -17.97 31.70 10.72
CA GLN I 258 -17.10 30.57 10.40
C GLN I 258 -16.05 30.96 9.37
N ASN I 259 -16.46 31.76 8.38
CA ASN I 259 -15.51 32.23 7.40
C ASN I 259 -14.55 33.23 8.02
N PHE I 260 -14.97 33.91 9.09
CA PHE I 260 -14.04 34.83 9.74
C PHE I 260 -13.04 34.09 10.61
N ILE I 261 -13.47 33.03 11.29
CA ILE I 261 -12.50 32.33 12.13
C ILE I 261 -11.54 31.52 11.27
N TYR I 262 -11.98 31.05 10.10
CA TYR I 262 -11.06 30.39 9.20
C TYR I 262 -10.26 31.35 8.33
N ASN I 263 -10.55 32.66 8.36
CA ASN I 263 -9.87 33.63 7.49
C ASN I 263 -8.44 33.86 7.97
N ILE I 264 -7.60 32.85 7.78
CA ILE I 264 -6.20 32.92 8.14
C ILE I 264 -5.37 32.32 7.02
N SER I 265 -4.15 32.81 6.89
CA SER I 265 -3.12 32.15 6.12
C SER I 265 -1.78 32.30 6.79
N GLY I 266 -1.77 32.53 8.10
CA GLY I 266 -0.59 32.99 8.79
C GLY I 266 0.35 31.87 9.19
N SER I 267 1.52 32.30 9.67
CA SER I 267 2.44 31.42 10.38
C SER I 267 1.77 30.96 11.66
N LYS I 268 1.54 31.89 12.58
CA LYS I 268 0.80 31.59 13.79
C LYS I 268 -0.65 31.40 13.37
N ALA I 269 -1.01 30.14 13.13
CA ALA I 269 -2.32 29.79 12.60
C ALA I 269 -3.12 28.93 13.56
N LEU I 270 -2.55 28.55 14.68
CA LEU I 270 -3.28 27.76 15.68
C LEU I 270 -3.68 28.63 16.86
N LYS I 271 -2.72 29.37 17.43
CA LYS I 271 -3.03 30.31 18.49
C LYS I 271 -3.98 31.41 18.01
N SER I 272 -3.78 31.87 16.77
CA SER I 272 -4.69 32.84 16.18
C SER I 272 -6.09 32.28 16.03
N LEU I 273 -6.18 31.02 15.62
CA LEU I 273 -7.48 30.38 15.43
C LEU I 273 -8.23 30.23 16.74
N ARG I 274 -7.52 29.80 17.80
CA ARG I 274 -8.11 29.73 19.12
C ARG I 274 -8.58 31.10 19.58
N ALA I 275 -7.75 32.12 19.33
CA ALA I 275 -8.04 33.47 19.80
C ALA I 275 -9.30 34.03 19.16
N ARG I 276 -9.41 33.93 17.83
CA ARG I 276 -10.59 34.52 17.21
C ARG I 276 -11.84 33.68 17.44
N SER I 277 -11.68 32.35 17.57
CA SER I 277 -12.82 31.50 17.90
C SER I 277 -13.39 31.86 19.26
N PHE I 278 -12.52 32.13 20.22
CA PHE I 278 -13.00 32.64 21.51
C PHE I 278 -13.57 34.04 21.37
N TYR I 279 -12.94 34.85 20.53
CA TYR I 279 -13.22 36.28 20.50
C TYR I 279 -14.61 36.59 20.00
N LEU I 280 -15.10 35.80 19.05
CA LEU I 280 -16.44 36.07 18.51
C LEU I 280 -17.52 35.82 19.56
N ASP I 281 -17.39 34.73 20.30
CA ASP I 281 -18.32 34.43 21.38
C ASP I 281 -18.25 35.49 22.47
N MET I 282 -17.04 35.97 22.76
CA MET I 282 -16.90 36.98 23.80
C MET I 282 -17.50 38.32 23.36
N LEU I 283 -17.35 38.66 22.08
CA LEU I 283 -17.91 39.90 21.56
C LEU I 283 -19.43 39.87 21.59
N LEU I 284 -20.01 38.73 21.23
CA LEU I 284 -21.46 38.59 21.28
C LEU I 284 -21.97 38.70 22.70
N GLU I 285 -21.23 38.11 23.65
CA GLU I 285 -21.61 38.22 25.05
C GLU I 285 -21.54 39.68 25.54
N TYR I 286 -20.51 40.41 25.12
CA TYR I 286 -20.40 41.80 25.55
C TYR I 286 -21.47 42.68 24.95
N ILE I 287 -21.83 42.48 23.68
CA ILE I 287 -22.84 43.36 23.09
C ILE I 287 -24.21 43.05 23.69
N SER I 288 -24.48 41.79 24.02
CA SER I 288 -25.71 41.46 24.72
C SER I 288 -25.74 42.07 26.11
N ASP I 289 -24.60 42.04 26.80
CA ASP I 289 -24.56 42.60 28.15
C ASP I 289 -24.68 44.12 28.13
N ASN I 290 -24.13 44.76 27.10
CA ASN I 290 -24.29 46.20 26.95
C ASN I 290 -25.73 46.56 26.69
N LEU I 291 -26.43 45.76 25.89
CA LEU I 291 -27.84 46.04 25.66
C LEU I 291 -28.65 45.87 26.93
N LEU I 292 -28.28 44.89 27.76
CA LEU I 292 -28.94 44.71 29.04
C LEU I 292 -28.69 45.88 29.99
N GLU I 293 -27.45 46.37 30.04
CA GLU I 293 -27.13 47.48 30.94
C GLU I 293 -27.77 48.78 30.47
N LYS I 294 -27.73 49.04 29.16
CA LYS I 294 -28.39 50.23 28.62
C LYS I 294 -29.90 50.13 28.76
N LEU I 295 -30.43 48.92 28.76
CA LEU I 295 -31.85 48.69 28.96
C LEU I 295 -32.27 48.81 30.42
N GLU I 296 -31.30 48.90 31.34
CA GLU I 296 -31.50 48.84 32.79
C GLU I 296 -32.20 47.53 33.17
N LEU I 297 -31.66 46.42 32.68
CA LEU I 297 -32.07 45.08 33.04
C LEU I 297 -30.90 44.28 33.57
N SER I 298 -31.20 43.08 34.01
CA SER I 298 -30.23 42.18 34.60
C SER I 298 -29.86 41.07 33.62
N ARG I 299 -29.18 40.06 34.13
CA ARG I 299 -28.84 38.86 33.37
C ARG I 299 -29.96 37.82 33.43
N ALA I 300 -31.19 38.23 33.71
CA ALA I 300 -32.31 37.30 33.87
C ALA I 300 -33.03 37.03 32.56
N ASN I 301 -33.37 38.07 31.80
CA ASN I 301 -34.16 37.89 30.60
C ASN I 301 -33.35 37.36 29.42
N ILE I 302 -32.03 37.32 29.53
CA ILE I 302 -31.22 36.68 28.49
C ILE I 302 -31.41 35.18 28.57
N LEU I 303 -32.08 34.62 27.57
CA LEU I 303 -32.39 33.19 27.59
C LEU I 303 -31.15 32.35 27.33
N TYR I 304 -30.40 32.68 26.29
CA TYR I 304 -29.35 31.81 25.81
C TYR I 304 -28.43 32.58 24.88
N VAL I 305 -27.14 32.34 25.00
CA VAL I 305 -26.14 32.81 24.06
C VAL I 305 -25.40 31.59 23.53
N GLY I 306 -25.37 31.44 22.21
CA GLY I 306 -24.73 30.31 21.59
C GLY I 306 -23.50 30.68 20.79
N GLY I 307 -23.17 29.83 19.84
CA GLY I 307 -22.12 30.12 18.90
C GLY I 307 -22.63 30.99 17.78
N GLY I 308 -22.84 32.27 18.08
CA GLY I 308 -23.24 33.24 17.07
C GLY I 308 -24.66 33.75 17.16
N HIS I 309 -25.38 33.45 18.23
CA HIS I 309 -26.73 33.96 18.37
C HIS I 309 -27.07 34.12 19.83
N ALA I 310 -27.99 35.04 20.11
CA ALA I 310 -28.41 35.30 21.48
C ALA I 310 -29.93 35.44 21.51
N TYR I 311 -30.55 34.83 22.52
CA TYR I 311 -31.98 34.93 22.75
C TYR I 311 -32.22 35.64 24.07
N LEU I 312 -33.12 36.63 24.04
CA LEU I 312 -33.38 37.45 25.21
C LEU I 312 -34.89 37.64 25.36
N LEU I 313 -35.26 38.48 26.32
CA LEU I 313 -36.59 39.06 26.39
C LEU I 313 -36.43 40.52 26.80
N LEU I 314 -37.30 41.39 26.33
CA LEU I 314 -37.07 42.81 26.49
C LEU I 314 -38.26 43.51 27.14
N ALA I 315 -38.11 44.81 27.30
CA ALA I 315 -39.16 45.69 27.76
C ALA I 315 -39.81 46.36 26.55
N ASN I 316 -41.14 46.35 26.52
CA ASN I 316 -41.87 46.76 25.33
C ASN I 316 -42.41 48.17 25.51
N THR I 317 -41.52 49.15 25.47
CA THR I 317 -41.89 50.56 25.54
C THR I 317 -41.44 51.22 24.26
N ASN I 318 -41.95 52.43 24.00
CA ASN I 318 -41.45 53.20 22.87
C ASN I 318 -40.03 53.68 23.13
N LYS I 319 -39.70 53.98 24.38
CA LYS I 319 -38.34 54.39 24.73
C LYS I 319 -37.35 53.25 24.58
N THR I 320 -37.74 52.03 24.95
CA THR I 320 -36.87 50.88 24.72
C THR I 320 -36.68 50.63 23.24
N LYS I 321 -37.73 50.84 22.44
CA LYS I 321 -37.60 50.70 21.00
C LYS I 321 -36.69 51.77 20.42
N ALA I 322 -36.76 52.99 20.96
CA ALA I 322 -35.91 54.07 20.47
C ALA I 322 -34.44 53.83 20.81
N ILE I 323 -34.17 53.37 22.03
CA ILE I 323 -32.79 53.07 22.36
C ILE I 323 -32.33 51.78 21.67
N LEU I 324 -33.27 50.90 21.27
CA LEU I 324 -32.89 49.77 20.43
C LEU I 324 -32.48 50.23 19.04
N SER I 325 -33.19 51.22 18.50
CA SER I 325 -32.83 51.77 17.20
C SER I 325 -31.46 52.45 17.24
N ASP I 326 -31.22 53.24 18.29
CA ASP I 326 -29.92 53.90 18.41
C ASP I 326 -28.82 52.89 18.73
N PHE I 327 -29.15 51.85 19.48
CA PHE I 327 -28.23 50.74 19.75
C PHE I 327 -27.85 50.04 18.46
N GLU I 328 -28.83 49.78 17.59
CA GLU I 328 -28.57 49.15 16.31
C GLU I 328 -27.71 50.04 15.41
N HIS I 329 -27.99 51.33 15.39
CA HIS I 329 -27.19 52.24 14.58
C HIS I 329 -25.76 52.31 15.06
N ASP I 330 -25.57 52.39 16.38
CA ASP I 330 -24.22 52.42 16.96
C ASP I 330 -23.47 51.13 16.69
N LEU I 331 -24.16 50.01 16.83
CA LEU I 331 -23.54 48.69 16.63
C LEU I 331 -23.14 48.49 15.18
N LYS I 332 -24.02 48.83 14.24
CA LYS I 332 -23.69 48.63 12.84
C LYS I 332 -22.68 49.66 12.36
N THR I 333 -22.64 50.85 12.96
CA THR I 333 -21.62 51.82 12.59
C THR I 333 -20.25 51.35 13.06
N TRP I 334 -20.19 50.80 14.28
CA TRP I 334 -18.95 50.23 14.79
C TRP I 334 -18.48 49.07 13.93
N PHE I 335 -19.40 48.20 13.54
CA PHE I 335 -19.01 47.08 12.71
C PHE I 335 -18.54 47.54 11.35
N LEU I 336 -19.32 48.44 10.71
CA LEU I 336 -19.03 48.87 9.36
C LEU I 336 -17.73 49.65 9.26
N ASP I 337 -17.34 50.34 10.34
CA ASP I 337 -15.99 50.89 10.24
C ASP I 337 -14.94 49.98 10.87
N LYS I 338 -15.29 48.78 11.34
CA LYS I 338 -14.25 47.83 11.70
C LYS I 338 -14.29 46.54 10.87
N PHE I 339 -15.44 45.92 10.72
CA PHE I 339 -15.58 44.72 9.89
C PHE I 339 -16.59 45.04 8.80
N LYS I 340 -16.15 45.09 7.55
CA LYS I 340 -16.95 45.65 6.46
C LYS I 340 -18.27 44.93 6.22
N ILE I 341 -18.23 43.71 5.68
CA ILE I 341 -19.43 42.91 5.48
C ILE I 341 -19.16 41.52 6.08
N ASP I 342 -17.88 41.25 6.32
CA ASP I 342 -17.47 39.95 6.86
C ASP I 342 -18.05 39.65 8.23
N LEU I 343 -18.43 40.67 8.99
CA LEU I 343 -19.22 40.48 10.20
C LEU I 343 -20.40 41.44 10.23
N TYR I 344 -21.59 40.91 9.99
CA TYR I 344 -22.81 41.67 10.18
C TYR I 344 -23.61 41.00 11.28
N VAL I 345 -24.14 41.80 12.19
CA VAL I 345 -24.95 41.31 13.29
C VAL I 345 -26.40 41.70 13.04
N ALA I 346 -27.30 40.75 13.24
CA ALA I 346 -28.71 40.94 12.92
C ALA I 346 -29.51 40.86 14.22
N MET I 347 -30.20 41.95 14.54
CA MET I 347 -31.08 42.00 15.69
C MET I 347 -32.51 41.97 15.21
N ALA I 348 -33.32 41.12 15.82
CA ALA I 348 -34.73 41.07 15.48
C ALA I 348 -35.52 40.61 16.68
N TYR I 349 -36.68 41.22 16.88
CA TYR I 349 -37.62 40.80 17.90
C TYR I 349 -38.94 40.50 17.22
N THR I 350 -39.65 39.50 17.73
CA THR I 350 -41.03 39.26 17.36
C THR I 350 -41.90 39.88 18.43
N GLU I 351 -42.70 40.86 18.05
CA GLU I 351 -43.65 41.44 18.98
C GLU I 351 -44.72 40.41 19.29
N VAL I 352 -44.95 40.18 20.58
CA VAL I 352 -45.85 39.15 21.05
C VAL I 352 -46.75 39.76 22.11
N SER I 353 -47.58 38.92 22.71
CA SER I 353 -48.47 39.34 23.77
C SER I 353 -48.33 38.38 24.93
N ALA I 354 -49.03 38.68 26.02
CA ALA I 354 -49.17 37.69 27.08
C ALA I 354 -50.33 36.74 26.80
N ASN I 355 -51.22 37.10 25.87
CA ASN I 355 -52.07 36.08 25.27
C ASN I 355 -51.26 35.14 24.40
N ASP I 356 -50.22 35.67 23.74
CA ASP I 356 -49.26 34.83 23.07
C ASP I 356 -48.39 34.05 24.06
N LEU I 357 -48.28 34.53 25.30
CA LEU I 357 -47.37 33.93 26.26
C LEU I 357 -48.04 32.95 27.21
N MET I 358 -49.38 32.90 27.25
CA MET I 358 -50.05 31.96 28.16
C MET I 358 -50.22 30.57 27.56
N ASN I 359 -49.75 30.35 26.32
CA ASN I 359 -49.62 29.02 25.72
C ASN I 359 -50.96 28.29 25.59
N HIS I 360 -51.92 28.97 25.00
CA HIS I 360 -53.20 28.32 24.67
C HIS I 360 -53.52 28.42 23.19
N ASN I 361 -53.34 29.60 22.60
CA ASN I 361 -53.66 29.83 21.20
C ASN I 361 -52.47 29.57 20.29
N GLY I 362 -51.85 28.39 20.44
CA GLY I 362 -50.74 27.97 19.58
C GLY I 362 -49.54 28.87 19.72
N HIS I 363 -48.96 29.21 18.56
CA HIS I 363 -48.15 30.41 18.36
C HIS I 363 -46.85 30.39 19.16
N TYR I 364 -46.04 29.36 18.94
CA TYR I 364 -44.65 29.46 19.38
C TYR I 364 -43.62 29.06 18.34
N ARG I 365 -43.87 27.96 17.62
CA ARG I 365 -42.88 27.55 16.63
C ARG I 365 -43.01 28.38 15.36
N ASP I 366 -44.24 28.76 15.01
CA ASP I 366 -44.41 29.75 13.95
C ASP I 366 -44.00 31.14 14.41
N ILE I 367 -44.01 31.41 15.72
CA ILE I 367 -43.46 32.67 16.22
C ILE I 367 -41.93 32.68 16.07
N TYR I 368 -41.29 31.54 16.37
CA TYR I 368 -39.88 31.36 16.03
C TYR I 368 -39.64 31.49 14.54
N ARG I 369 -40.56 30.97 13.72
CA ARG I 369 -40.41 31.08 12.29
C ARG I 369 -40.57 32.53 11.81
N ARG I 370 -41.47 33.27 12.46
CA ARG I 370 -41.65 34.69 12.14
C ARG I 370 -40.42 35.49 12.54
N LEU I 371 -39.81 35.11 13.67
CA LEU I 371 -38.56 35.73 14.09
C LEU I 371 -37.43 35.42 13.13
N SER I 372 -37.35 34.17 12.67
CA SER I 372 -36.32 33.79 11.71
C SER I 372 -36.56 34.47 10.37
N GLN I 373 -37.82 34.73 10.04
CA GLN I 373 -38.13 35.56 8.87
C GLN I 373 -37.67 36.99 9.09
N LYS I 374 -37.91 37.54 10.29
CA LYS I 374 -37.56 38.93 10.56
C LYS I 374 -36.07 39.12 10.69
N THR I 375 -35.35 38.07 11.06
CA THR I 375 -33.90 38.12 10.89
C THR I 375 -33.55 38.11 9.41
N SER I 376 -34.14 37.18 8.65
CA SER I 376 -33.72 36.99 7.26
C SER I 376 -34.17 38.15 6.38
N ALA I 377 -35.28 38.79 6.73
CA ALA I 377 -35.65 40.02 6.03
C ALA I 377 -34.69 41.14 6.35
N LYS I 378 -34.14 41.15 7.56
CA LYS I 378 -33.08 42.09 7.88
C LYS I 378 -31.75 41.60 7.32
N LYS I 379 -31.54 40.28 7.29
CA LYS I 379 -30.28 39.75 6.77
C LYS I 379 -30.17 39.91 5.26
N ALA I 380 -31.28 40.11 4.57
CA ALA I 380 -31.21 40.45 3.15
C ALA I 380 -30.87 41.92 2.98
N ASN I 381 -31.78 42.81 3.40
CA ASN I 381 -31.57 44.24 3.26
C ASN I 381 -30.67 44.73 4.40
N ARG I 382 -29.37 44.77 4.11
CA ARG I 382 -28.40 45.01 5.16
C ARG I 382 -28.20 46.50 5.42
N TYR I 383 -27.77 47.25 4.42
CA TYR I 383 -27.30 48.61 4.59
C TYR I 383 -28.12 49.56 3.73
N THR I 384 -28.15 50.84 4.08
CA THR I 384 -29.15 51.66 3.41
C THR I 384 -28.68 52.40 2.17
N ALA I 385 -27.97 53.52 2.34
CA ALA I 385 -27.33 54.12 1.18
C ALA I 385 -26.00 54.75 1.53
N GLU I 386 -25.99 55.45 2.65
CA GLU I 386 -24.91 56.37 2.95
C GLU I 386 -23.68 55.62 3.38
N GLU I 387 -23.88 54.51 4.08
CA GLU I 387 -22.77 53.66 4.45
C GLU I 387 -22.22 52.90 3.25
N ILE I 388 -23.07 52.57 2.27
CA ILE I 388 -22.59 51.95 1.04
C ILE I 388 -21.69 52.91 0.29
N LEU I 389 -22.14 54.17 0.16
CA LEU I 389 -21.31 55.18 -0.48
C LEU I 389 -20.07 55.50 0.34
N ASN I 390 -20.18 55.38 1.67
CA ASN I 390 -19.04 55.59 2.56
C ASN I 390 -17.96 54.53 2.33
N LEU I 391 -18.37 53.26 2.28
CA LEU I 391 -17.42 52.19 2.01
C LEU I 391 -16.87 52.27 0.59
N ASN I 392 -17.68 52.74 -0.35
CA ASN I 392 -17.21 52.78 -1.73
C ASN I 392 -16.22 53.92 -1.94
N HIS I 393 -16.48 55.09 -1.39
CA HIS I 393 -15.57 56.21 -1.59
C HIS I 393 -14.53 56.33 -0.50
N GLN I 394 -14.52 55.41 0.45
CA GLN I 394 -13.51 55.38 1.49
C GLN I 394 -12.19 54.80 0.99
N GLY I 395 -12.21 54.07 -0.12
CA GLY I 395 -11.06 53.28 -0.51
C GLY I 395 -9.87 54.11 -0.98
N THR I 396 -8.69 53.52 -0.88
CA THR I 396 -7.45 54.16 -1.26
C THR I 396 -6.49 53.10 -1.80
N GLU I 397 -5.49 53.53 -2.56
CA GLU I 397 -4.59 52.62 -3.22
C GLU I 397 -3.22 52.67 -2.58
N ASN I 398 -2.68 51.50 -2.28
CA ASN I 398 -1.38 51.40 -1.64
C ASN I 398 -0.77 50.02 -1.91
N ALA I 399 0.46 49.84 -1.45
CA ALA I 399 1.14 48.56 -1.59
C ALA I 399 1.59 48.09 -0.23
N ARG I 400 0.65 47.50 0.52
CA ARG I 400 0.88 46.76 1.75
C ARG I 400 -0.42 46.09 2.14
N GLU I 401 -0.35 44.89 2.70
CA GLU I 401 -1.53 44.15 3.08
C GLU I 401 -1.22 43.27 4.27
N CYS I 402 -2.18 43.11 5.17
CA CYS I 402 -1.95 42.05 6.11
C CYS I 402 -2.16 40.70 5.44
N ARG I 403 -1.52 39.69 6.00
CA ARG I 403 -1.50 38.37 5.39
C ARG I 403 -2.83 37.65 5.51
N GLU I 404 -3.45 37.65 6.68
CA GLU I 404 -4.69 36.89 6.85
C GLU I 404 -5.90 37.76 6.60
N CYS I 405 -6.11 38.75 7.45
CA CYS I 405 -7.05 39.84 7.22
C CYS I 405 -6.50 40.72 6.10
N LYS I 406 -6.74 40.27 4.86
CA LYS I 406 -6.14 40.93 3.71
C LYS I 406 -6.79 42.27 3.44
N ARG I 407 -6.43 43.26 4.25
CA ARG I 407 -7.03 44.58 4.22
C ARG I 407 -5.90 45.60 4.24
N SER I 408 -6.17 46.80 3.77
CA SER I 408 -5.17 47.85 3.84
C SER I 408 -5.33 48.69 5.09
N ASP I 409 -6.58 48.93 5.50
CA ASP I 409 -6.84 49.81 6.62
C ASP I 409 -6.44 49.15 7.93
N LEU I 410 -6.12 50.01 8.91
CA LEU I 410 -5.68 49.63 10.25
C LEU I 410 -4.44 48.75 10.22
N LEU I 411 -3.57 48.95 9.23
CA LEU I 411 -2.30 48.25 9.20
C LEU I 411 -1.33 48.97 10.11
N ILE I 412 -0.59 48.20 10.89
CA ILE I 412 0.36 48.77 11.84
C ILE I 412 1.57 49.29 11.09
N GLU I 413 2.38 50.09 11.76
CA GLU I 413 3.52 50.71 11.11
C GLU I 413 4.68 49.73 11.02
N GLU I 414 5.30 49.69 9.84
CA GLU I 414 6.56 48.98 9.56
C GLU I 414 6.46 47.48 9.77
N ASP I 415 5.23 46.96 9.72
CA ASP I 415 4.97 45.54 9.57
C ASP I 415 3.54 45.45 9.02
N ASP I 416 3.18 44.28 8.52
CA ASP I 416 2.00 44.11 7.69
C ASP I 416 1.08 43.07 8.30
N ILE I 417 0.68 43.29 9.55
CA ILE I 417 -0.42 42.57 10.18
C ILE I 417 -1.46 43.60 10.57
N CYS I 418 -2.75 43.23 10.54
CA CYS I 418 -3.73 44.26 10.89
C CYS I 418 -3.77 44.46 12.40
N GLU I 419 -4.32 45.63 12.79
CA GLU I 419 -4.45 45.98 14.19
C GLU I 419 -5.34 44.99 14.92
N ILE I 420 -6.45 44.61 14.28
CA ILE I 420 -7.26 43.50 14.75
C ILE I 420 -6.45 42.23 14.77
N CYS I 421 -5.62 42.05 13.75
CA CYS I 421 -4.89 40.81 13.59
C CYS I 421 -3.70 40.70 14.56
N ASP I 422 -3.00 41.81 14.83
CA ASP I 422 -2.05 41.82 15.92
C ASP I 422 -2.73 41.72 17.28
N SER I 423 -3.94 42.25 17.42
CA SER I 423 -4.65 42.07 18.66
C SER I 423 -5.01 40.62 18.91
N LEU I 424 -5.38 39.91 17.84
CA LEU I 424 -5.71 38.49 17.99
C LEU I 424 -4.48 37.60 17.96
N GLN I 425 -3.30 38.15 17.65
CA GLN I 425 -2.12 37.36 18.01
C GLN I 425 -1.61 37.70 19.40
N LYS I 426 -1.98 38.87 19.93
CA LYS I 426 -1.54 39.28 21.26
C LYS I 426 -2.22 38.47 22.35
N VAL I 427 -3.53 38.30 22.25
CA VAL I 427 -4.23 37.48 23.22
C VAL I 427 -4.10 36.00 22.91
N SER I 428 -3.45 35.66 21.81
CA SER I 428 -3.40 34.28 21.36
C SER I 428 -2.53 33.42 22.28
N ARG I 429 -1.32 33.88 22.57
CA ARG I 429 -0.37 33.06 23.33
C ARG I 429 -0.78 32.94 24.79
N ASP I 430 -1.30 34.01 25.39
CA ASP I 430 -1.64 34.05 26.80
C ASP I 430 -3.13 33.81 27.05
N LEU I 431 -3.75 32.94 26.27
CA LEU I 431 -5.13 32.54 26.46
C LEU I 431 -5.08 31.19 27.17
N THR I 432 -4.77 31.23 28.46
CA THR I 432 -4.46 30.05 29.25
C THR I 432 -5.75 29.39 29.73
N ARG I 433 -5.62 28.50 30.72
CA ARG I 433 -6.75 27.81 31.32
C ARG I 433 -7.33 28.57 32.51
N GLU I 434 -6.73 29.70 32.89
CA GLU I 434 -7.07 30.31 34.17
C GLU I 434 -7.21 31.83 34.12
N ASN I 435 -7.01 32.45 32.97
CA ASN I 435 -6.98 33.91 32.92
C ASN I 435 -8.38 34.50 33.04
N ILE I 436 -8.44 35.73 33.49
CA ILE I 436 -9.68 36.47 33.64
C ILE I 436 -9.82 37.46 32.50
N PHE I 437 -11.01 37.52 31.91
CA PHE I 437 -11.26 38.42 30.78
C PHE I 437 -11.76 39.73 31.34
N VAL I 438 -10.87 40.70 31.48
CA VAL I 438 -11.24 42.01 31.97
C VAL I 438 -11.49 42.89 30.76
N ILE I 439 -12.36 43.88 30.95
CA ILE I 439 -12.59 44.86 29.90
C ILE I 439 -12.09 46.18 30.44
N ALA I 440 -11.69 47.06 29.52
CA ALA I 440 -11.14 48.33 29.97
C ALA I 440 -11.22 49.33 28.83
N ASN I 441 -11.03 50.59 29.16
CA ASN I 441 -10.83 51.59 28.12
C ASN I 441 -9.43 51.50 27.53
N GLU I 442 -8.52 50.82 28.21
CA GLU I 442 -7.17 50.58 27.71
C GLU I 442 -6.99 49.06 27.63
N GLY I 443 -6.97 48.53 26.40
CA GLY I 443 -6.76 47.11 26.20
C GLY I 443 -6.14 46.81 24.87
N VAL I 444 -6.27 45.57 24.41
CA VAL I 444 -5.64 45.17 23.15
C VAL I 444 -6.69 44.84 22.10
N LEU I 445 -7.80 44.22 22.51
CA LEU I 445 -8.85 43.89 21.57
C LEU I 445 -9.74 45.09 21.36
N ASP I 446 -10.69 44.98 20.43
CA ASP I 446 -11.60 46.07 20.12
C ASP I 446 -13.02 45.52 20.05
N MET I 447 -13.94 46.13 20.78
CA MET I 447 -15.32 45.68 20.83
C MET I 447 -16.20 46.86 21.19
N PRO I 448 -17.44 46.88 20.72
CA PRO I 448 -18.26 48.09 20.90
C PRO I 448 -18.90 48.15 22.27
N PHE I 449 -19.12 49.35 22.85
CA PHE I 449 -18.93 50.64 22.20
C PHE I 449 -17.67 51.33 22.65
N GLY I 450 -16.59 51.14 21.88
CA GLY I 450 -15.35 51.86 22.15
C GLY I 450 -14.65 51.46 23.42
N LYS I 451 -14.93 50.27 23.94
CA LYS I 451 -14.28 49.75 25.13
C LYS I 451 -13.49 48.51 24.75
N LYS I 452 -12.28 48.39 25.28
CA LYS I 452 -11.38 47.36 24.81
C LYS I 452 -11.39 46.15 25.74
N MET I 453 -10.86 45.03 25.24
CA MET I 453 -10.52 43.90 26.08
C MET I 453 -9.02 43.79 26.30
N SER I 454 -8.65 43.72 27.58
CA SER I 454 -7.30 43.36 27.97
C SER I 454 -7.16 41.86 28.18
N ALA I 455 -8.04 41.27 29.01
CA ALA I 455 -8.05 39.85 29.39
C ALA I 455 -6.68 39.43 29.95
N LEU I 456 -6.34 40.04 31.08
CA LEU I 456 -5.05 39.84 31.73
C LEU I 456 -5.09 38.64 32.65
N SER I 457 -3.91 38.18 33.05
CA SER I 457 -3.82 37.05 33.96
C SER I 457 -4.20 37.46 35.38
N TYR I 458 -4.37 36.46 36.24
CA TYR I 458 -4.84 36.73 37.60
C TYR I 458 -3.71 37.08 38.54
N SER I 459 -2.86 38.03 38.14
CA SER I 459 -1.95 38.70 39.06
C SER I 459 -2.12 40.21 39.03
N GLN I 460 -2.08 40.81 37.84
CA GLN I 460 -2.21 42.25 37.70
C GLN I 460 -3.63 42.71 37.47
N ALA I 461 -4.51 41.81 37.04
CA ALA I 461 -5.90 42.16 36.81
C ALA I 461 -6.74 42.07 38.07
N ASP I 462 -6.12 41.82 39.23
CA ASP I 462 -6.86 41.65 40.47
C ASP I 462 -6.98 42.95 41.26
N LYS I 463 -5.96 43.80 41.19
CA LYS I 463 -5.93 44.98 42.06
C LYS I 463 -6.88 46.08 41.58
N LEU I 464 -7.01 46.26 40.27
CA LEU I 464 -7.92 47.26 39.74
C LEU I 464 -9.29 46.69 39.39
N LYS I 465 -9.54 45.42 39.70
CA LYS I 465 -10.84 44.84 39.39
C LYS I 465 -11.91 45.34 40.35
N LYS I 466 -11.51 45.92 41.48
CA LYS I 466 -12.46 46.49 42.43
C LYS I 466 -12.28 47.99 42.59
N SER I 467 -11.03 48.46 42.69
CA SER I 467 -10.77 49.89 42.86
C SER I 467 -11.17 50.68 41.62
N ASN I 468 -10.85 50.17 40.43
CA ASN I 468 -11.33 50.75 39.18
C ASN I 468 -12.62 50.02 38.85
N ALA I 469 -13.74 50.67 39.16
CA ALA I 469 -15.05 50.06 38.94
C ALA I 469 -15.52 50.34 37.51
N GLU I 470 -16.80 50.05 37.26
CA GLU I 470 -17.50 50.25 35.99
C GLU I 470 -16.86 49.48 34.83
N VAL I 471 -16.21 48.35 35.13
CA VAL I 471 -15.79 47.40 34.10
C VAL I 471 -16.37 46.03 34.42
N GLN I 472 -17.12 45.48 33.47
CA GLN I 472 -17.71 44.15 33.64
C GLN I 472 -16.69 43.10 33.26
N ILE I 473 -16.26 42.30 34.23
CA ILE I 473 -15.13 41.41 34.06
C ILE I 473 -15.64 39.98 33.94
N TYR I 474 -15.12 39.26 32.96
CA TYR I 474 -15.55 37.91 32.64
C TYR I 474 -14.44 36.93 32.99
N ALA I 475 -14.83 35.69 33.27
CA ALA I 475 -13.82 34.73 33.66
C ALA I 475 -14.22 33.33 33.20
N LYS I 476 -13.38 32.37 33.56
CA LYS I 476 -13.62 30.97 33.26
C LYS I 476 -13.27 30.08 34.45
N ASN I 477 -13.29 30.65 35.66
CA ASN I 477 -13.14 29.89 36.89
C ASN I 477 -14.23 30.33 37.85
N ILE I 478 -14.75 29.38 38.62
CA ILE I 478 -15.72 29.72 39.65
C ILE I 478 -14.93 30.06 40.91
N SER I 479 -14.51 31.32 41.00
CA SER I 479 -13.72 31.83 42.12
C SER I 479 -14.32 33.11 42.69
N GLU I 480 -15.51 33.49 42.25
CA GLU I 480 -16.16 34.72 42.69
C GLU I 480 -17.28 34.27 43.62
N ILE I 481 -17.05 34.44 44.92
CA ILE I 481 -17.98 33.98 45.93
C ILE I 481 -18.87 35.19 46.24
N GLY I 482 -18.52 36.33 45.67
CA GLY I 482 -19.30 37.53 45.85
C GLY I 482 -18.45 38.73 46.26
N GLN I 483 -17.13 38.61 46.12
CA GLN I 483 -16.23 39.69 46.53
C GLN I 483 -15.51 40.34 45.36
N ASN I 484 -15.59 39.76 44.16
CA ASN I 484 -14.79 40.23 43.03
C ASN I 484 -15.61 40.79 41.88
N LEU I 485 -16.92 40.55 41.84
CA LEU I 485 -17.84 41.02 40.81
C LEU I 485 -17.42 40.60 39.40
N MET I 486 -16.99 39.34 39.30
CA MET I 486 -16.62 38.73 38.03
C MET I 486 -17.62 37.63 37.72
N THR I 487 -17.98 37.50 36.44
CA THR I 487 -18.85 36.42 36.01
C THR I 487 -18.06 35.40 35.20
N ARG I 488 -18.50 34.15 35.25
CA ARG I 488 -17.80 33.08 34.57
C ARG I 488 -18.45 32.80 33.23
N ILE I 489 -17.63 32.63 32.20
CA ILE I 489 -18.08 32.09 30.93
C ILE I 489 -16.96 31.21 30.40
N ASP I 490 -17.18 29.91 30.41
CA ASP I 490 -16.11 28.97 30.17
C ASP I 490 -15.80 28.87 28.68
N MET I 491 -14.77 28.09 28.37
CA MET I 491 -14.28 27.89 27.01
C MET I 491 -13.44 26.63 26.96
N GLY I 492 -13.38 26.01 25.79
CA GLY I 492 -12.58 24.81 25.63
C GLY I 492 -11.11 25.15 25.44
N ASP I 493 -10.29 24.90 26.44
CA ASP I 493 -8.93 25.42 26.43
C ASP I 493 -7.95 24.42 27.01
N TYR I 494 -8.22 23.13 26.87
CA TYR I 494 -7.29 22.15 27.40
C TYR I 494 -6.03 22.09 26.54
N THR I 495 -4.90 21.93 27.19
CA THR I 495 -3.62 21.78 26.51
C THR I 495 -2.81 20.74 27.26
N TYR I 496 -1.95 20.03 26.54
CA TYR I 496 -0.92 19.27 27.22
C TYR I 496 0.23 20.18 27.62
N ARG I 497 0.96 20.69 26.63
CA ARG I 497 1.82 21.86 26.87
C ARG I 497 1.87 22.80 25.68
N SER I 498 0.98 22.63 24.68
CA SER I 498 0.82 23.45 23.47
C SER I 498 2.04 23.43 22.55
N ASP I 499 2.95 22.49 22.76
CA ASP I 499 4.11 22.31 21.90
C ASP I 499 4.16 20.87 21.43
N PHE I 500 4.11 20.68 20.11
CA PHE I 500 4.06 19.34 19.56
C PHE I 500 5.40 18.62 19.60
N HIS I 501 6.51 19.35 19.60
CA HIS I 501 7.81 18.70 19.52
C HIS I 501 8.15 17.99 20.82
N GLU I 502 7.78 18.56 21.96
CA GLU I 502 7.92 17.86 23.22
C GLU I 502 6.86 16.79 23.39
N MET I 503 5.65 17.03 22.89
CA MET I 503 4.54 16.12 23.17
C MET I 503 4.65 14.84 22.37
N LEU I 504 5.07 14.92 21.11
CA LEU I 504 5.16 13.73 20.29
C LEU I 504 6.40 12.89 20.57
N GLU I 505 7.46 13.48 21.14
CA GLU I 505 8.60 12.67 21.53
C GLU I 505 8.37 11.96 22.85
N GLU I 506 7.29 12.30 23.56
CA GLU I 506 6.92 11.53 24.74
C GLU I 506 6.40 10.14 24.38
N VAL I 507 5.64 10.04 23.29
CA VAL I 507 5.07 8.76 22.90
C VAL I 507 6.09 7.93 22.10
N GLU I 508 6.99 7.29 22.84
CA GLU I 508 8.00 6.42 22.23
C GLU I 508 7.53 4.97 22.20
N VAL I 509 6.32 4.76 21.66
CA VAL I 509 5.72 3.44 21.59
C VAL I 509 5.38 3.12 20.14
N GLY I 510 4.56 3.96 19.53
CA GLY I 510 4.06 3.73 18.20
C GLY I 510 4.70 4.61 17.16
N ILE I 511 3.99 4.78 16.02
CA ILE I 511 4.52 5.57 14.94
C ILE I 511 4.50 7.05 15.30
N ASN I 512 5.60 7.75 14.99
CA ASN I 512 5.77 9.16 15.34
C ASN I 512 4.90 9.99 14.40
N ARG I 513 3.60 10.00 14.69
CA ARG I 513 2.67 10.74 13.88
C ARG I 513 1.71 11.50 14.76
N LEU I 514 1.23 12.61 14.22
CA LEU I 514 0.37 13.55 14.91
C LEU I 514 -1.03 13.51 14.32
N GLY I 515 -2.03 13.32 15.17
CA GLY I 515 -3.40 13.23 14.72
C GLY I 515 -4.19 14.46 15.12
N VAL I 516 -5.13 14.84 14.26
CA VAL I 516 -6.06 15.90 14.60
C VAL I 516 -7.48 15.38 14.52
N LEU I 517 -8.44 16.15 15.03
CA LEU I 517 -9.81 15.68 15.13
C LEU I 517 -10.75 16.81 14.75
N ARG I 518 -11.76 16.49 13.95
CA ARG I 518 -12.83 17.43 13.66
C ARG I 518 -14.16 16.72 13.94
N ALA I 519 -15.13 17.46 14.44
CA ALA I 519 -16.38 16.87 14.85
C ALA I 519 -17.46 17.92 14.89
N ASP I 520 -18.70 17.45 15.09
CA ASP I 520 -19.91 18.23 15.23
C ASP I 520 -21.01 17.31 15.71
N VAL I 521 -22.18 17.86 16.00
CA VAL I 521 -23.29 17.05 16.50
C VAL I 521 -24.29 16.78 15.39
N ASP I 522 -24.77 15.55 15.33
CA ASP I 522 -25.74 15.11 14.34
C ASP I 522 -27.10 15.72 14.59
N ASN I 523 -27.80 16.03 13.50
CA ASN I 523 -29.21 16.43 13.46
C ASN I 523 -29.49 17.71 14.25
N LEU I 524 -28.48 18.57 14.39
CA LEU I 524 -28.63 19.74 15.25
C LEU I 524 -29.43 20.84 14.56
N GLY I 525 -29.37 20.90 13.24
CA GLY I 525 -30.10 21.92 12.51
C GLY I 525 -31.61 21.74 12.58
N GLN I 526 -32.07 20.49 12.51
CA GLN I 526 -33.49 20.20 12.68
C GLN I 526 -33.92 20.41 14.13
N ALA I 527 -32.98 20.27 15.06
CA ALA I 527 -33.28 20.50 16.47
C ALA I 527 -33.60 21.95 16.78
N PHE I 528 -33.13 22.87 15.95
CA PHE I 528 -33.45 24.29 16.14
C PHE I 528 -34.45 24.83 15.15
N ILE I 529 -34.80 24.07 14.12
CA ILE I 529 -35.90 24.46 13.25
C ILE I 529 -37.22 24.34 14.01
N ASN I 530 -37.38 23.24 14.75
CA ASN I 530 -38.54 22.99 15.60
C ASN I 530 -38.14 22.50 16.99
N GLY I 531 -37.79 23.46 17.85
CA GLY I 531 -37.22 23.15 19.15
C GLY I 531 -38.17 22.50 20.14
N ILE I 532 -39.16 23.24 20.64
CA ILE I 532 -40.17 22.65 21.50
C ILE I 532 -41.55 22.98 20.95
N PRO I 533 -42.50 22.03 21.01
CA PRO I 533 -43.82 22.28 20.44
C PRO I 533 -44.70 23.12 21.35
N ASP I 534 -45.93 23.33 20.89
CA ASP I 534 -46.85 24.23 21.56
C ASP I 534 -47.38 23.65 22.87
N ASP I 535 -47.82 22.39 22.83
CA ASP I 535 -48.71 21.87 23.86
C ASP I 535 -48.02 21.62 25.20
N TYR I 536 -46.70 21.42 25.18
CA TYR I 536 -45.91 21.17 26.39
C TYR I 536 -44.82 22.21 26.51
N LEU I 537 -45.21 23.47 26.39
CA LEU I 537 -44.27 24.57 26.39
C LEU I 537 -44.43 25.47 27.61
N SER I 538 -43.33 25.66 28.32
CA SER I 538 -43.06 26.91 28.97
C SER I 538 -41.85 27.49 28.24
N ILE I 539 -41.58 28.78 28.49
CA ILE I 539 -40.53 29.45 27.74
C ILE I 539 -39.15 28.93 28.14
N SER I 540 -38.95 28.68 29.43
CA SER I 540 -37.61 28.61 29.99
C SER I 540 -36.91 27.31 29.68
N ARG I 541 -37.66 26.30 29.23
CA ARG I 541 -37.14 24.93 29.27
C ARG I 541 -36.12 24.65 28.17
N THR I 542 -36.30 25.21 26.97
CA THR I 542 -35.42 24.84 25.87
C THR I 542 -34.04 25.49 25.98
N ALA I 543 -33.92 26.56 26.77
CA ALA I 543 -32.63 27.17 27.02
C ALA I 543 -31.72 26.28 27.85
N THR I 544 -32.33 25.48 28.75
CA THR I 544 -31.55 24.61 29.61
C THR I 544 -30.87 23.51 28.81
N PHE I 545 -31.52 23.05 27.75
CA PHE I 545 -30.90 22.11 26.81
C PHE I 545 -29.62 22.65 26.20
N SER I 546 -29.69 23.87 25.67
CA SER I 546 -28.55 24.41 24.95
C SER I 546 -27.43 24.81 25.92
N ARG I 547 -27.78 25.31 27.09
CA ARG I 547 -26.75 25.63 28.06
C ARG I 547 -26.14 24.36 28.65
N ALA I 548 -26.92 23.28 28.73
CA ALA I 548 -26.36 22.01 29.18
C ALA I 548 -25.40 21.43 28.15
N MET I 549 -25.76 21.56 26.87
CA MET I 549 -24.86 21.10 25.80
C MET I 549 -23.57 21.91 25.76
N SER I 550 -23.68 23.23 25.88
CA SER I 550 -22.50 24.09 25.80
C SER I 550 -21.59 23.90 27.01
N ARG I 551 -22.17 23.89 28.22
CA ARG I 551 -21.38 23.67 29.41
C ARG I 551 -20.84 22.24 29.45
N PHE I 552 -21.57 21.29 28.87
CA PHE I 552 -21.07 19.93 28.72
C PHE I 552 -19.80 19.92 27.91
N PHE I 553 -19.84 20.52 26.72
CA PHE I 553 -18.68 20.60 25.84
C PHE I 553 -17.48 21.26 26.50
N LYS I 554 -17.63 22.50 26.95
CA LYS I 554 -16.49 23.22 27.51
C LYS I 554 -16.00 22.58 28.79
N ASN I 555 -16.85 22.56 29.84
CA ASN I 555 -16.40 22.09 31.14
C ASN I 555 -16.13 20.60 31.14
N TYR I 556 -17.05 19.80 30.61
CA TYR I 556 -16.91 18.35 30.64
C TYR I 556 -15.73 17.89 29.80
N LEU I 557 -15.51 18.45 28.60
CA LEU I 557 -14.39 18.02 27.79
C LEU I 557 -13.06 18.43 28.41
N ASN I 558 -13.01 19.63 29.01
CA ASN I 558 -11.80 20.04 29.70
C ASN I 558 -11.50 19.13 30.88
N GLN I 559 -12.54 18.75 31.63
CA GLN I 559 -12.36 17.84 32.75
C GLN I 559 -12.01 16.44 32.30
N LEU I 560 -12.61 15.97 31.20
CA LEU I 560 -12.34 14.63 30.68
C LEU I 560 -10.92 14.50 30.18
N LEU I 561 -10.43 15.51 29.47
CA LEU I 561 -9.05 15.48 29.04
C LEU I 561 -8.09 15.70 30.20
N ALA I 562 -8.58 16.31 31.28
CA ALA I 562 -7.74 16.44 32.47
C ALA I 562 -7.60 15.12 33.23
N GLU I 563 -8.71 14.39 33.40
CA GLU I 563 -8.74 13.27 34.34
C GLU I 563 -7.97 12.07 33.81
N LYS I 564 -8.11 11.79 32.52
CA LYS I 564 -7.24 10.83 31.84
C LYS I 564 -6.20 11.69 31.15
N SER I 565 -4.93 11.53 31.53
CA SER I 565 -3.92 12.52 31.17
C SER I 565 -3.56 12.40 29.69
N TYR I 566 -4.34 13.06 28.85
CA TYR I 566 -4.24 12.93 27.40
C TYR I 566 -3.24 13.94 26.85
N LYS I 567 -2.52 13.53 25.81
CA LYS I 567 -1.60 14.43 25.10
C LYS I 567 -2.35 15.09 23.95
N ILE I 568 -3.36 15.88 24.31
CA ILE I 568 -4.28 16.46 23.36
C ILE I 568 -4.37 17.97 23.63
N ASN I 569 -4.10 18.78 22.61
CA ASN I 569 -4.34 20.21 22.67
C ASN I 569 -5.69 20.47 22.03
N VAL I 570 -6.37 21.53 22.48
CA VAL I 570 -7.74 21.82 22.06
C VAL I 570 -7.79 23.21 21.45
N ILE I 571 -8.56 23.36 20.37
CA ILE I 571 -8.74 24.65 19.70
C ILE I 571 -10.18 25.15 19.84
N TYR I 572 -11.15 24.43 19.29
CA TYR I 572 -12.53 24.87 19.35
C TYR I 572 -13.25 24.23 20.52
N ALA I 573 -14.55 24.52 20.61
CA ALA I 573 -15.50 23.79 21.44
C ALA I 573 -16.89 24.12 20.91
N GLY I 574 -17.65 23.10 20.57
CA GLY I 574 -19.04 23.34 20.21
C GLY I 574 -19.62 22.20 19.41
N GLY I 575 -20.92 22.29 19.18
CA GLY I 575 -21.66 21.29 18.44
C GLY I 575 -21.54 21.42 16.95
N ASP I 576 -20.92 22.50 16.51
CA ASP I 576 -20.55 22.68 15.13
C ASP I 576 -19.05 22.83 14.95
N ASP I 577 -18.34 23.25 15.99
CA ASP I 577 -16.90 23.42 15.86
C ASP I 577 -16.24 22.60 16.96
N LEU I 578 -15.35 21.70 16.56
CA LEU I 578 -14.51 20.99 17.51
C LEU I 578 -13.24 20.62 16.80
N PHE I 579 -12.11 21.07 17.32
CA PHE I 579 -10.82 20.83 16.68
C PHE I 579 -9.82 20.59 17.79
N MET I 580 -9.31 19.36 17.86
CA MET I 580 -8.26 19.04 18.79
C MET I 580 -7.11 18.40 18.04
N ILE I 581 -5.91 18.66 18.52
CA ILE I 581 -4.68 18.23 17.90
C ILE I 581 -3.85 17.53 18.97
N GLY I 582 -3.22 16.42 18.61
CA GLY I 582 -2.50 15.66 19.62
C GLY I 582 -1.88 14.41 19.03
N ALA I 583 -1.39 13.56 19.93
CA ALA I 583 -0.85 12.27 19.51
C ALA I 583 -2.00 11.41 19.00
N TRP I 584 -1.74 10.62 17.96
CA TRP I 584 -2.81 9.85 17.36
C TRP I 584 -3.26 8.72 18.27
N GLN I 585 -2.34 8.19 19.07
CA GLN I 585 -2.67 7.13 20.01
C GLN I 585 -3.51 7.66 21.16
N ASP I 586 -3.58 8.97 21.33
CA ASP I 586 -4.37 9.57 22.39
C ASP I 586 -5.67 10.19 21.90
N ILE I 587 -5.75 10.60 20.63
CA ILE I 587 -7.02 11.12 20.14
C ILE I 587 -7.82 10.04 19.42
N LEU I 588 -7.21 8.89 19.12
CA LEU I 588 -7.99 7.82 18.52
C LEU I 588 -8.85 7.15 19.58
N ASP I 589 -8.30 6.93 20.77
CA ASP I 589 -9.11 6.36 21.84
C ASP I 589 -9.84 7.42 22.64
N PHE I 590 -9.61 8.69 22.36
CA PHE I 590 -10.48 9.70 22.94
C PHE I 590 -11.79 9.81 22.19
N SER I 591 -11.82 9.37 20.94
CA SER I 591 -13.04 9.49 20.14
C SER I 591 -14.14 8.57 20.65
N ILE I 592 -13.77 7.37 21.10
CA ILE I 592 -14.78 6.42 21.59
C ILE I 592 -15.36 6.89 22.92
N VAL I 593 -14.51 7.43 23.81
CA VAL I 593 -15.05 7.89 25.09
C VAL I 593 -15.76 9.21 24.93
N LEU I 594 -15.41 9.99 23.90
CA LEU I 594 -16.19 11.15 23.52
C LEU I 594 -17.57 10.74 23.06
N LYS I 595 -17.64 9.69 22.25
CA LYS I 595 -18.91 9.17 21.78
C LYS I 595 -19.75 8.68 22.95
N GLN I 596 -19.12 7.99 23.90
CA GLN I 596 -19.85 7.48 25.06
C GLN I 596 -20.34 8.60 25.97
N LYS I 597 -19.52 9.63 26.17
CA LYS I 597 -19.91 10.69 27.08
C LYS I 597 -20.98 11.59 26.47
N PHE I 598 -20.89 11.90 25.17
CA PHE I 598 -21.97 12.63 24.55
C PHE I 598 -23.21 11.75 24.34
N ALA I 599 -23.03 10.44 24.27
CA ALA I 599 -24.20 9.57 24.14
C ALA I 599 -24.99 9.53 25.43
N ASP I 600 -24.33 9.31 26.56
CA ASP I 600 -25.11 9.26 27.79
C ASP I 600 -25.36 10.64 28.39
N PHE I 601 -24.74 11.69 27.85
CA PHE I 601 -25.19 13.03 28.23
C PHE I 601 -26.51 13.36 27.54
N THR I 602 -26.62 13.04 26.25
CA THR I 602 -27.85 13.28 25.51
C THR I 602 -28.95 12.29 25.85
N GLN I 603 -28.63 11.26 26.65
CA GLN I 603 -29.47 10.09 26.89
C GLN I 603 -29.86 9.42 25.59
N ASN I 604 -28.86 9.25 24.71
CA ASN I 604 -28.93 8.48 23.47
C ASN I 604 -29.97 9.08 22.52
N LYS I 605 -29.93 10.39 22.37
CA LYS I 605 -30.81 11.09 21.45
C LYS I 605 -30.05 11.79 20.34
N LEU I 606 -29.00 12.54 20.67
CA LEU I 606 -28.20 13.26 19.71
C LEU I 606 -26.78 12.68 19.68
N SER I 607 -26.30 12.46 18.47
CA SER I 607 -25.07 11.73 18.25
C SER I 607 -24.00 12.60 17.58
N ILE I 608 -22.89 11.96 17.24
CA ILE I 608 -21.67 12.65 16.81
C ILE I 608 -21.27 12.15 15.43
N SER I 609 -20.99 13.08 14.52
CA SER I 609 -20.16 12.81 13.36
C SER I 609 -18.77 13.33 13.68
N ALA I 610 -17.75 12.52 13.44
CA ALA I 610 -16.39 12.90 13.75
C ALA I 610 -15.48 12.54 12.60
N GLY I 611 -14.36 13.25 12.51
CA GLY I 611 -13.37 12.95 11.51
C GLY I 611 -11.98 13.04 12.10
N ILE I 612 -11.22 11.96 12.00
CA ILE I 612 -9.88 11.91 12.55
C ILE I 612 -8.91 11.51 11.44
N GLY I 613 -7.82 12.24 11.35
CA GLY I 613 -6.80 11.97 10.35
C GLY I 613 -5.44 11.94 10.97
N MET I 614 -4.47 11.39 10.26
CA MET I 614 -3.12 11.24 10.78
C MET I 614 -2.13 12.03 9.94
N PHE I 615 -1.26 12.76 10.63
CA PHE I 615 -0.44 13.77 9.98
C PHE I 615 0.99 13.63 10.48
N ARG I 616 1.93 14.08 9.64
CA ARG I 616 3.31 14.28 10.01
C ARG I 616 3.40 15.39 11.06
N GLU I 617 4.40 15.28 11.92
CA GLU I 617 4.55 16.23 13.02
C GLU I 617 4.88 17.62 12.53
N LYS I 618 5.77 17.73 11.55
CA LYS I 618 6.09 19.00 10.92
C LYS I 618 5.15 19.21 9.74
N TYR I 619 4.00 19.81 10.00
CA TYR I 619 2.99 19.97 8.96
C TYR I 619 2.18 21.23 9.25
N PRO I 620 1.79 21.99 8.22
CA PRO I 620 1.03 23.22 8.46
C PRO I 620 -0.36 22.91 8.99
N VAL I 621 -0.68 23.53 10.13
CA VAL I 621 -1.89 23.18 10.88
C VAL I 621 -3.14 23.66 10.15
N ALA I 622 -3.00 24.69 9.30
CA ALA I 622 -4.12 25.12 8.46
C ALA I 622 -4.47 24.05 7.45
N ARG I 623 -3.45 23.42 6.88
CA ARG I 623 -3.68 22.30 5.96
C ARG I 623 -4.29 21.11 6.68
N MET I 624 -3.85 20.85 7.91
CA MET I 624 -4.42 19.78 8.73
C MET I 624 -5.90 20.01 9.00
N ALA I 625 -6.24 21.23 9.42
CA ALA I 625 -7.61 21.56 9.80
C ALA I 625 -8.54 21.52 8.60
N SER I 626 -8.10 22.04 7.46
CA SER I 626 -8.91 21.96 6.25
C SER I 626 -9.12 20.53 5.82
N LEU I 627 -8.05 19.73 5.82
CA LEU I 627 -8.13 18.36 5.32
C LEU I 627 -8.98 17.49 6.21
N THR I 628 -8.94 17.74 7.52
CA THR I 628 -9.71 16.91 8.43
C THR I 628 -11.14 17.40 8.57
N GLY I 629 -11.39 18.70 8.38
CA GLY I 629 -12.76 19.15 8.24
C GLY I 629 -13.44 18.57 7.02
N ASP I 630 -12.70 18.47 5.91
CA ASP I 630 -13.23 17.81 4.73
C ASP I 630 -13.33 16.29 4.94
N LEU I 631 -12.45 15.73 5.76
CA LEU I 631 -12.52 14.31 6.10
C LEU I 631 -13.77 13.99 6.90
N GLU I 632 -14.06 14.83 7.90
CA GLU I 632 -15.32 14.73 8.63
C GLU I 632 -16.52 14.99 7.73
N ASP I 633 -16.40 15.93 6.79
CA ASP I 633 -17.49 16.21 5.87
C ASP I 633 -17.75 15.02 4.94
N ALA I 634 -16.72 14.23 4.67
CA ALA I 634 -16.95 12.93 4.05
C ALA I 634 -17.69 12.01 5.00
N ALA I 635 -17.33 12.02 6.29
CA ALA I 635 -18.11 11.20 7.21
C ALA I 635 -19.43 11.83 7.63
N LYS I 636 -19.61 13.14 7.42
CA LYS I 636 -20.79 13.83 7.94
C LYS I 636 -22.05 13.40 7.19
N ASP I 637 -21.99 13.43 5.86
CA ASP I 637 -23.14 13.00 5.09
C ASP I 637 -23.27 11.48 5.08
N TYR I 638 -22.13 10.79 5.15
CA TYR I 638 -22.04 9.33 5.30
C TYR I 638 -22.78 8.53 4.22
N THR I 648 -28.53 13.50 9.62
CA THR I 648 -27.43 12.62 9.22
C THR I 648 -27.35 11.38 10.11
N LYS I 649 -26.30 10.60 9.89
CA LYS I 649 -26.10 9.38 10.66
C LYS I 649 -24.84 9.51 11.52
N ASN I 650 -24.76 8.70 12.56
CA ASN I 650 -23.60 8.69 13.45
C ASN I 650 -22.46 7.86 12.87
N ALA I 651 -21.31 8.50 12.66
CA ALA I 651 -20.20 7.86 11.97
C ALA I 651 -18.93 8.63 12.24
N VAL I 652 -17.80 7.90 12.17
CA VAL I 652 -16.47 8.47 12.23
C VAL I 652 -15.65 7.90 11.09
N THR I 653 -14.86 8.74 10.44
CA THR I 653 -13.94 8.25 9.43
C THR I 653 -12.51 8.22 9.97
N LEU I 654 -11.77 7.21 9.57
CA LEU I 654 -10.44 6.95 10.10
C LEU I 654 -9.43 7.24 9.00
N PHE I 655 -8.91 8.45 9.00
CA PHE I 655 -7.72 8.91 8.27
C PHE I 655 -7.92 9.02 6.76
N ASP I 656 -9.01 8.51 6.21
CA ASP I 656 -9.25 8.63 4.77
C ASP I 656 -10.74 8.52 4.54
N ALA I 657 -11.18 9.03 3.38
CA ALA I 657 -12.57 8.92 2.99
C ALA I 657 -12.97 7.49 2.66
N THR I 658 -12.01 6.61 2.39
CA THR I 658 -12.32 5.22 2.13
C THR I 658 -12.64 4.43 3.40
N ASN I 659 -12.22 4.92 4.57
CA ASN I 659 -12.48 4.23 5.83
C ASN I 659 -13.43 5.08 6.63
N VAL I 660 -14.73 4.84 6.48
CA VAL I 660 -15.77 5.52 7.25
C VAL I 660 -16.59 4.45 7.96
N PHE I 661 -16.63 4.51 9.28
CA PHE I 661 -17.27 3.49 10.10
C PHE I 661 -18.31 4.14 11.00
N SER I 662 -19.41 3.45 11.25
CA SER I 662 -20.31 3.91 12.30
C SER I 662 -19.69 3.63 13.67
N TRP I 663 -20.25 4.26 14.70
CA TRP I 663 -19.63 4.25 16.01
C TRP I 663 -19.63 2.85 16.63
N ASP I 664 -20.75 2.14 16.51
CA ASP I 664 -20.80 0.77 17.02
C ASP I 664 -19.89 -0.15 16.23
N THR I 665 -19.83 0.06 14.90
CA THR I 665 -18.94 -0.71 14.04
C THR I 665 -17.49 -0.50 14.44
N LEU I 666 -17.12 0.77 14.68
CA LEU I 666 -15.79 1.13 15.17
C LEU I 666 -15.48 0.41 16.47
N GLU I 667 -16.26 0.72 17.52
CA GLU I 667 -16.07 0.23 18.89
C GLU I 667 -16.03 -1.29 18.91
N ASN I 668 -17.17 -1.91 18.62
CA ASN I 668 -17.32 -3.36 18.62
C ASN I 668 -16.35 -4.04 17.65
N ASP I 669 -16.54 -3.81 16.35
CA ASP I 669 -15.86 -4.61 15.32
C ASP I 669 -14.35 -4.39 15.35
N ILE I 670 -13.89 -3.14 15.23
CA ILE I 670 -12.46 -2.92 15.16
C ILE I 670 -11.81 -3.11 16.52
N PHE I 671 -12.39 -2.53 17.59
CA PHE I 671 -11.69 -2.63 18.85
C PHE I 671 -11.84 -3.99 19.52
N VAL I 672 -12.54 -4.97 18.92
CA VAL I 672 -12.24 -6.34 19.31
C VAL I 672 -11.37 -7.04 18.29
N LYS I 673 -11.39 -6.60 17.02
CA LYS I 673 -10.49 -7.17 16.04
C LYS I 673 -9.15 -6.46 16.00
N LEU I 674 -8.96 -5.46 16.86
CA LEU I 674 -7.64 -5.00 17.25
C LEU I 674 -7.20 -5.61 18.57
N ASP I 675 -8.15 -5.81 19.49
CA ASP I 675 -7.81 -6.44 20.76
C ASP I 675 -7.45 -7.90 20.59
N ALA I 676 -8.10 -8.60 19.66
CA ALA I 676 -7.74 -9.98 19.39
C ALA I 676 -6.35 -10.06 18.74
N ILE I 677 -6.07 -9.16 17.79
CA ILE I 677 -4.78 -9.15 17.12
C ILE I 677 -3.67 -8.81 18.11
N THR I 678 -3.92 -7.84 18.98
CA THR I 678 -2.91 -7.44 19.96
C THR I 678 -2.74 -8.53 21.01
N LYS I 679 -3.83 -9.20 21.37
CA LYS I 679 -3.77 -10.25 22.38
C LYS I 679 -3.01 -11.46 21.87
N ASN I 680 -3.20 -11.81 20.60
CA ASN I 680 -2.60 -13.01 20.06
C ASN I 680 -1.18 -12.80 19.57
N PHE I 681 -0.91 -11.71 18.85
CA PHE I 681 0.38 -11.58 18.19
C PHE I 681 1.48 -11.15 19.15
N GLU I 682 1.13 -10.69 20.34
CA GLU I 682 2.17 -10.40 21.31
C GLU I 682 2.55 -11.63 22.12
N LYS I 683 1.79 -12.72 21.97
CA LYS I 683 2.16 -14.00 22.56
C LYS I 683 3.20 -14.74 21.73
N LEU I 684 3.49 -14.27 20.52
CA LEU I 684 4.27 -15.01 19.56
C LEU I 684 5.55 -14.24 19.25
N ASP I 685 6.69 -14.92 19.35
CA ASP I 685 7.97 -14.27 19.14
C ASP I 685 8.47 -14.38 17.71
N GLU I 686 7.79 -15.13 16.84
CA GLU I 686 8.27 -15.30 15.48
C GLU I 686 7.18 -15.19 14.42
N THR I 687 6.11 -14.44 14.66
CA THR I 687 5.12 -14.13 13.64
C THR I 687 5.04 -12.64 13.36
N GLY I 688 5.02 -11.82 14.40
CA GLY I 688 4.99 -10.38 14.22
C GLY I 688 6.28 -9.85 13.66
N LYS I 689 6.26 -9.07 12.59
CA LYS I 689 5.02 -8.64 11.96
C LYS I 689 5.09 -8.72 10.44
N ALA I 690 6.03 -9.54 9.95
CA ALA I 690 6.11 -9.78 8.51
C ALA I 690 4.90 -10.56 8.03
N PHE I 691 4.39 -11.48 8.86
CA PHE I 691 3.14 -12.17 8.52
C PHE I 691 1.98 -11.21 8.48
N ILE I 692 1.93 -10.25 9.41
CA ILE I 692 0.86 -9.26 9.41
C ILE I 692 0.96 -8.36 8.18
N TYR I 693 2.18 -8.00 7.77
CA TYR I 693 2.32 -7.22 6.54
C TYR I 693 1.90 -7.99 5.30
N ARG I 694 2.25 -9.27 5.22
CA ARG I 694 1.83 -10.08 4.09
C ARG I 694 0.32 -10.29 4.09
N LEU I 695 -0.26 -10.48 5.27
CA LEU I 695 -1.70 -10.64 5.40
C LEU I 695 -2.43 -9.36 5.02
N ILE I 696 -1.86 -8.22 5.37
CA ILE I 696 -2.39 -6.92 4.96
C ILE I 696 -2.32 -6.77 3.45
N ASP I 697 -1.18 -7.16 2.86
CA ASP I 697 -0.98 -6.97 1.43
C ASP I 697 -1.91 -7.84 0.60
N LEU I 698 -2.16 -9.06 1.05
CA LEU I 698 -3.16 -9.85 0.36
C LEU I 698 -4.59 -9.44 0.69
N LEU I 699 -4.81 -8.77 1.82
CA LEU I 699 -6.17 -8.37 2.18
C LEU I 699 -6.60 -7.08 1.50
N ARG I 700 -5.68 -6.13 1.35
CA ARG I 700 -6.08 -4.88 0.74
C ARG I 700 -6.20 -4.99 -0.77
N GLY I 701 -5.69 -6.06 -1.37
CA GLY I 701 -5.78 -6.27 -2.79
C GLY I 701 -6.83 -7.25 -3.25
N VAL I 702 -7.81 -7.58 -2.40
CA VAL I 702 -8.82 -8.57 -2.76
C VAL I 702 -10.00 -7.79 -3.34
N ASN I 703 -9.93 -6.46 -3.24
CA ASN I 703 -11.02 -5.59 -3.67
C ASN I 703 -11.25 -5.64 -5.18
N GLU I 704 -10.18 -5.90 -5.94
CA GLU I 704 -10.27 -5.94 -7.39
C GLU I 704 -10.30 -7.36 -7.95
N ASN I 705 -9.53 -8.28 -7.37
CA ASN I 705 -9.57 -9.68 -7.73
C ASN I 705 -9.67 -10.53 -6.46
N GLN I 706 -10.64 -11.43 -6.45
CA GLN I 706 -11.25 -11.84 -5.18
C GLN I 706 -10.94 -13.27 -4.82
N GLN I 707 -11.17 -14.22 -5.72
CA GLN I 707 -10.99 -15.62 -5.37
C GLN I 707 -9.52 -16.00 -5.32
N ILE I 708 -8.69 -15.33 -6.13
CA ILE I 708 -7.23 -15.47 -6.04
C ILE I 708 -6.70 -15.12 -4.65
N ASN I 709 -7.11 -13.97 -4.12
CA ASN I 709 -6.54 -13.53 -2.86
C ASN I 709 -7.15 -14.29 -1.70
N ILE I 710 -8.43 -14.69 -1.84
CA ILE I 710 -9.03 -15.45 -0.75
C ILE I 710 -8.46 -16.87 -0.71
N ALA I 711 -8.05 -17.40 -1.87
CA ALA I 711 -7.46 -18.74 -1.89
C ALA I 711 -6.04 -18.73 -1.35
N ARG I 712 -5.25 -17.73 -1.75
CA ARG I 712 -3.91 -17.57 -1.20
C ARG I 712 -3.97 -17.27 0.29
N LEU I 713 -5.02 -16.56 0.71
CA LEU I 713 -5.25 -16.29 2.12
C LEU I 713 -5.56 -17.56 2.89
N ALA I 714 -6.40 -18.43 2.32
CA ALA I 714 -6.70 -19.70 2.97
C ALA I 714 -5.47 -20.58 3.09
N TYR I 715 -4.66 -20.62 2.03
CA TYR I 715 -3.43 -21.41 2.05
C TYR I 715 -2.44 -20.88 3.08
N THR I 716 -2.25 -19.56 3.11
CA THR I 716 -1.29 -19.03 4.06
C THR I 716 -1.82 -19.00 5.48
N LEU I 717 -3.13 -19.04 5.69
CA LEU I 717 -3.64 -19.20 7.04
C LEU I 717 -3.51 -20.65 7.48
N SER I 718 -3.59 -21.57 6.53
CA SER I 718 -3.31 -22.97 6.82
C SER I 718 -1.87 -23.17 7.23
N ARG I 719 -0.95 -22.51 6.54
CA ARG I 719 0.45 -22.81 6.79
C ARG I 719 0.98 -22.13 8.05
N MET I 720 0.32 -21.08 8.54
CA MET I 720 0.62 -20.55 9.88
C MET I 720 -0.25 -21.11 10.98
N GLU I 721 -1.09 -22.10 10.71
CA GLU I 721 -2.04 -22.55 11.72
C GLU I 721 -1.34 -23.29 12.86
N GLU I 722 -0.09 -23.72 12.67
CA GLU I 722 0.66 -24.29 13.76
C GLU I 722 1.40 -23.23 14.57
N LYS I 723 1.54 -22.02 14.06
CA LYS I 723 2.21 -20.95 14.79
C LYS I 723 1.26 -19.92 15.36
N ILE I 724 0.39 -19.34 14.52
CA ILE I 724 -0.55 -18.36 15.04
C ILE I 724 -1.67 -19.02 15.83
N GLY I 725 -1.90 -20.31 15.63
CA GLY I 725 -2.93 -20.98 16.40
C GLY I 725 -3.93 -21.76 15.57
N LYS I 726 -4.35 -22.92 16.08
CA LYS I 726 -5.35 -23.72 15.39
C LYS I 726 -6.72 -23.07 15.45
N THR I 727 -6.95 -22.22 16.45
CA THR I 727 -8.17 -21.44 16.47
C THR I 727 -8.04 -20.17 15.64
N PHE I 728 -6.93 -19.46 15.81
CA PHE I 728 -6.79 -18.07 15.36
C PHE I 728 -6.89 -17.93 13.85
N ALA I 729 -6.36 -18.91 13.11
CA ALA I 729 -6.46 -18.89 11.66
C ALA I 729 -7.91 -19.04 11.20
N GLN I 730 -8.73 -19.72 11.99
CA GLN I 730 -10.14 -19.84 11.62
C GLN I 730 -10.86 -18.50 11.76
N GLU I 731 -10.59 -17.75 12.85
CA GLU I 731 -11.18 -16.41 12.92
C GLU I 731 -10.62 -15.48 11.88
N LEU I 732 -9.35 -15.61 11.51
CA LEU I 732 -8.82 -14.78 10.44
C LEU I 732 -9.49 -15.09 9.11
N TYR I 733 -9.77 -16.37 8.85
CA TYR I 733 -10.42 -16.75 7.60
C TYR I 733 -11.86 -16.29 7.57
N ASN I 734 -12.62 -16.54 8.64
CA ASN I 734 -14.04 -16.18 8.60
C ASN I 734 -14.24 -14.68 8.73
N TRP I 735 -13.31 -13.98 9.40
CA TRP I 735 -13.38 -12.53 9.44
C TRP I 735 -13.03 -11.93 8.09
N ALA I 736 -12.07 -12.53 7.38
CA ALA I 736 -11.75 -12.04 6.05
C ALA I 736 -12.88 -12.32 5.07
N ASN I 737 -13.61 -13.40 5.26
CA ASN I 737 -14.77 -13.64 4.42
C ASN I 737 -15.91 -12.70 4.77
N ALA I 738 -16.16 -12.49 6.06
CA ALA I 738 -17.35 -11.78 6.52
C ALA I 738 -17.20 -10.27 6.53
N ASP I 739 -16.29 -9.76 7.34
CA ASP I 739 -16.11 -8.32 7.53
C ASP I 739 -14.63 -7.99 7.42
N ARG I 740 -14.14 -7.84 6.19
CA ARG I 740 -12.71 -7.66 5.99
C ARG I 740 -12.28 -6.22 5.88
N LYS I 741 -13.19 -5.29 5.61
CA LYS I 741 -12.82 -3.89 5.67
C LYS I 741 -12.59 -3.45 7.11
N THR I 742 -13.26 -4.09 8.06
CA THR I 742 -13.05 -3.79 9.47
C THR I 742 -11.93 -4.61 10.08
N LEU I 743 -11.26 -5.45 9.29
CA LEU I 743 -10.05 -6.09 9.76
C LEU I 743 -8.79 -5.50 9.13
N ILE I 744 -8.88 -5.01 7.89
CA ILE I 744 -7.72 -4.38 7.27
C ILE I 744 -7.38 -3.09 8.01
N MET I 745 -8.40 -2.36 8.47
CA MET I 745 -8.14 -1.20 9.31
C MET I 745 -7.66 -1.62 10.68
N ALA I 746 -8.11 -2.78 11.15
CA ALA I 746 -7.70 -3.26 12.48
C ALA I 746 -6.23 -3.65 12.49
N LEU I 747 -5.80 -4.40 11.47
CA LEU I 747 -4.38 -4.71 11.34
C LEU I 747 -3.55 -3.48 11.04
N GLU I 748 -4.14 -2.52 10.30
CA GLU I 748 -3.41 -1.28 10.01
C GLU I 748 -3.14 -0.49 11.28
N ILE I 749 -4.14 -0.33 12.13
CA ILE I 749 -3.89 0.46 13.34
C ILE I 749 -3.09 -0.35 14.35
N TYR I 750 -3.12 -1.69 14.27
CA TYR I 750 -2.19 -2.48 15.07
C TYR I 750 -0.75 -2.25 14.63
N ILE I 751 -0.52 -2.19 13.32
CA ILE I 751 0.81 -1.94 12.77
C ILE I 751 1.28 -0.54 13.19
N LEU I 752 0.38 0.43 13.10
CA LEU I 752 0.72 1.81 13.43
C LEU I 752 1.02 1.97 14.91
N LYS I 753 0.31 1.24 15.78
CA LYS I 753 0.62 1.37 17.20
C LYS I 753 1.67 0.37 17.67
N THR I 754 2.20 -0.46 16.79
CA THR I 754 3.32 -1.32 17.14
C THR I 754 4.61 -0.98 16.39
N ARG I 755 4.75 0.26 15.94
CA ARG I 755 5.89 0.71 15.18
C ARG I 755 7.11 0.84 16.11
N GLU I 756 8.29 0.95 15.51
CA GLU I 756 9.62 1.06 16.16
C GLU I 756 9.94 -0.19 16.94
N MET J 1 32.10 -38.94 16.31
CA MET J 1 33.19 -38.01 16.04
C MET J 1 33.75 -38.16 14.62
N LYS J 2 32.91 -38.71 13.73
CA LYS J 2 33.22 -38.87 12.29
C LYS J 2 34.48 -39.72 12.08
N LYS J 3 34.37 -40.99 12.46
CA LYS J 3 35.47 -41.93 12.28
C LYS J 3 35.47 -42.44 10.85
N THR J 4 36.59 -42.27 10.15
CA THR J 4 36.71 -42.57 8.73
C THR J 4 37.35 -43.94 8.52
N TYR J 5 36.87 -44.69 7.53
CA TYR J 5 37.30 -46.07 7.34
C TYR J 5 37.59 -46.38 5.88
N ARG J 6 38.72 -47.07 5.67
CA ARG J 6 39.16 -47.54 4.36
C ARG J 6 38.57 -48.91 4.05
N VAL J 7 37.25 -48.95 3.86
CA VAL J 7 36.58 -50.24 3.68
C VAL J 7 36.91 -50.82 2.32
N THR J 8 37.47 -52.02 2.33
CA THR J 8 37.90 -52.71 1.13
C THR J 8 37.06 -53.96 0.94
N LEU J 9 36.57 -54.17 -0.28
CA LEU J 9 35.77 -55.34 -0.61
C LEU J 9 36.63 -56.34 -1.35
N THR J 10 37.00 -57.43 -0.70
CA THR J 10 37.58 -58.55 -1.41
C THR J 10 36.47 -59.39 -2.03
N ALA J 11 36.57 -59.66 -3.32
CA ALA J 11 35.49 -60.27 -4.07
C ALA J 11 35.43 -61.76 -3.75
N LEU J 12 34.54 -62.14 -2.85
CA LEU J 12 34.37 -63.55 -2.53
C LEU J 12 33.28 -64.18 -3.38
N GLY J 13 33.51 -64.20 -4.69
CA GLY J 13 32.47 -64.53 -5.63
C GLY J 13 32.17 -63.33 -6.49
N PRO J 14 31.80 -63.55 -7.75
CA PRO J 14 31.67 -62.43 -8.70
C PRO J 14 30.55 -61.49 -8.33
N ILE J 15 30.74 -60.21 -8.68
CA ILE J 15 29.86 -59.14 -8.24
C ILE J 15 29.46 -58.25 -9.42
N PHE J 16 28.16 -58.04 -9.56
CA PHE J 16 27.56 -57.16 -10.55
C PHE J 16 26.94 -55.98 -9.84
N ILE J 17 27.05 -54.79 -10.42
CA ILE J 17 26.40 -53.62 -9.85
C ILE J 17 25.58 -52.96 -10.97
N GLY J 18 25.82 -53.35 -12.20
CA GLY J 18 24.82 -53.04 -13.21
C GLY J 18 25.00 -51.67 -13.82
N GLY J 19 23.97 -50.85 -13.77
CA GLY J 19 24.09 -49.52 -14.33
C GLY J 19 23.04 -49.23 -15.38
N GLY J 20 22.28 -50.24 -15.78
CA GLY J 20 21.16 -50.01 -16.66
C GLY J 20 21.50 -49.92 -18.13
N GLU J 21 22.33 -50.83 -18.62
CA GLU J 21 22.63 -50.95 -20.04
C GLU J 21 22.63 -52.42 -20.40
N LYS J 22 21.74 -52.84 -21.29
CA LYS J 22 21.64 -54.21 -21.72
C LYS J 22 22.14 -54.33 -23.14
N LEU J 23 22.76 -55.47 -23.46
CA LEU J 23 23.26 -55.71 -24.81
C LEU J 23 22.76 -57.07 -25.27
N LYS J 24 22.16 -57.11 -26.46
CA LYS J 24 21.73 -58.32 -27.14
C LYS J 24 22.86 -58.89 -27.99
N LYS J 25 22.49 -59.80 -28.92
CA LYS J 25 23.46 -60.58 -29.69
C LYS J 25 24.31 -59.70 -30.59
N TYR J 26 23.68 -58.92 -31.45
CA TYR J 26 24.34 -57.97 -32.32
C TYR J 26 24.93 -56.80 -31.56
N GLU J 27 24.47 -56.57 -30.34
CA GLU J 27 24.85 -55.39 -29.56
C GLU J 27 26.27 -55.57 -29.08
N TYR J 28 27.19 -55.11 -29.92
CA TYR J 28 28.54 -54.72 -29.56
C TYR J 28 29.47 -55.87 -29.21
N ILE J 29 28.97 -57.07 -29.04
CA ILE J 29 29.75 -58.10 -28.38
C ILE J 29 30.37 -59.00 -29.42
N PHE J 30 31.70 -59.10 -29.37
CA PHE J 30 32.46 -59.95 -30.27
C PHE J 30 32.83 -61.25 -29.59
N ASP J 31 31.83 -62.03 -29.22
CA ASP J 31 32.07 -63.24 -28.43
C ASP J 31 32.64 -64.32 -29.35
N LYS J 32 33.92 -64.17 -29.66
CA LYS J 32 34.64 -65.23 -30.32
C LYS J 32 34.78 -66.42 -29.39
N GLN J 33 34.74 -67.61 -29.98
CA GLN J 33 34.80 -68.84 -29.20
C GLN J 33 36.25 -69.23 -28.89
N LYS J 34 36.95 -68.26 -28.32
CA LYS J 34 38.26 -68.43 -27.71
C LYS J 34 38.17 -68.11 -26.23
N LYS J 35 36.95 -68.20 -25.68
CA LYS J 35 36.60 -67.83 -24.31
C LYS J 35 36.93 -66.37 -24.04
N VAL J 36 36.35 -65.49 -24.86
CA VAL J 36 36.64 -64.07 -24.81
C VAL J 36 35.40 -63.31 -25.28
N ALA J 37 35.21 -62.12 -24.73
CA ALA J 37 34.12 -61.23 -25.14
C ALA J 37 34.68 -59.83 -25.25
N HIS J 38 34.52 -59.22 -26.41
CA HIS J 38 34.98 -57.86 -26.66
C HIS J 38 33.76 -56.98 -26.83
N MET J 39 33.67 -55.90 -26.07
CA MET J 39 32.63 -54.91 -26.30
C MET J 39 33.23 -53.73 -27.04
N ILE J 40 32.46 -53.19 -27.98
CA ILE J 40 33.04 -52.24 -28.93
C ILE J 40 32.45 -50.86 -28.74
N ASP J 41 32.93 -49.91 -29.52
CA ASP J 41 32.45 -48.54 -29.46
C ASP J 41 31.03 -48.46 -30.00
N HIS J 42 30.36 -47.40 -29.59
CA HIS J 42 29.04 -47.04 -30.10
C HIS J 42 29.11 -46.08 -31.26
N THR J 43 29.95 -45.06 -31.17
CA THR J 43 30.07 -44.05 -32.18
C THR J 43 30.97 -44.46 -33.33
N LYS J 44 32.16 -45.00 -33.03
CA LYS J 44 33.10 -45.33 -34.09
C LYS J 44 32.60 -46.52 -34.91
N PHE J 45 31.93 -47.46 -34.25
CA PHE J 45 31.37 -48.61 -34.95
C PHE J 45 30.29 -48.18 -35.93
N THR J 46 29.36 -47.35 -35.47
CA THR J 46 28.27 -46.92 -36.33
C THR J 46 28.79 -45.98 -37.41
N LYS J 47 29.80 -45.16 -37.09
CA LYS J 47 30.41 -44.27 -38.06
C LYS J 47 31.09 -45.05 -39.17
N TYR J 48 31.82 -46.10 -38.81
CA TYR J 48 32.40 -46.98 -39.81
C TYR J 48 31.32 -47.71 -40.60
N LEU J 49 30.19 -47.99 -39.97
CA LEU J 49 29.11 -48.66 -40.67
C LEU J 49 28.48 -47.78 -41.73
N LEU J 50 28.11 -46.53 -41.40
CA LEU J 50 27.44 -45.78 -42.46
C LEU J 50 28.45 -45.17 -43.42
N GLU J 51 29.72 -45.07 -43.01
CA GLU J 51 30.73 -44.70 -43.98
C GLU J 51 30.99 -45.82 -44.97
N LYS J 52 30.65 -47.06 -44.62
CA LYS J 52 30.63 -48.17 -45.56
C LYS J 52 29.22 -48.70 -45.71
N ASN J 53 28.24 -47.77 -45.69
CA ASN J 53 26.84 -48.01 -46.04
C ASN J 53 26.17 -49.04 -45.11
N LEU J 54 25.86 -48.54 -43.90
CA LEU J 54 25.20 -49.29 -42.81
C LEU J 54 23.96 -50.09 -43.21
N LEU J 55 23.32 -49.76 -44.34
CA LEU J 55 22.14 -50.51 -44.79
C LEU J 55 22.43 -51.99 -45.03
N ASP J 56 23.70 -52.34 -45.32
CA ASP J 56 24.08 -53.74 -45.53
C ASP J 56 23.80 -54.60 -44.30
N ASP J 57 24.29 -54.18 -43.12
CA ASP J 57 24.03 -55.01 -41.94
C ASP J 57 22.79 -54.56 -41.19
N PHE J 58 22.26 -53.39 -41.53
CA PHE J 58 20.88 -53.07 -41.16
C PHE J 58 19.94 -54.14 -41.68
N THR J 59 20.11 -54.51 -42.96
CA THR J 59 19.26 -55.55 -43.52
C THR J 59 19.85 -56.95 -43.36
N SER J 60 21.14 -57.09 -43.04
CA SER J 60 21.65 -58.43 -42.83
C SER J 60 21.57 -58.83 -41.37
N ARG J 61 21.24 -57.90 -40.48
CA ARG J 61 20.61 -58.35 -39.24
C ARG J 61 19.26 -58.97 -39.53
N VAL J 62 18.50 -58.40 -40.48
CA VAL J 62 17.22 -58.98 -40.86
C VAL J 62 17.43 -60.34 -41.52
N ASN J 63 18.52 -60.51 -42.27
CA ASN J 63 18.82 -61.82 -42.84
C ASN J 63 19.32 -62.81 -41.79
N SER J 64 20.02 -62.34 -40.75
CA SER J 64 20.74 -63.27 -39.89
C SER J 64 20.32 -63.24 -38.42
N HIS J 65 19.20 -62.61 -38.07
CA HIS J 65 18.66 -62.84 -36.74
C HIS J 65 18.10 -64.25 -36.69
N PHE J 66 18.51 -65.03 -35.69
CA PHE J 66 19.17 -64.59 -34.48
C PHE J 66 20.70 -64.56 -34.45
N ASP J 67 21.34 -65.54 -35.07
CA ASP J 67 22.78 -65.76 -34.85
C ASP J 67 23.61 -65.00 -35.88
N LEU J 68 24.28 -63.92 -35.45
CA LEU J 68 25.09 -63.15 -36.39
C LEU J 68 26.36 -62.54 -35.82
N TYR J 69 26.92 -63.10 -34.75
CA TYR J 69 27.74 -62.34 -33.79
C TYR J 69 29.00 -61.72 -34.41
N ASP J 70 29.81 -62.54 -35.08
CA ASP J 70 31.01 -62.09 -35.74
C ASP J 70 31.05 -62.59 -37.16
N TYR J 71 30.14 -63.50 -37.53
CA TYR J 71 30.02 -64.08 -38.85
C TYR J 71 29.64 -62.99 -39.84
N LEU J 72 28.91 -61.98 -39.38
CA LEU J 72 28.73 -60.78 -40.17
C LEU J 72 30.07 -60.08 -40.36
N VAL J 73 30.78 -59.84 -39.25
CA VAL J 73 32.00 -59.06 -39.30
C VAL J 73 33.12 -59.83 -39.99
N ASN J 74 33.26 -61.11 -39.67
CA ASN J 74 34.41 -61.84 -40.19
C ASN J 74 34.20 -62.33 -41.61
N LYS J 75 32.98 -62.30 -42.13
CA LYS J 75 32.72 -62.68 -43.51
C LYS J 75 32.16 -61.54 -44.35
N LYS J 76 32.08 -60.33 -43.81
CA LYS J 76 31.85 -59.17 -44.66
C LYS J 76 33.14 -58.58 -45.19
N GLY J 77 34.27 -59.24 -44.92
CA GLY J 77 35.54 -58.85 -45.47
C GLY J 77 36.29 -57.83 -44.65
N ILE J 78 35.68 -57.25 -43.62
CA ILE J 78 36.36 -56.32 -42.74
C ILE J 78 36.32 -56.98 -41.36
N VAL J 79 37.42 -57.61 -41.00
CA VAL J 79 37.55 -58.30 -39.72
C VAL J 79 38.12 -57.39 -38.65
N PHE J 80 38.12 -56.08 -38.89
CA PHE J 80 38.95 -55.15 -38.15
C PHE J 80 38.44 -54.96 -36.73
N MET J 81 39.35 -55.00 -35.78
CA MET J 81 38.99 -54.79 -34.38
C MET J 81 39.94 -53.84 -33.64
N PRO J 82 39.97 -52.54 -33.99
CA PRO J 82 40.31 -51.54 -32.98
C PRO J 82 39.07 -50.96 -32.33
N LEU J 83 37.89 -51.41 -32.78
CA LEU J 83 36.63 -50.84 -32.34
C LEU J 83 36.33 -51.22 -30.91
N VAL J 84 36.96 -52.30 -30.43
CA VAL J 84 36.84 -52.72 -29.03
C VAL J 84 37.33 -51.62 -28.11
N LYS J 85 36.58 -51.41 -27.04
CA LYS J 85 37.10 -50.62 -25.95
C LYS J 85 38.01 -51.45 -25.07
N TYR J 86 37.53 -52.62 -24.64
CA TYR J 86 38.32 -53.53 -23.82
C TYR J 86 37.69 -54.91 -23.92
N SER J 87 38.47 -55.94 -23.59
CA SER J 87 38.03 -57.32 -23.73
C SER J 87 37.93 -58.00 -22.38
N VAL J 88 36.97 -58.90 -22.26
CA VAL J 88 36.80 -59.73 -21.06
C VAL J 88 36.65 -61.19 -21.47
N PRO J 89 37.05 -62.10 -20.59
CA PRO J 89 36.75 -63.51 -20.83
C PRO J 89 35.37 -63.88 -20.28
N VAL J 90 34.90 -65.05 -20.70
CA VAL J 90 33.51 -65.44 -20.54
C VAL J 90 33.45 -66.79 -19.82
N ALA J 91 32.36 -67.01 -19.08
CA ALA J 91 32.11 -68.29 -18.42
C ALA J 91 30.74 -68.81 -18.83
N GLN J 92 30.71 -69.89 -19.61
CA GLN J 92 29.49 -70.47 -20.11
C GLN J 92 29.04 -71.60 -19.17
N PHE J 93 28.02 -72.33 -19.60
CA PHE J 93 27.51 -73.57 -18.97
C PHE J 93 27.14 -73.45 -17.49
N MET J 110 25.55 -67.38 -24.70
CA MET J 110 26.27 -66.77 -25.81
C MET J 110 25.88 -65.30 -25.95
N ASN J 111 24.90 -64.85 -25.19
CA ASN J 111 24.19 -63.63 -25.55
C ASN J 111 23.51 -63.01 -24.35
N ASP J 112 22.86 -61.86 -24.60
CA ASP J 112 22.09 -61.09 -23.62
C ASP J 112 22.96 -60.67 -22.42
N LEU J 113 23.90 -59.79 -22.73
CA LEU J 113 24.81 -59.25 -21.73
C LEU J 113 24.32 -57.91 -21.23
N ASN J 114 24.43 -57.67 -19.93
CA ASN J 114 24.35 -56.31 -19.41
C ASN J 114 25.64 -55.98 -18.68
N THR J 115 26.13 -54.77 -18.89
CA THR J 115 27.49 -54.40 -18.54
C THR J 115 27.58 -53.83 -17.13
N PHE J 116 28.81 -53.57 -16.70
CA PHE J 116 29.04 -53.01 -15.39
C PHE J 116 28.92 -51.49 -15.43
N VAL J 117 28.77 -50.90 -14.24
CA VAL J 117 28.69 -49.46 -14.11
C VAL J 117 30.10 -48.89 -14.28
N LYS J 118 30.22 -47.86 -15.12
CA LYS J 118 31.50 -47.27 -15.41
C LYS J 118 31.51 -45.82 -14.98
N ASP J 119 32.67 -45.19 -15.08
CA ASP J 119 32.72 -43.74 -15.00
C ASP J 119 32.54 -43.18 -16.40
N ALA J 120 32.83 -41.89 -16.56
CA ALA J 120 32.81 -41.33 -17.90
C ALA J 120 33.97 -41.82 -18.74
N PHE J 121 35.08 -42.17 -18.11
CA PHE J 121 36.24 -42.67 -18.82
C PHE J 121 36.16 -44.16 -19.11
N GLY J 122 35.03 -44.79 -18.82
CA GLY J 122 34.83 -46.20 -19.09
C GLY J 122 35.68 -47.09 -18.23
N ARG J 123 35.87 -46.71 -16.97
CA ARG J 123 36.68 -47.50 -16.09
C ARG J 123 35.79 -47.78 -14.88
N PRO J 124 35.53 -49.04 -14.56
CA PRO J 124 34.45 -49.36 -13.64
C PRO J 124 34.79 -49.01 -12.21
N TYR J 125 33.75 -48.92 -11.41
CA TYR J 125 33.87 -48.57 -10.00
C TYR J 125 32.58 -49.00 -9.31
N ILE J 126 32.68 -49.22 -8.01
CA ILE J 126 31.51 -49.55 -7.19
C ILE J 126 30.96 -48.24 -6.64
N PRO J 127 29.76 -47.83 -7.02
CA PRO J 127 29.19 -46.59 -6.49
C PRO J 127 28.89 -46.70 -5.01
N GLY J 128 28.93 -45.55 -4.33
CA GLY J 128 28.81 -45.56 -2.89
C GLY J 128 27.42 -45.91 -2.42
N SER J 129 26.41 -45.59 -3.23
CA SER J 129 25.03 -45.91 -2.86
C SER J 129 24.78 -47.41 -2.85
N SER J 130 25.52 -48.17 -3.65
CA SER J 130 25.37 -49.62 -3.67
C SER J 130 25.83 -50.23 -2.36
N LEU J 131 27.01 -49.82 -1.89
CA LEU J 131 27.49 -50.30 -0.60
C LEU J 131 26.63 -49.78 0.53
N LYS J 132 26.13 -48.55 0.43
CA LYS J 132 25.27 -48.01 1.49
C LYS J 132 23.96 -48.77 1.58
N GLY J 133 23.36 -49.11 0.44
CA GLY J 133 22.15 -49.89 0.47
C GLY J 133 22.39 -51.31 0.95
N ALA J 134 23.56 -51.86 0.62
CA ALA J 134 23.93 -53.18 1.13
C ALA J 134 24.10 -53.17 2.64
N LEU J 135 24.74 -52.12 3.15
CA LEU J 135 24.89 -51.98 4.59
C LEU J 135 23.55 -51.73 5.25
N ARG J 136 22.68 -50.96 4.60
CA ARG J 136 21.35 -50.70 5.14
C ARG J 136 20.53 -51.98 5.19
N THR J 137 20.72 -52.85 4.22
CA THR J 137 20.19 -54.20 4.32
C THR J 137 20.78 -54.92 5.51
N ALA J 138 22.08 -54.79 5.72
CA ALA J 138 22.74 -55.55 6.76
C ALA J 138 22.83 -54.83 8.10
N ILE J 139 22.03 -53.79 8.34
CA ILE J 139 22.05 -53.11 9.63
C ILE J 139 20.66 -53.16 10.27
N LEU J 140 19.65 -52.64 9.57
CA LEU J 140 18.31 -52.52 10.14
C LEU J 140 17.53 -53.83 10.08
N ASN J 141 18.15 -54.89 10.51
CA ASN J 141 17.74 -56.26 10.25
C ASN J 141 16.67 -56.71 11.08
N ASP J 142 16.33 -55.84 12.02
CA ASP J 142 15.19 -56.06 12.88
C ASP J 142 13.90 -55.83 12.10
N LEU J 143 12.77 -55.89 12.81
CA LEU J 143 11.45 -55.85 12.20
C LEU J 143 11.26 -54.54 11.44
N LYS J 144 10.72 -54.66 10.23
CA LYS J 144 10.80 -53.61 9.21
C LYS J 144 9.87 -52.46 9.58
N GLU J 145 10.28 -51.70 10.60
CA GLU J 145 9.81 -50.35 10.82
C GLU J 145 10.92 -49.35 10.70
N ASP J 146 12.15 -49.80 10.48
CA ASP J 146 13.26 -48.92 10.20
C ASP J 146 13.25 -48.59 8.72
N THR J 147 13.14 -47.29 8.42
CA THR J 147 12.51 -46.83 7.19
C THR J 147 13.24 -45.60 6.68
N LYS J 148 12.56 -44.87 5.79
CA LYS J 148 13.01 -43.62 5.18
C LYS J 148 13.37 -42.54 6.21
N GLU J 149 12.67 -42.54 7.34
CA GLU J 149 12.93 -41.58 8.41
C GLU J 149 13.84 -42.15 9.50
N ASN J 150 14.69 -43.12 9.16
CA ASN J 150 15.67 -43.64 10.10
C ASN J 150 16.83 -42.66 10.22
N GLU J 151 17.09 -42.24 11.44
CA GLU J 151 18.11 -41.24 11.71
C GLU J 151 19.52 -41.83 11.80
N VAL J 152 19.66 -43.16 11.81
CA VAL J 152 20.99 -43.76 11.87
C VAL J 152 21.73 -43.53 10.58
N PHE J 153 21.07 -43.75 9.45
CA PHE J 153 21.70 -43.68 8.16
C PHE J 153 21.81 -42.28 7.60
N ALA J 154 21.56 -41.25 8.41
CA ALA J 154 21.95 -39.92 7.98
C ALA J 154 23.42 -39.65 8.27
N HIS J 155 24.10 -40.57 8.92
CA HIS J 155 25.48 -40.35 9.34
C HIS J 155 26.48 -41.22 8.62
N LEU J 156 26.05 -42.27 7.94
CA LEU J 156 26.98 -43.09 7.18
C LEU J 156 27.41 -42.32 5.93
N GLN J 157 28.62 -41.77 5.97
CA GLN J 157 29.14 -40.92 4.92
C GLN J 157 30.01 -41.73 3.97
N VAL J 158 29.38 -42.69 3.31
CA VAL J 158 30.13 -43.61 2.46
C VAL J 158 30.48 -42.90 1.15
N SER J 159 31.54 -43.36 0.49
CA SER J 159 32.04 -42.72 -0.71
C SER J 159 32.02 -43.68 -1.87
N ASP J 160 32.17 -43.13 -3.08
CA ASP J 160 32.37 -43.96 -4.24
C ASP J 160 33.75 -44.61 -4.19
N SER J 161 33.95 -45.62 -5.00
CA SER J 161 35.12 -46.45 -4.84
C SER J 161 36.34 -45.84 -5.51
N GLU J 162 37.49 -46.41 -5.18
CA GLU J 162 38.64 -46.30 -6.05
C GLU J 162 38.28 -46.90 -7.40
N THR J 163 38.70 -46.24 -8.46
CA THR J 163 38.25 -46.66 -9.77
C THR J 163 39.07 -47.85 -10.22
N ILE J 164 38.47 -49.05 -10.14
CA ILE J 164 39.19 -50.29 -10.37
C ILE J 164 39.48 -50.46 -11.87
N ASP J 165 40.56 -51.17 -12.17
CA ASP J 165 40.99 -51.38 -13.55
C ASP J 165 40.02 -52.31 -14.27
N LEU J 166 40.10 -52.28 -15.61
CA LEU J 166 39.30 -53.12 -16.48
C LEU J 166 39.69 -54.58 -16.44
N GLU J 167 40.88 -54.89 -15.95
CA GLU J 167 41.41 -56.25 -15.96
C GLU J 167 40.64 -57.21 -15.06
N ASN J 168 39.95 -56.71 -14.04
CA ASN J 168 39.22 -57.57 -13.12
C ASN J 168 37.82 -57.90 -13.62
N LEU J 169 37.44 -57.38 -14.78
CA LEU J 169 36.14 -57.68 -15.35
C LEU J 169 36.24 -58.96 -16.14
N LYS J 170 35.31 -59.88 -15.89
CA LYS J 170 35.07 -60.97 -16.81
C LYS J 170 33.60 -61.34 -16.72
N VAL J 171 33.04 -61.67 -17.83
CA VAL J 171 31.61 -61.87 -17.92
C VAL J 171 31.22 -63.29 -17.51
N TYR J 172 30.28 -63.33 -16.59
CA TYR J 172 29.72 -64.56 -16.09
C TYR J 172 28.25 -64.63 -16.51
N GLN J 173 27.77 -65.83 -16.76
CA GLN J 173 26.40 -66.00 -17.16
C GLN J 173 25.56 -66.36 -15.95
N LYS J 174 24.27 -66.09 -16.04
CA LYS J 174 23.36 -66.43 -14.97
C LYS J 174 23.05 -67.91 -15.01
N VAL J 175 23.19 -68.58 -13.86
CA VAL J 175 22.84 -70.00 -13.73
C VAL J 175 22.17 -70.17 -12.37
N ASP J 176 21.13 -70.98 -12.31
CA ASP J 176 20.44 -71.22 -11.06
C ASP J 176 20.48 -72.70 -10.69
N TYR J 177 20.70 -72.97 -9.42
CA TYR J 177 20.72 -74.32 -8.89
C TYR J 177 19.55 -74.45 -7.95
N SER J 178 18.40 -74.83 -8.49
CA SER J 178 17.23 -75.16 -7.67
C SER J 178 17.19 -76.64 -7.34
N LYS J 179 17.24 -77.48 -8.35
CA LYS J 179 17.51 -78.91 -8.20
C LYS J 179 18.75 -79.32 -8.98
N THR J 180 18.96 -78.71 -10.13
CA THR J 180 20.19 -78.84 -10.90
C THR J 180 20.63 -77.44 -11.31
N ALA J 181 21.88 -77.31 -11.70
CA ALA J 181 22.41 -76.03 -12.13
C ALA J 181 21.89 -75.70 -13.52
N LYS J 182 20.84 -74.91 -13.58
CA LYS J 182 20.24 -74.68 -14.88
C LYS J 182 20.72 -73.38 -15.49
N PRO J 183 21.29 -73.41 -16.69
CA PRO J 183 21.89 -72.20 -17.27
C PRO J 183 20.85 -71.27 -17.87
N LEU J 184 20.69 -70.13 -17.24
CA LEU J 184 19.84 -69.06 -17.77
C LEU J 184 20.58 -68.31 -18.86
N PRO J 185 19.88 -67.71 -19.81
CA PRO J 185 20.57 -67.02 -20.91
C PRO J 185 21.06 -65.62 -20.62
N LEU J 186 20.97 -65.16 -19.38
CA LEU J 186 21.47 -63.84 -19.02
C LEU J 186 22.96 -63.93 -18.74
N TYR J 187 23.71 -62.97 -19.25
CA TYR J 187 25.13 -62.82 -18.97
C TYR J 187 25.34 -61.45 -18.35
N ARG J 188 26.33 -61.34 -17.49
CA ARG J 188 26.65 -60.03 -16.90
C ARG J 188 28.14 -59.97 -16.61
N GLU J 189 28.76 -58.83 -16.89
CA GLU J 189 30.19 -58.73 -16.63
C GLU J 189 30.42 -58.35 -15.18
N CYS J 190 31.28 -59.09 -14.51
CA CYS J 190 31.43 -58.96 -13.07
C CYS J 190 32.90 -58.86 -12.72
N LEU J 191 33.15 -58.38 -11.52
CA LEU J 191 34.47 -58.39 -10.94
C LEU J 191 34.87 -59.84 -10.69
N LYS J 192 36.05 -60.23 -11.18
CA LYS J 192 36.55 -61.56 -10.92
C LYS J 192 36.82 -61.71 -9.43
N PRO J 193 36.69 -62.92 -8.88
CA PRO J 193 36.80 -63.08 -7.43
C PRO J 193 38.20 -62.78 -6.90
N ASN J 194 38.24 -62.44 -5.61
CA ASN J 194 39.43 -61.94 -4.91
C ASN J 194 40.02 -60.71 -5.59
N THR J 195 39.14 -59.80 -5.99
CA THR J 195 39.54 -58.45 -6.38
C THR J 195 39.19 -57.56 -5.21
N GLU J 196 40.14 -56.72 -4.79
CA GLU J 196 39.95 -55.84 -3.65
C GLU J 196 39.74 -54.42 -4.12
N ILE J 197 38.64 -53.81 -3.68
CA ILE J 197 38.29 -52.44 -4.03
C ILE J 197 37.98 -51.67 -2.77
N THR J 198 38.67 -50.55 -2.56
CA THR J 198 38.52 -49.80 -1.33
C THR J 198 37.43 -48.75 -1.45
N PHE J 199 37.01 -48.26 -0.30
CA PHE J 199 36.00 -47.22 -0.18
C PHE J 199 36.51 -46.16 0.78
N THR J 200 35.59 -45.28 1.18
CA THR J 200 35.84 -44.38 2.29
C THR J 200 34.49 -44.13 2.96
N VAL J 201 34.26 -44.75 4.11
CA VAL J 201 33.01 -44.54 4.82
C VAL J 201 33.36 -43.77 6.09
N SER J 202 32.41 -42.96 6.55
CA SER J 202 32.55 -42.27 7.83
C SER J 202 31.20 -42.26 8.50
N PHE J 203 31.19 -42.34 9.83
CA PHE J 203 29.96 -42.30 10.58
C PHE J 203 30.21 -41.75 11.97
N ASP J 204 29.16 -41.23 12.57
CA ASP J 204 29.23 -40.76 13.94
C ASP J 204 29.10 -41.93 14.89
N ASP J 205 30.02 -42.02 15.84
CA ASP J 205 30.02 -43.08 16.83
C ASP J 205 28.85 -42.97 17.80
N GLU J 206 28.14 -41.84 17.82
CA GLU J 206 26.96 -41.66 18.65
C GLU J 206 25.76 -42.45 18.14
N TYR J 207 25.85 -43.03 16.96
CA TYR J 207 24.73 -43.73 16.34
C TYR J 207 25.09 -45.15 15.93
N LEU J 208 26.33 -45.40 15.55
CA LEU J 208 26.79 -46.70 15.10
C LEU J 208 28.30 -46.76 15.22
N THR J 209 28.82 -47.96 15.45
CA THR J 209 30.26 -48.15 15.70
C THR J 209 30.87 -49.10 14.68
N LEU J 210 32.13 -49.49 14.90
CA LEU J 210 32.66 -50.66 14.19
C LEU J 210 31.98 -51.93 14.66
N LYS J 211 31.69 -52.00 15.96
CA LYS J 211 31.16 -53.22 16.55
C LYS J 211 29.75 -53.48 16.07
N LYS J 212 28.95 -52.43 15.89
CA LYS J 212 27.58 -52.60 15.45
C LYS J 212 27.51 -53.12 14.03
N ILE J 213 28.27 -52.50 13.11
CA ILE J 213 28.27 -52.95 11.72
C ILE J 213 28.93 -54.31 11.60
N GLN J 214 29.95 -54.57 12.44
CA GLN J 214 30.65 -55.85 12.44
C GLN J 214 29.72 -56.99 12.84
N ASN J 215 29.04 -56.85 13.98
CA ASN J 215 28.16 -57.91 14.46
C ASN J 215 26.91 -58.03 13.59
N ALA J 216 26.44 -56.92 13.03
CA ALA J 216 25.24 -56.98 12.20
C ALA J 216 25.53 -57.68 10.88
N LEU J 217 26.70 -57.42 10.29
CA LEU J 217 27.12 -58.17 9.10
C LEU J 217 27.28 -59.64 9.41
N HIS J 218 27.85 -59.95 10.58
CA HIS J 218 28.06 -61.34 10.98
C HIS J 218 26.74 -62.08 11.14
N LYS J 219 25.74 -61.45 11.75
CA LYS J 219 24.52 -62.22 11.97
C LYS J 219 23.55 -62.15 10.80
N THR J 220 23.72 -61.19 9.87
CA THR J 220 23.01 -61.32 8.59
C THR J 220 23.54 -62.50 7.80
N TYR J 221 24.87 -62.66 7.76
CA TYR J 221 25.41 -63.82 7.06
C TYR J 221 25.05 -65.11 7.78
N GLN J 222 24.96 -65.05 9.12
CA GLN J 222 24.52 -66.20 9.91
C GLN J 222 23.10 -66.61 9.57
N HIS J 223 22.20 -65.63 9.44
CA HIS J 223 20.81 -65.96 9.10
C HIS J 223 20.70 -66.43 7.66
N TYR J 224 21.38 -65.75 6.73
CA TYR J 224 21.38 -66.15 5.32
C TYR J 224 21.94 -67.54 5.12
N TYR J 225 22.87 -67.95 5.97
CA TYR J 225 23.37 -69.31 5.89
C TYR J 225 22.36 -70.28 6.50
N ILE J 226 22.06 -70.09 7.79
CA ILE J 226 21.40 -71.08 8.61
C ILE J 226 19.91 -71.22 8.28
N LYS J 227 19.35 -70.29 7.50
CA LYS J 227 17.96 -70.41 7.13
C LYS J 227 17.72 -70.52 5.64
N TRP J 228 18.69 -70.28 4.81
CA TRP J 228 18.44 -70.55 3.41
C TRP J 228 19.49 -71.44 2.76
N LEU J 229 20.76 -71.27 3.12
CA LEU J 229 21.79 -72.11 2.52
C LEU J 229 21.95 -73.41 3.28
N LYS J 230 21.66 -73.41 4.58
CA LYS J 230 21.61 -74.67 5.32
C LYS J 230 20.43 -75.50 4.89
N GLY J 231 19.26 -74.87 4.76
CA GLY J 231 18.08 -75.59 4.28
C GLY J 231 18.14 -75.90 2.80
N GLY J 232 18.87 -75.08 2.03
CA GLY J 232 19.11 -75.37 0.63
C GLY J 232 20.20 -76.38 0.40
N LYS J 233 20.95 -76.75 1.43
CA LYS J 233 21.93 -77.82 1.32
C LYS J 233 21.44 -79.13 1.91
N VAL J 234 20.45 -79.09 2.81
CA VAL J 234 19.91 -80.33 3.36
C VAL J 234 18.77 -80.76 2.47
N GLY J 235 18.41 -79.92 1.51
CA GLY J 235 17.51 -80.31 0.46
C GLY J 235 18.31 -80.69 -0.79
N GLU J 236 18.25 -81.99 -1.13
CA GLU J 236 18.70 -82.66 -2.36
C GLU J 236 20.10 -82.30 -2.86
N THR J 237 20.96 -81.76 -2.00
CA THR J 237 22.13 -81.06 -2.48
C THR J 237 23.39 -81.89 -2.29
N LEU J 238 24.22 -81.92 -3.32
CA LEU J 238 25.46 -82.69 -3.36
C LEU J 238 26.64 -81.77 -3.09
N ILE J 239 27.85 -82.26 -3.35
CA ILE J 239 29.06 -81.44 -3.40
C ILE J 239 29.43 -81.48 -4.88
N LYS J 240 28.39 -81.49 -5.72
CA LYS J 240 28.49 -81.86 -7.13
C LYS J 240 29.36 -80.92 -7.95
N GLY J 241 29.52 -79.67 -7.54
CA GLY J 241 30.22 -78.69 -8.35
C GLY J 241 31.71 -78.71 -8.18
N VAL J 242 32.30 -79.89 -8.27
CA VAL J 242 33.74 -80.04 -8.09
C VAL J 242 34.39 -80.48 -9.39
N THR J 254 32.26 -77.33 -5.38
CA THR J 254 33.29 -76.48 -4.80
C THR J 254 32.53 -75.32 -4.17
N PHE J 255 31.21 -75.36 -4.34
CA PHE J 255 30.30 -74.36 -3.76
C PHE J 255 30.25 -74.46 -2.23
N ALA J 256 31.33 -74.03 -1.58
CA ALA J 256 31.56 -74.29 -0.17
C ALA J 256 30.54 -73.57 0.72
N LEU J 257 30.26 -74.20 1.86
CA LEU J 257 29.35 -73.61 2.83
C LEU J 257 30.00 -72.45 3.56
N ASP J 258 31.28 -72.60 3.93
CA ASP J 258 32.24 -71.61 4.41
C ASP J 258 31.76 -70.52 5.36
N GLN J 259 30.82 -70.81 6.26
CA GLN J 259 30.76 -69.84 7.33
C GLN J 259 31.82 -70.06 8.42
N PRO J 260 31.99 -71.24 9.07
CA PRO J 260 32.52 -71.25 10.46
C PRO J 260 33.94 -70.74 10.62
N SER J 261 34.73 -70.72 9.55
CA SER J 261 36.02 -70.05 9.57
C SER J 261 35.90 -68.54 9.45
N GLN J 262 34.89 -68.03 8.74
CA GLN J 262 34.72 -66.59 8.60
C GLN J 262 33.29 -66.19 8.95
N ASN J 263 32.63 -66.98 9.80
CA ASN J 263 31.30 -66.61 10.27
C ASN J 263 31.36 -65.34 11.10
N GLN J 264 32.41 -65.18 11.89
CA GLN J 264 32.71 -63.90 12.51
C GLN J 264 33.40 -62.95 11.56
N GLY J 265 33.90 -63.47 10.44
CA GLY J 265 34.57 -62.71 9.41
C GLY J 265 33.65 -61.85 8.58
N GLU J 266 32.34 -61.88 8.86
CA GLU J 266 31.29 -60.95 8.43
C GLU J 266 31.31 -60.67 6.92
N ILE J 267 30.92 -61.70 6.18
CA ILE J 267 30.78 -61.67 4.73
C ILE J 267 29.57 -60.80 4.38
N ILE J 268 29.63 -60.12 3.23
CA ILE J 268 28.52 -59.28 2.78
C ILE J 268 28.07 -59.77 1.41
N TYR J 269 26.80 -59.51 1.10
CA TYR J 269 26.24 -59.73 -0.23
C TYR J 269 25.84 -58.39 -0.82
N ILE J 270 26.52 -57.96 -1.87
CA ILE J 270 26.07 -56.74 -2.53
C ILE J 270 25.47 -57.12 -3.87
N GLY J 271 24.75 -56.19 -4.50
CA GLY J 271 23.66 -56.53 -5.38
C GLY J 271 23.95 -57.00 -6.80
N GLY J 272 24.38 -58.24 -6.97
CA GLY J 272 24.62 -58.76 -8.29
C GLY J 272 23.75 -59.92 -8.72
N GLY J 273 22.46 -59.88 -8.42
CA GLY J 273 21.70 -61.08 -8.57
C GLY J 273 21.98 -62.04 -7.45
N ALA J 274 22.23 -61.51 -6.25
CA ALA J 274 22.61 -62.35 -5.13
C ALA J 274 21.42 -63.08 -4.55
N GLY J 275 20.21 -62.66 -4.90
CA GLY J 275 19.03 -63.38 -4.48
C GLY J 275 17.99 -62.44 -3.89
N PHE J 276 16.79 -62.99 -3.73
CA PHE J 276 15.74 -62.26 -3.02
C PHE J 276 16.10 -62.04 -1.56
N VAL J 277 16.67 -63.05 -0.91
CA VAL J 277 16.94 -62.99 0.52
C VAL J 277 18.03 -62.00 0.84
N SER J 278 18.99 -61.79 -0.06
CA SER J 278 20.07 -60.84 0.20
C SER J 278 19.60 -59.39 0.16
N LYS J 279 18.36 -59.15 -0.26
CA LYS J 279 17.83 -57.80 -0.31
C LYS J 279 16.79 -57.56 0.76
N THR J 280 15.75 -58.37 0.80
CA THR J 280 14.74 -58.22 1.83
C THR J 280 15.28 -58.73 3.15
N LEU J 281 14.73 -58.21 4.25
CA LEU J 281 15.30 -58.47 5.55
C LEU J 281 14.60 -59.62 6.26
N HIS J 282 13.40 -59.99 5.84
CA HIS J 282 12.57 -60.88 6.64
C HIS J 282 12.97 -62.35 6.55
N TYR J 283 14.22 -62.65 6.93
CA TYR J 283 14.50 -63.87 7.69
C TYR J 283 14.74 -63.55 9.15
N LYS J 284 13.98 -62.61 9.71
CA LYS J 284 13.96 -62.31 11.13
C LYS J 284 12.50 -62.09 11.51
N SER J 285 11.94 -62.94 12.37
CA SER J 285 12.67 -63.87 13.22
C SER J 285 12.88 -65.29 12.71
N LYS J 286 11.80 -66.05 12.47
CA LYS J 286 11.97 -67.49 12.30
C LYS J 286 11.87 -67.90 10.84
N ASN J 287 11.99 -69.20 10.57
CA ASN J 287 12.19 -69.71 9.22
C ASN J 287 10.88 -70.04 8.54
N ARG J 288 10.15 -71.05 9.01
CA ARG J 288 9.07 -71.61 8.23
C ARG J 288 7.76 -70.83 8.35
N ASP J 289 7.81 -69.59 8.81
CA ASP J 289 6.77 -68.60 8.60
C ASP J 289 7.16 -67.59 7.52
N GLN J 290 8.34 -67.03 7.66
CA GLN J 290 8.77 -65.98 6.74
C GLN J 290 9.20 -66.57 5.40
N ALA J 291 9.91 -67.70 5.42
CA ALA J 291 10.24 -68.38 4.18
C ALA J 291 8.98 -68.88 3.49
N ARG J 292 7.97 -69.27 4.28
CA ARG J 292 6.68 -69.64 3.74
C ARG J 292 6.02 -68.48 3.03
N ASN J 293 5.92 -67.33 3.71
CA ASN J 293 5.13 -66.23 3.15
C ASN J 293 5.81 -65.60 1.94
N ASP J 294 7.14 -65.42 1.98
CA ASP J 294 7.76 -64.82 0.81
C ASP J 294 7.89 -65.83 -0.33
N SER J 295 8.42 -67.03 -0.04
CA SER J 295 8.73 -68.01 -1.07
C SER J 295 7.47 -68.60 -1.68
N PHE J 296 6.32 -68.44 -1.04
CA PHE J 296 5.13 -68.59 -1.83
C PHE J 296 4.61 -67.26 -2.36
N ASP J 297 4.15 -66.39 -1.44
CA ASP J 297 3.24 -65.31 -1.80
C ASP J 297 3.91 -64.24 -2.63
N ILE J 298 5.13 -63.85 -2.26
CA ILE J 298 5.79 -62.78 -3.00
C ILE J 298 6.21 -63.29 -4.37
N LEU J 299 6.54 -64.58 -4.47
CA LEU J 299 6.60 -65.21 -5.77
C LEU J 299 5.22 -65.36 -6.40
N LYS J 300 4.18 -65.57 -5.58
CA LYS J 300 2.86 -65.83 -6.14
C LYS J 300 2.26 -64.60 -6.81
N GLN J 301 2.58 -63.38 -6.35
CA GLN J 301 2.17 -62.23 -7.15
C GLN J 301 2.98 -62.11 -8.42
N LEU J 302 4.10 -62.82 -8.54
CA LEU J 302 4.74 -62.76 -9.84
C LEU J 302 4.09 -63.77 -10.78
N PHE J 303 4.41 -65.07 -10.66
CA PHE J 303 3.72 -66.08 -11.47
C PHE J 303 3.56 -67.46 -10.84
N ARG J 304 4.38 -67.82 -9.86
CA ARG J 304 4.76 -69.22 -9.69
C ARG J 304 4.21 -69.83 -8.41
N THR J 305 4.35 -71.15 -8.34
CA THR J 305 3.81 -72.00 -7.29
C THR J 305 4.84 -73.06 -6.91
N THR J 306 5.58 -72.84 -5.83
CA THR J 306 6.55 -73.83 -5.37
C THR J 306 6.73 -73.71 -3.85
N TYR J 307 7.18 -74.81 -3.25
CA TYR J 307 7.25 -75.04 -1.81
C TYR J 307 8.59 -74.59 -1.22
N SER J 308 8.79 -74.97 0.04
CA SER J 308 10.08 -75.00 0.72
C SER J 308 11.15 -75.71 -0.11
N LYS J 309 12.22 -74.99 -0.49
CA LYS J 309 12.56 -73.64 -0.04
C LYS J 309 12.59 -72.66 -1.20
N MET J 310 12.99 -71.43 -0.90
CA MET J 310 13.38 -70.46 -1.92
C MET J 310 14.63 -70.98 -2.64
N ARG J 311 14.76 -70.72 -3.94
CA ARG J 311 15.75 -71.45 -4.75
C ARG J 311 16.86 -70.57 -5.30
N SER J 312 18.08 -71.13 -5.33
CA SER J 312 19.34 -70.38 -5.23
C SER J 312 19.81 -69.83 -6.57
N VAL J 313 20.88 -69.02 -6.49
CA VAL J 313 21.52 -68.29 -7.59
C VAL J 313 23.06 -68.37 -7.57
N PRO J 314 23.66 -69.49 -8.02
CA PRO J 314 25.13 -69.54 -8.08
C PRO J 314 25.70 -69.03 -9.40
N ASP J 315 27.03 -69.13 -9.56
CA ASP J 315 27.69 -68.83 -10.82
C ASP J 315 29.04 -69.55 -10.90
N ASN J 316 29.22 -70.34 -11.94
CA ASN J 316 30.35 -71.26 -12.01
C ASN J 316 31.40 -70.80 -12.99
N VAL J 317 32.54 -71.49 -12.96
CA VAL J 317 33.73 -71.14 -13.74
C VAL J 317 34.57 -72.40 -13.89
N PRO J 318 35.18 -72.64 -15.06
CA PRO J 318 36.08 -73.80 -15.21
C PRO J 318 37.37 -73.70 -14.40
N THR J 335 39.42 -80.45 -14.98
CA THR J 335 38.82 -79.23 -15.50
C THR J 335 37.34 -79.16 -15.14
N GLY J 336 37.05 -79.31 -13.85
CA GLY J 336 35.67 -79.22 -13.39
C GLY J 336 35.27 -77.79 -13.08
N LYS J 337 34.03 -77.63 -12.63
CA LYS J 337 33.50 -76.31 -12.34
C LYS J 337 33.70 -75.96 -10.86
N HIS J 338 33.30 -74.74 -10.49
CA HIS J 338 33.65 -74.22 -9.17
C HIS J 338 32.48 -73.62 -8.41
N TYR J 339 31.46 -73.11 -9.12
CA TYR J 339 30.13 -72.82 -8.57
C TYR J 339 30.18 -71.74 -7.48
N LEU J 340 30.69 -70.57 -7.85
CA LEU J 340 30.78 -69.51 -6.86
C LEU J 340 29.44 -68.83 -6.67
N GLU J 341 29.10 -68.62 -5.40
CA GLU J 341 27.87 -67.90 -5.09
C GLU J 341 28.00 -66.43 -5.45
N MET J 342 26.92 -65.87 -5.97
CA MET J 342 26.99 -64.66 -6.75
C MET J 342 26.72 -63.43 -5.92
N GLY J 343 27.51 -62.38 -6.14
CA GLY J 343 27.33 -61.12 -5.45
C GLY J 343 27.69 -61.23 -3.99
N LYS J 344 28.96 -61.54 -3.69
CA LYS J 344 29.37 -61.79 -2.33
C LYS J 344 30.78 -61.23 -2.13
N ALA J 345 30.98 -60.58 -0.99
CA ALA J 345 32.28 -60.01 -0.68
C ALA J 345 32.49 -60.01 0.82
N ARG J 346 33.72 -59.74 1.24
CA ARG J 346 34.08 -59.66 2.65
C ARG J 346 34.61 -58.27 2.97
N ILE J 347 34.16 -57.72 4.09
CA ILE J 347 34.46 -56.36 4.49
C ILE J 347 35.87 -56.30 5.11
N LYS J 348 36.59 -55.22 4.80
CA LYS J 348 37.84 -54.89 5.49
C LYS J 348 37.66 -53.54 6.16
N LEU J 349 37.14 -53.52 7.39
CA LEU J 349 36.99 -52.28 8.17
C LEU J 349 38.34 -51.92 8.78
N GLU J 350 39.03 -50.96 8.18
CA GLU J 350 40.28 -50.47 8.75
C GLU J 350 40.19 -48.96 8.89
N GLU J 351 40.80 -48.43 9.94
CA GLU J 351 40.53 -47.06 10.34
C GLU J 351 41.47 -46.10 9.61
N LEU J 352 41.00 -44.86 9.44
CA LEU J 352 41.63 -43.75 8.70
C LEU J 352 41.84 -44.07 7.23
#